data_2AF6
#
_entry.id   2AF6
#
_cell.length_a   81.090
_cell.length_b   78.300
_cell.length_c   168.720
_cell.angle_alpha   90.00
_cell.angle_beta   96.80
_cell.angle_gamma   90.00
#
_symmetry.space_group_name_H-M   'P 1 21 1'
#
loop_
_entity.id
_entity.type
_entity.pdbx_description
1 polymer 'Thymidylate synthase thyX'
2 non-polymer 'IODIDE ION'
3 non-polymer 'FLAVIN-ADENINE DINUCLEOTIDE'
4 non-polymer "5-BROMO-2'-DEOXYURIDINE-5'-MONOPHOSPHATE"
5 non-polymer GLYCEROL
6 water water
#
_entity_poly.entity_id   1
_entity_poly.type   'polypeptide(L)'
_entity_poly.pdbx_seq_one_letter_code
;(MSE)AETAPLRVQLIAKTDFLAPPDVPWTTDADGGPALVEFAGRACYQSWSKPNPKTATNAGYLRHI(MSE)DVGHFSV
LEHASVSFYITGISRSCTHELIRHRHFSYSQLSQRYVPEKDSRVVVPPG(MSE)EDDADLRHILTEAADAARATYSELLA
KLEAKFADQPNAILRRKQARQAARAV(MSE)PNATETRIVVTGNYRAWRHFIA(MSE)RASEHADVEIRRLAIECLRQLA
AVAPAVFADFEVTTLADGTEVATSPLATEALEHHHHHH
;
_entity_poly.pdbx_strand_id   A,B,C,D,E,F,G,H
#
# COMPACT_ATOMS: atom_id res chain seq x y z
N GLU A 3 -49.44 12.78 -29.25
CA GLU A 3 -50.24 12.83 -27.98
C GLU A 3 -49.30 12.80 -26.76
N THR A 4 -49.36 13.87 -25.97
CA THR A 4 -48.45 13.99 -24.83
C THR A 4 -49.12 13.63 -23.51
N ALA A 5 -48.33 13.11 -22.58
CA ALA A 5 -48.84 12.63 -21.30
C ALA A 5 -48.24 13.44 -20.15
N PRO A 6 -49.10 14.02 -19.29
CA PRO A 6 -48.57 14.76 -18.15
C PRO A 6 -48.28 13.84 -16.95
N LEU A 7 -47.30 14.21 -16.12
CA LEU A 7 -46.99 13.46 -14.92
C LEU A 7 -48.19 13.42 -13.98
N ARG A 8 -48.57 12.22 -13.58
CA ARG A 8 -49.58 12.07 -12.52
C ARG A 8 -49.08 11.07 -11.49
N VAL A 9 -49.15 11.47 -10.23
CA VAL A 9 -48.77 10.60 -9.12
C VAL A 9 -49.98 10.41 -8.23
N GLN A 10 -50.42 9.18 -8.11
CA GLN A 10 -51.61 8.88 -7.32
C GLN A 10 -51.18 7.96 -6.18
N LEU A 11 -51.49 8.37 -4.95
CA LEU A 11 -51.23 7.53 -3.78
C LEU A 11 -52.31 6.47 -3.68
N ILE A 12 -51.88 5.21 -3.69
CA ILE A 12 -52.84 4.11 -3.75
C ILE A 12 -52.82 3.19 -2.53
N ALA A 13 -51.77 3.28 -1.72
CA ALA A 13 -51.69 2.44 -0.51
C ALA A 13 -50.86 3.08 0.57
N LYS A 14 -51.28 2.85 1.81
CA LYS A 14 -50.51 3.24 2.98
C LYS A 14 -50.68 2.19 4.10
N THR A 15 -50.11 2.45 5.26
CA THR A 15 -50.13 1.51 6.38
C THR A 15 -51.35 1.74 7.27
N ASP A 16 -52.04 0.67 7.63
CA ASP A 16 -53.10 0.70 8.64
C ASP A 16 -52.50 0.12 9.93
N PHE A 17 -52.62 0.85 11.04
CA PHE A 17 -51.99 0.46 12.30
C PHE A 17 -53.04 0.12 13.35
N LEU A 18 -52.81 -0.96 14.07
CA LEU A 18 -53.61 -1.28 15.25
C LEU A 18 -52.70 -1.62 16.44
N ALA A 19 -52.61 -0.70 17.39
CA ALA A 19 -51.84 -0.89 18.62
C ALA A 19 -52.18 -2.21 19.33
N PRO A 20 -51.17 -2.91 19.88
CA PRO A 20 -51.53 -4.08 20.70
C PRO A 20 -52.23 -3.63 21.98
N PRO A 21 -53.40 -4.21 22.28
CA PRO A 21 -54.26 -3.75 23.39
C PRO A 21 -53.59 -3.77 24.77
N ASP A 22 -52.70 -4.75 24.99
CA ASP A 22 -52.01 -4.91 26.29
C ASP A 22 -50.81 -3.98 26.56
N VAL A 23 -50.33 -3.28 25.55
CA VAL A 23 -49.20 -2.37 25.74
C VAL A 23 -49.71 -1.04 26.32
N PRO A 24 -49.13 -0.58 27.45
CA PRO A 24 -49.66 0.62 28.11
C PRO A 24 -49.11 1.90 27.46
N TRP A 25 -49.57 2.16 26.25
CA TRP A 25 -49.06 3.28 25.46
C TRP A 25 -50.16 3.70 24.50
N THR A 26 -50.31 5.00 24.32
CA THR A 26 -51.17 5.52 23.27
C THR A 26 -50.42 6.62 22.58
N THR A 27 -50.89 7.00 21.40
CA THR A 27 -50.32 8.16 20.75
C THR A 27 -51.26 9.01 19.95
N ASP A 28 -50.75 10.22 19.77
CA ASP A 28 -51.24 11.32 18.98
C ASP A 28 -51.53 11.04 17.48
N ALA A 29 -51.34 9.81 17.01
CA ALA A 29 -51.38 9.58 15.57
C ALA A 29 -51.93 8.24 15.16
N ASP A 30 -52.07 8.11 13.85
CA ASP A 30 -52.67 6.98 13.17
C ASP A 30 -51.65 6.35 12.23
N GLY A 31 -51.94 5.13 11.75
CA GLY A 31 -51.24 4.52 10.63
C GLY A 31 -49.74 4.44 10.75
N GLY A 32 -49.05 4.65 9.61
CA GLY A 32 -47.59 4.63 9.54
C GLY A 32 -46.83 5.33 10.65
N PRO A 33 -47.07 6.64 10.84
CA PRO A 33 -46.32 7.36 11.87
C PRO A 33 -46.48 6.81 13.30
N ALA A 34 -47.65 6.28 13.64
CA ALA A 34 -47.86 5.63 14.95
C ALA A 34 -47.09 4.31 15.03
N LEU A 35 -47.11 3.54 13.94
CA LEU A 35 -46.36 2.30 13.84
C LEU A 35 -44.87 2.53 14.09
N VAL A 36 -44.32 3.57 13.48
CA VAL A 36 -42.90 3.89 13.65
C VAL A 36 -42.56 4.20 15.13
N GLU A 37 -43.41 5.02 15.78
CA GLU A 37 -43.23 5.30 17.20
C GLU A 37 -43.31 4.01 18.00
N PHE A 38 -44.34 3.21 17.76
CA PHE A 38 -44.47 1.95 18.47
C PHE A 38 -43.20 1.11 18.35
N ALA A 39 -42.68 0.97 17.12
CA ALA A 39 -41.48 0.19 16.87
C ALA A 39 -40.24 0.74 17.59
N GLY A 40 -40.08 2.06 17.58
CA GLY A 40 -38.97 2.70 18.30
C GLY A 40 -39.02 2.44 19.81
N ARG A 41 -40.21 2.57 20.37
CA ARG A 41 -40.43 2.37 21.81
C ARG A 41 -40.25 0.90 22.24
N ALA A 42 -40.61 -0.02 21.35
CA ALA A 42 -40.39 -1.48 21.55
C ALA A 42 -38.94 -1.86 21.79
N CYS A 43 -38.00 -1.11 21.20
CA CYS A 43 -36.57 -1.34 21.40
C CYS A 43 -36.17 -1.02 22.85
N TYR A 44 -36.84 -0.05 23.43
CA TYR A 44 -36.53 0.41 24.80
C TYR A 44 -37.53 -0.08 25.84
N GLN A 45 -38.63 -0.65 25.37
CA GLN A 45 -39.81 -0.93 26.20
C GLN A 45 -40.15 0.30 27.04
N SER A 46 -40.05 1.49 26.43
CA SER A 46 -40.31 2.74 27.12
C SER A 46 -41.63 3.33 26.64
N TRP A 47 -42.71 2.92 27.29
CA TRP A 47 -44.04 3.31 26.88
C TRP A 47 -44.56 4.60 27.53
N SER A 48 -43.99 4.98 28.68
CA SER A 48 -44.36 6.22 29.38
C SER A 48 -43.81 7.45 28.64
N LYS A 49 -44.22 8.66 29.06
CA LYS A 49 -43.84 9.87 28.31
C LYS A 49 -43.34 11.00 29.20
N PRO A 50 -42.07 10.92 29.64
CA PRO A 50 -41.59 11.86 30.65
C PRO A 50 -41.34 13.23 30.05
N ASN A 51 -40.74 13.23 28.86
CA ASN A 51 -40.28 14.42 28.15
C ASN A 51 -41.35 15.03 27.22
N PRO A 52 -41.90 16.21 27.60
CA PRO A 52 -42.97 16.89 26.85
C PRO A 52 -42.68 17.08 25.35
N LYS A 53 -41.41 17.21 24.99
CA LYS A 53 -41.01 17.37 23.59
C LYS A 53 -41.28 16.11 22.77
N THR A 54 -40.91 14.94 23.31
CA THR A 54 -41.13 13.65 22.65
C THR A 54 -42.41 12.97 23.13
N ALA A 55 -43.31 13.75 23.73
CA ALA A 55 -44.59 13.27 24.23
C ALA A 55 -45.72 13.29 23.17
N THR A 56 -45.48 13.93 22.03
CA THR A 56 -46.34 13.78 20.85
C THR A 56 -45.67 12.87 19.81
N ASN A 57 -46.46 12.28 18.92
CA ASN A 57 -45.92 11.46 17.85
C ASN A 57 -44.88 12.20 17.01
N ALA A 58 -45.22 13.42 16.57
CA ALA A 58 -44.30 14.23 15.77
C ALA A 58 -43.00 14.53 16.52
N GLY A 59 -43.12 14.75 17.83
CA GLY A 59 -41.97 15.02 18.67
C GLY A 59 -41.06 13.82 18.78
N TYR A 60 -41.69 12.65 18.97
CA TYR A 60 -40.95 11.39 19.05
C TYR A 60 -40.19 11.09 17.77
N LEU A 61 -40.86 11.27 16.63
CA LEU A 61 -40.29 10.94 15.32
C LEU A 61 -39.14 11.86 14.94
N ARG A 62 -39.30 13.16 15.20
CA ARG A 62 -38.25 14.14 15.00
C ARG A 62 -37.00 13.76 15.78
N HIS A 63 -37.20 13.27 17.00
CA HIS A 63 -36.08 12.83 17.83
C HIS A 63 -35.40 11.57 17.30
N ILE A 64 -36.20 10.56 16.96
CA ILE A 64 -35.73 9.32 16.31
C ILE A 64 -34.83 9.64 15.13
N ASP A 66 -33.30 12.65 14.45
CA ASP A 66 -32.11 13.38 14.95
C ASP A 66 -30.99 12.49 15.48
N VAL A 67 -31.35 11.40 16.15
CA VAL A 67 -30.36 10.49 16.72
C VAL A 67 -29.98 9.36 15.74
N GLY A 68 -30.58 9.39 14.55
CA GLY A 68 -30.18 8.49 13.47
C GLY A 68 -30.69 7.06 13.54
N HIS A 69 -31.80 6.84 14.21
CA HIS A 69 -32.41 5.50 14.29
C HIS A 69 -33.30 5.22 13.08
N PHE A 70 -32.71 5.27 11.88
CA PHE A 70 -33.50 5.29 10.64
C PHE A 70 -34.18 3.96 10.27
N SER A 71 -33.66 2.85 10.80
CA SER A 71 -34.22 1.54 10.46
C SER A 71 -35.65 1.35 10.95
N VAL A 72 -36.03 2.07 12.00
CA VAL A 72 -37.42 2.04 12.50
C VAL A 72 -38.43 2.54 11.46
N LEU A 73 -37.98 3.42 10.57
CA LEU A 73 -38.84 3.96 9.51
C LEU A 73 -39.25 2.94 8.45
N GLU A 74 -38.56 1.80 8.43
CA GLU A 74 -38.81 0.77 7.42
C GLU A 74 -40.15 0.05 7.60
N HIS A 75 -40.75 0.19 8.77
CA HIS A 75 -41.97 -0.58 9.07
C HIS A 75 -43.23 -0.11 8.32
N ALA A 76 -43.25 1.17 7.95
CA ALA A 76 -44.39 1.74 7.24
C ALA A 76 -44.07 1.91 5.77
N SER A 77 -45.05 1.62 4.92
CA SER A 77 -44.86 1.71 3.47
C SER A 77 -45.96 2.50 2.76
N VAL A 78 -45.62 3.02 1.59
CA VAL A 78 -46.55 3.80 0.75
C VAL A 78 -46.35 3.36 -0.71
N SER A 79 -47.46 3.25 -1.44
CA SER A 79 -47.48 2.88 -2.84
C SER A 79 -48.11 4.00 -3.66
N PHE A 80 -47.49 4.27 -4.82
CA PHE A 80 -48.01 5.22 -5.79
C PHE A 80 -48.27 4.52 -7.10
N TYR A 81 -49.28 5.02 -7.83
CA TYR A 81 -49.44 4.66 -9.23
C TYR A 81 -48.99 5.90 -9.99
N ILE A 82 -47.97 5.72 -10.82
CA ILE A 82 -47.40 6.82 -11.57
C ILE A 82 -47.59 6.69 -13.09
N THR A 83 -48.12 7.73 -13.71
CA THR A 83 -48.31 7.78 -15.16
C THR A 83 -47.66 9.04 -15.68
N GLY A 84 -47.49 9.14 -17.00
CA GLY A 84 -46.88 10.34 -17.58
C GLY A 84 -45.41 10.43 -17.21
N ILE A 85 -44.79 9.26 -17.17
CA ILE A 85 -43.36 9.11 -16.89
C ILE A 85 -42.75 8.42 -18.10
N SER A 86 -41.58 8.90 -18.56
CA SER A 86 -40.92 8.31 -19.72
C SER A 86 -40.16 7.03 -19.39
N ARG A 87 -39.84 6.28 -20.45
CA ARG A 87 -39.03 5.08 -20.32
C ARG A 87 -37.61 5.36 -19.82
N SER A 88 -37.04 6.48 -20.22
CA SER A 88 -35.71 6.87 -19.72
C SER A 88 -35.78 7.19 -18.22
N CYS A 89 -36.89 7.78 -17.78
CA CYS A 89 -37.12 8.05 -16.36
C CYS A 89 -37.24 6.79 -15.53
N THR A 90 -38.07 5.83 -15.99
CA THR A 90 -38.18 4.54 -15.28
C THR A 90 -36.87 3.77 -15.27
N HIS A 91 -36.07 3.91 -16.34
CA HIS A 91 -34.77 3.22 -16.38
C HIS A 91 -33.85 3.71 -15.23
N GLU A 92 -33.96 4.98 -14.88
CA GLU A 92 -33.24 5.55 -13.74
C GLU A 92 -33.92 5.19 -12.41
N LEU A 93 -35.24 5.29 -12.36
CA LEU A 93 -35.99 5.01 -11.12
C LEU A 93 -35.69 3.61 -10.58
N ILE A 94 -35.75 2.60 -11.47
CA ILE A 94 -35.65 1.20 -11.04
C ILE A 94 -34.25 0.79 -10.60
N ARG A 95 -33.27 1.68 -10.75
CA ARG A 95 -31.96 1.50 -10.15
C ARG A 95 -32.02 1.51 -8.62
N HIS A 96 -33.13 2.01 -8.07
CA HIS A 96 -33.35 2.00 -6.63
C HIS A 96 -33.87 0.65 -6.20
N ARG A 97 -33.04 -0.09 -5.50
CA ARG A 97 -33.28 -1.51 -5.31
C ARG A 97 -34.11 -1.81 -4.06
N HIS A 98 -34.33 -0.83 -3.18
CA HIS A 98 -35.19 -1.09 -2.02
C HIS A 98 -36.65 -0.65 -2.22
N PHE A 99 -37.08 -0.72 -3.47
CA PHE A 99 -38.48 -0.53 -3.85
C PHE A 99 -38.99 -1.80 -4.55
N SER A 100 -40.32 -1.92 -4.63
CA SER A 100 -40.95 -2.95 -5.44
C SER A 100 -41.73 -2.24 -6.55
N TYR A 101 -41.70 -2.82 -7.74
CA TYR A 101 -42.28 -2.21 -8.92
C TYR A 101 -43.22 -3.17 -9.63
N SER A 102 -44.26 -2.62 -10.25
CA SER A 102 -44.99 -3.33 -11.31
C SER A 102 -45.23 -2.32 -12.41
N GLN A 103 -44.73 -2.62 -13.61
CA GLN A 103 -44.64 -1.64 -14.67
C GLN A 103 -45.26 -2.16 -15.98
N LEU A 104 -45.90 -1.24 -16.70
CA LEU A 104 -46.46 -1.50 -18.03
C LEU A 104 -45.44 -2.21 -18.91
N SER A 105 -45.87 -3.35 -19.45
CA SER A 105 -45.00 -4.18 -20.28
C SER A 105 -45.15 -3.90 -21.77
N GLN A 106 -44.06 -3.47 -22.42
CA GLN A 106 -44.05 -3.28 -23.87
C GLN A 106 -44.00 -4.60 -24.63
N ARG A 107 -43.65 -5.70 -23.96
CA ARG A 107 -43.69 -7.03 -24.57
C ARG A 107 -45.13 -7.48 -24.82
N TYR A 108 -46.08 -6.83 -24.14
CA TYR A 108 -47.46 -7.27 -24.15
C TYR A 108 -48.44 -6.21 -24.65
N VAL A 109 -48.24 -4.98 -24.21
CA VAL A 109 -49.21 -3.91 -24.44
C VAL A 109 -49.10 -3.34 -25.86
N PRO A 110 -50.26 -3.04 -26.49
CA PRO A 110 -50.30 -2.31 -27.77
C PRO A 110 -49.63 -0.96 -27.72
N GLU A 111 -48.85 -0.63 -28.74
CA GLU A 111 -48.20 0.68 -28.82
C GLU A 111 -48.90 1.64 -29.78
N LYS A 112 -50.01 1.19 -30.37
CA LYS A 112 -50.73 1.96 -31.40
C LYS A 112 -51.25 3.31 -30.94
N ASP A 113 -51.69 3.37 -29.68
CA ASP A 113 -52.24 4.61 -29.12
C ASP A 113 -51.29 5.28 -28.10
N SER A 114 -50.04 4.79 -28.01
CA SER A 114 -49.07 5.24 -27.01
C SER A 114 -48.74 6.75 -27.01
N ARG A 115 -48.67 7.31 -25.81
CA ARG A 115 -48.37 8.73 -25.63
C ARG A 115 -46.86 8.94 -25.42
N VAL A 116 -46.41 10.19 -25.55
CA VAL A 116 -45.03 10.53 -25.21
C VAL A 116 -44.95 11.54 -24.07
N VAL A 117 -43.82 11.54 -23.41
CA VAL A 117 -43.58 12.46 -22.31
C VAL A 117 -42.55 13.48 -22.79
N VAL A 118 -42.94 14.75 -22.73
CA VAL A 118 -42.05 15.83 -23.08
C VAL A 118 -41.05 16.11 -21.97
N PRO A 119 -39.74 16.08 -22.29
CA PRO A 119 -38.72 16.45 -21.30
C PRO A 119 -38.99 17.86 -20.77
N PRO A 120 -38.93 18.06 -19.44
CA PRO A 120 -39.20 19.36 -18.85
C PRO A 120 -38.40 20.53 -19.43
N GLY A 121 -37.19 20.28 -19.90
CA GLY A 121 -36.37 21.33 -20.54
C GLY A 121 -36.86 21.80 -21.91
N GLU A 123 -40.48 21.69 -22.49
CA GLU A 123 -41.91 21.89 -22.30
C GLU A 123 -42.49 23.19 -22.84
N ASP A 124 -41.76 24.30 -22.68
CA ASP A 124 -42.26 25.64 -23.03
C ASP A 124 -41.99 26.04 -24.48
N ASP A 125 -41.38 25.13 -25.24
CA ASP A 125 -40.92 25.40 -26.60
C ASP A 125 -41.67 24.54 -27.60
N ALA A 126 -42.68 25.12 -28.25
CA ALA A 126 -43.52 24.40 -29.20
C ALA A 126 -42.78 23.80 -30.39
N ASP A 127 -41.70 24.44 -30.83
CA ASP A 127 -40.91 23.91 -31.94
C ASP A 127 -40.24 22.58 -31.57
N LEU A 128 -39.65 22.56 -30.38
CA LEU A 128 -38.97 21.36 -29.87
C LEU A 128 -39.96 20.27 -29.61
N ARG A 129 -41.09 20.60 -28.98
CA ARG A 129 -42.16 19.64 -28.74
C ARG A 129 -42.64 19.05 -30.05
N HIS A 130 -42.70 19.89 -31.09
CA HIS A 130 -43.15 19.44 -32.41
C HIS A 130 -42.19 18.44 -33.05
N ILE A 131 -40.89 18.75 -33.01
CA ILE A 131 -39.84 17.87 -33.50
C ILE A 131 -39.91 16.51 -32.76
N LEU A 132 -40.26 16.55 -31.47
CA LEU A 132 -40.38 15.34 -30.67
C LEU A 132 -41.59 14.48 -31.06
N THR A 133 -42.78 15.07 -31.08
CA THR A 133 -44.01 14.34 -31.38
C THR A 133 -44.04 13.80 -32.81
N GLU A 134 -43.44 14.54 -33.75
CA GLU A 134 -43.32 14.08 -35.13
C GLU A 134 -42.46 12.83 -35.21
N ALA A 135 -41.30 12.89 -34.54
CA ALA A 135 -40.37 11.76 -34.46
C ALA A 135 -41.06 10.55 -33.81
N ALA A 136 -41.90 10.83 -32.82
CA ALA A 136 -42.67 9.79 -32.16
C ALA A 136 -43.75 9.19 -33.07
N ASP A 137 -44.41 10.03 -33.88
CA ASP A 137 -45.35 9.55 -34.90
C ASP A 137 -44.62 8.65 -35.91
N ALA A 138 -43.42 9.05 -36.31
CA ALA A 138 -42.63 8.27 -37.27
C ALA A 138 -42.29 6.90 -36.69
N ALA A 139 -41.82 6.89 -35.45
CA ALA A 139 -41.51 5.65 -34.73
C ALA A 139 -42.73 4.73 -34.61
N ARG A 140 -43.89 5.29 -34.25
CA ARG A 140 -45.11 4.48 -34.13
C ARG A 140 -45.53 3.83 -35.45
N ALA A 141 -45.39 4.55 -36.56
CA ALA A 141 -45.70 3.99 -37.89
C ALA A 141 -44.78 2.82 -38.17
N THR A 142 -43.48 3.02 -37.92
CA THR A 142 -42.48 1.96 -38.03
C THR A 142 -42.82 0.72 -37.20
N TYR A 143 -43.18 0.93 -35.94
CA TYR A 143 -43.62 -0.16 -35.06
C TYR A 143 -44.74 -0.99 -35.68
N SER A 144 -45.75 -0.31 -36.23
CA SER A 144 -46.91 -1.01 -36.80
C SER A 144 -46.53 -1.78 -38.04
N GLU A 145 -45.60 -1.19 -38.81
CA GLU A 145 -44.99 -1.82 -39.97
C GLU A 145 -44.32 -3.13 -39.57
N LEU A 146 -43.38 -3.07 -38.62
CA LEU A 146 -42.65 -4.25 -38.13
C LEU A 146 -43.58 -5.30 -37.55
N LEU A 147 -44.52 -4.85 -36.71
CA LEU A 147 -45.45 -5.75 -36.01
C LEU A 147 -46.27 -6.60 -36.98
N ALA A 148 -46.85 -5.96 -38.00
CA ALA A 148 -47.62 -6.65 -39.03
C ALA A 148 -46.82 -7.80 -39.62
N LYS A 149 -45.60 -7.49 -40.09
CA LYS A 149 -44.71 -8.49 -40.65
C LYS A 149 -44.29 -9.57 -39.63
N LEU A 150 -43.97 -9.16 -38.41
CA LEU A 150 -43.54 -10.09 -37.37
C LEU A 150 -44.65 -11.04 -36.94
N GLU A 151 -45.87 -10.54 -36.85
CA GLU A 151 -47.05 -11.38 -36.57
C GLU A 151 -47.15 -12.56 -37.55
N ALA A 152 -47.00 -12.27 -38.84
CA ALA A 152 -47.00 -13.30 -39.87
C ALA A 152 -45.81 -14.26 -39.74
N LYS A 153 -44.67 -13.74 -39.26
CA LYS A 153 -43.47 -14.57 -39.10
C LYS A 153 -43.61 -15.58 -37.96
N PHE A 154 -44.31 -15.18 -36.90
CA PHE A 154 -44.48 -16.02 -35.70
C PHE A 154 -45.88 -16.65 -35.61
N ALA A 155 -46.53 -16.81 -36.76
CA ALA A 155 -47.81 -17.49 -36.83
C ALA A 155 -47.67 -19.01 -36.55
N ASP A 156 -46.50 -19.56 -36.89
CA ASP A 156 -46.16 -20.97 -36.62
C ASP A 156 -46.51 -21.43 -35.20
N GLN A 157 -46.61 -20.48 -34.27
CA GLN A 157 -46.64 -20.79 -32.84
C GLN A 157 -48.04 -20.77 -32.21
N PRO A 158 -48.43 -21.90 -31.60
CA PRO A 158 -49.82 -22.18 -31.19
C PRO A 158 -50.31 -21.29 -30.07
N ASN A 159 -49.41 -20.97 -29.14
CA ASN A 159 -49.75 -20.15 -27.98
C ASN A 159 -49.97 -18.70 -28.39
N ALA A 160 -51.16 -18.19 -28.06
CA ALA A 160 -51.57 -16.84 -28.46
C ALA A 160 -50.74 -15.80 -27.74
N ILE A 161 -50.47 -16.07 -26.47
CA ILE A 161 -49.76 -15.16 -25.59
C ILE A 161 -48.27 -15.12 -25.92
N LEU A 162 -47.71 -16.27 -26.32
CA LEU A 162 -46.32 -16.33 -26.75
C LEU A 162 -46.09 -15.63 -28.09
N ARG A 163 -46.89 -15.99 -29.09
CA ARG A 163 -46.69 -15.42 -30.42
C ARG A 163 -47.03 -13.93 -30.48
N ARG A 164 -47.83 -13.43 -29.53
CA ARG A 164 -48.03 -11.98 -29.46
C ARG A 164 -46.84 -11.28 -28.79
N LYS A 165 -46.24 -11.92 -27.79
CA LYS A 165 -45.02 -11.41 -27.15
C LYS A 165 -43.85 -11.35 -28.10
N GLN A 166 -43.65 -12.42 -28.88
CA GLN A 166 -42.53 -12.51 -29.82
C GLN A 166 -42.52 -11.40 -30.87
N ALA A 167 -43.72 -11.02 -31.32
CA ALA A 167 -43.86 -9.99 -32.33
C ALA A 167 -43.72 -8.58 -31.75
N ARG A 168 -44.48 -8.28 -30.69
CA ARG A 168 -44.35 -6.97 -30.01
C ARG A 168 -42.97 -6.72 -29.38
N GLN A 169 -42.32 -7.77 -28.86
CA GLN A 169 -41.02 -7.59 -28.20
C GLN A 169 -39.93 -7.15 -29.17
N ALA A 170 -40.03 -7.62 -30.40
CA ALA A 170 -39.11 -7.19 -31.45
C ALA A 170 -39.53 -5.83 -32.02
N ALA A 171 -40.83 -5.66 -32.27
CA ALA A 171 -41.32 -4.38 -32.81
C ALA A 171 -40.99 -3.19 -31.89
N ARG A 172 -41.05 -3.40 -30.57
CA ARG A 172 -40.74 -2.38 -29.53
C ARG A 172 -39.38 -1.70 -29.77
N ALA A 173 -38.48 -2.35 -30.52
CA ALA A 173 -37.12 -1.83 -30.73
C ALA A 173 -37.05 -0.40 -31.24
N VAL A 174 -38.09 0.03 -31.96
CA VAL A 174 -38.11 1.37 -32.53
C VAL A 174 -38.71 2.42 -31.60
N PRO A 176 -39.22 5.16 -28.87
CA PRO A 176 -38.24 6.07 -28.28
C PRO A 176 -38.26 6.10 -26.73
N ASN A 177 -37.18 6.64 -26.15
CA ASN A 177 -37.03 6.86 -24.70
C ASN A 177 -38.21 7.61 -24.10
N ALA A 178 -38.78 8.53 -24.86
CA ALA A 178 -39.85 9.40 -24.37
C ALA A 178 -41.21 8.73 -24.31
N THR A 179 -41.31 7.49 -24.80
CA THR A 179 -42.56 6.74 -24.71
C THR A 179 -43.08 6.72 -23.27
N GLU A 180 -44.36 7.05 -23.09
CA GLU A 180 -44.98 6.98 -21.77
C GLU A 180 -44.95 5.55 -21.20
N THR A 181 -44.70 5.46 -19.89
CA THR A 181 -44.90 4.21 -19.18
C THR A 181 -45.71 4.49 -17.91
N ARG A 182 -46.14 3.43 -17.23
CA ARG A 182 -46.99 3.52 -16.06
C ARG A 182 -46.48 2.49 -15.08
N ILE A 183 -46.51 2.82 -13.79
CA ILE A 183 -45.76 2.03 -12.81
C ILE A 183 -46.33 2.18 -11.41
N VAL A 184 -46.49 1.05 -10.73
CA VAL A 184 -46.76 1.02 -9.29
C VAL A 184 -45.42 0.90 -8.59
N VAL A 185 -45.13 1.87 -7.73
CA VAL A 185 -43.90 1.88 -6.93
C VAL A 185 -44.27 1.79 -5.46
N THR A 186 -43.74 0.79 -4.77
CA THR A 186 -43.97 0.64 -3.34
C THR A 186 -42.64 0.71 -2.65
N GLY A 187 -42.59 1.48 -1.56
CA GLY A 187 -41.38 1.56 -0.72
C GLY A 187 -41.75 1.94 0.71
N ASN A 188 -40.88 1.56 1.65
CA ASN A 188 -41.02 2.01 3.03
C ASN A 188 -40.47 3.44 3.19
N TYR A 189 -40.72 4.06 4.35
CA TYR A 189 -40.34 5.46 4.56
C TYR A 189 -38.84 5.70 4.38
N ARG A 190 -38.03 4.75 4.83
CA ARG A 190 -36.58 4.90 4.74
C ARG A 190 -36.16 4.92 3.25
N ALA A 191 -36.77 4.03 2.47
CA ALA A 191 -36.48 3.96 1.04
C ALA A 191 -36.95 5.23 0.31
N TRP A 192 -38.13 5.71 0.67
CA TRP A 192 -38.66 6.94 0.06
C TRP A 192 -37.75 8.12 0.37
N ARG A 193 -37.28 8.19 1.60
CA ARG A 193 -36.37 9.28 2.00
C ARG A 193 -35.06 9.28 1.18
N HIS A 194 -34.44 8.12 0.99
CA HIS A 194 -33.25 8.00 0.17
C HIS A 194 -33.51 8.42 -1.29
N PHE A 195 -34.60 7.95 -1.88
CA PHE A 195 -34.99 8.33 -3.24
C PHE A 195 -35.07 9.86 -3.40
N ILE A 196 -35.80 10.49 -2.49
CA ILE A 196 -35.96 11.94 -2.49
C ILE A 196 -34.60 12.65 -2.36
N ALA A 197 -33.78 12.24 -1.39
CA ALA A 197 -32.44 12.84 -1.21
C ALA A 197 -31.58 12.73 -2.47
N ARG A 199 -32.75 12.01 -5.74
CA ARG A 199 -33.37 12.45 -6.99
C ARG A 199 -33.93 13.88 -7.01
N ALA A 200 -34.24 14.43 -5.83
CA ALA A 200 -34.77 15.79 -5.74
C ALA A 200 -33.61 16.77 -5.59
N SER A 201 -32.62 16.64 -6.46
CA SER A 201 -31.38 17.38 -6.33
C SER A 201 -30.93 17.92 -7.68
N GLU A 202 -30.00 18.87 -7.67
CA GLU A 202 -29.58 19.52 -8.90
C GLU A 202 -28.71 18.58 -9.76
N HIS A 203 -28.17 17.53 -9.13
CA HIS A 203 -27.39 16.54 -9.88
C HIS A 203 -28.28 15.64 -10.73
N ALA A 204 -29.56 15.55 -10.38
CA ALA A 204 -30.48 14.65 -11.05
C ALA A 204 -31.08 15.27 -12.31
N ASP A 205 -31.36 14.41 -13.29
CA ASP A 205 -32.20 14.74 -14.46
C ASP A 205 -33.49 15.45 -14.02
N VAL A 206 -33.89 16.47 -14.77
CA VAL A 206 -35.02 17.29 -14.35
C VAL A 206 -36.34 16.51 -14.35
N GLU A 207 -36.45 15.47 -15.18
CA GLU A 207 -37.66 14.64 -15.16
C GLU A 207 -37.83 13.87 -13.85
N ILE A 208 -36.82 13.11 -13.45
CA ILE A 208 -36.94 12.35 -12.20
C ILE A 208 -36.96 13.27 -10.97
N ARG A 209 -36.32 14.44 -11.09
CA ARG A 209 -36.32 15.46 -10.03
C ARG A 209 -37.76 15.90 -9.74
N ARG A 210 -38.48 16.27 -10.79
CA ARG A 210 -39.91 16.61 -10.74
C ARG A 210 -40.74 15.51 -10.09
N LEU A 211 -40.48 14.27 -10.47
CA LEU A 211 -41.16 13.13 -9.87
C LEU A 211 -40.89 13.03 -8.37
N ALA A 212 -39.62 13.17 -7.98
CA ALA A 212 -39.23 13.07 -6.57
C ALA A 212 -39.92 14.15 -5.71
N ILE A 213 -39.93 15.38 -6.22
CA ILE A 213 -40.61 16.50 -5.54
C ILE A 213 -42.11 16.20 -5.33
N GLU A 214 -42.78 15.68 -6.35
CA GLU A 214 -44.20 15.35 -6.26
C GLU A 214 -44.42 14.21 -5.26
N CYS A 215 -43.57 13.18 -5.28
CA CYS A 215 -43.64 12.13 -4.25
C CYS A 215 -43.45 12.69 -2.84
N LEU A 216 -42.45 13.54 -2.64
CA LEU A 216 -42.22 14.17 -1.33
C LEU A 216 -43.47 14.93 -0.85
N ARG A 217 -44.10 15.68 -1.74
CA ARG A 217 -45.26 16.46 -1.35
C ARG A 217 -46.41 15.59 -0.88
N GLN A 218 -46.61 14.48 -1.57
CA GLN A 218 -47.65 13.53 -1.19
C GLN A 218 -47.31 12.71 0.05
N LEU A 219 -46.03 12.35 0.21
CA LEU A 219 -45.56 11.67 1.41
C LEU A 219 -45.67 12.54 2.67
N ALA A 220 -45.36 13.83 2.53
CA ALA A 220 -45.50 14.79 3.61
C ALA A 220 -46.97 14.97 4.03
N ALA A 221 -47.90 14.77 3.10
CA ALA A 221 -49.33 14.90 3.40
C ALA A 221 -49.83 13.73 4.25
N VAL A 222 -49.30 12.53 3.99
CA VAL A 222 -49.70 11.34 4.74
C VAL A 222 -48.87 11.09 6.01
N ALA A 223 -47.59 11.48 5.98
CA ALA A 223 -46.72 11.33 7.14
C ALA A 223 -45.86 12.58 7.40
N PRO A 224 -46.50 13.70 7.83
CA PRO A 224 -45.80 14.98 7.97
C PRO A 224 -44.52 14.87 8.78
N ALA A 225 -44.60 14.23 9.95
CA ALA A 225 -43.47 14.13 10.87
C ALA A 225 -42.25 13.43 10.27
N VAL A 226 -42.48 12.52 9.34
CA VAL A 226 -41.39 11.72 8.78
C VAL A 226 -40.60 12.50 7.74
N PHE A 227 -41.25 13.40 7.03
CA PHE A 227 -40.62 14.11 5.93
C PHE A 227 -40.40 15.63 6.13
N ALA A 228 -40.65 16.11 7.35
CA ALA A 228 -40.60 17.53 7.67
C ALA A 228 -39.20 18.12 7.60
N ASP A 229 -38.18 17.30 7.82
CA ASP A 229 -36.79 17.73 7.64
C ASP A 229 -36.41 18.11 6.19
N PHE A 230 -37.19 17.66 5.20
CA PHE A 230 -36.94 18.04 3.79
C PHE A 230 -37.53 19.42 3.45
N GLU A 231 -36.65 20.30 2.98
CA GLU A 231 -37.03 21.65 2.57
C GLU A 231 -36.99 21.75 1.05
N VAL A 232 -38.09 22.21 0.46
CA VAL A 232 -38.19 22.44 -0.97
C VAL A 232 -37.77 23.88 -1.30
N THR A 233 -36.80 24.02 -2.20
CA THR A 233 -36.42 25.35 -2.70
C THR A 233 -36.49 25.36 -4.21
N THR A 234 -36.70 26.54 -4.76
CA THR A 234 -36.84 26.72 -6.20
C THR A 234 -35.56 27.30 -6.77
N LEU A 235 -35.03 26.67 -7.80
CA LEU A 235 -33.78 27.11 -8.42
C LEU A 235 -34.05 28.23 -9.44
N ALA A 236 -32.96 28.77 -10.02
CA ALA A 236 -33.05 29.88 -10.98
C ALA A 236 -33.97 29.57 -12.16
N ASP A 237 -33.87 28.34 -12.69
CA ASP A 237 -34.70 27.91 -13.81
C ASP A 237 -36.15 27.60 -13.41
N GLY A 238 -36.45 27.77 -12.13
CA GLY A 238 -37.81 27.51 -11.64
C GLY A 238 -38.10 26.06 -11.28
N THR A 239 -37.14 25.16 -11.51
CA THR A 239 -37.31 23.78 -11.06
C THR A 239 -37.12 23.73 -9.54
N GLU A 240 -37.60 22.65 -8.94
CA GLU A 240 -37.58 22.51 -7.49
C GLU A 240 -36.65 21.41 -7.02
N VAL A 241 -35.94 21.71 -5.95
CA VAL A 241 -35.02 20.80 -5.30
C VAL A 241 -35.43 20.68 -3.84
N ALA A 242 -35.05 19.56 -3.20
CA ALA A 242 -35.32 19.33 -1.78
C ALA A 242 -34.07 18.89 -1.03
N THR A 243 -33.79 19.57 0.07
CA THR A 243 -32.62 19.26 0.88
C THR A 243 -33.01 18.98 2.32
N SER A 244 -32.27 18.06 2.96
CA SER A 244 -32.39 17.80 4.39
C SER A 244 -31.03 17.67 5.07
N PRO A 245 -30.90 18.27 6.28
CA PRO A 245 -29.69 18.14 7.10
C PRO A 245 -29.41 16.70 7.56
N LEU A 246 -30.39 15.82 7.45
CA LEU A 246 -30.27 14.43 7.88
C LEU A 246 -29.97 13.47 6.71
N ALA A 247 -29.77 14.04 5.53
CA ALA A 247 -29.46 13.27 4.32
C ALA A 247 -28.45 14.02 3.45
N GLU B 3 -10.54 -22.16 26.84
CA GLU B 3 -11.52 -21.43 27.71
C GLU B 3 -11.99 -20.10 27.16
N THR B 4 -11.12 -19.10 27.19
CA THR B 4 -11.47 -17.81 26.62
C THR B 4 -10.94 -17.76 25.19
N ALA B 5 -11.66 -17.08 24.31
CA ALA B 5 -11.26 -16.96 22.92
C ALA B 5 -10.91 -15.52 22.55
N PRO B 6 -9.71 -15.30 21.99
CA PRO B 6 -9.33 -13.97 21.53
C PRO B 6 -9.94 -13.66 20.16
N LEU B 7 -10.21 -12.39 19.89
CA LEU B 7 -10.69 -11.99 18.57
C LEU B 7 -9.65 -12.35 17.50
N ARG B 8 -10.07 -13.06 16.46
CA ARG B 8 -9.24 -13.25 15.27
C ARG B 8 -10.00 -12.96 13.98
N VAL B 9 -9.39 -12.15 13.11
CA VAL B 9 -9.99 -11.80 11.83
C VAL B 9 -9.03 -12.18 10.71
N GLN B 10 -9.48 -13.07 9.82
CA GLN B 10 -8.60 -13.54 8.75
C GLN B 10 -9.21 -13.22 7.40
N LEU B 11 -8.49 -12.47 6.57
CA LEU B 11 -8.93 -12.18 5.21
C LEU B 11 -8.79 -13.44 4.37
N ILE B 12 -9.91 -13.95 3.86
CA ILE B 12 -9.89 -15.21 3.10
C ILE B 12 -10.28 -15.11 1.61
N ALA B 13 -10.77 -13.95 1.19
CA ALA B 13 -11.16 -13.77 -0.21
C ALA B 13 -11.16 -12.31 -0.59
N LYS B 14 -10.78 -12.05 -1.83
CA LYS B 14 -10.91 -10.72 -2.39
C LYS B 14 -11.09 -10.85 -3.90
N THR B 15 -11.19 -9.71 -4.58
CA THR B 15 -11.49 -9.67 -6.01
C THR B 15 -10.28 -9.85 -6.89
N ASP B 16 -10.36 -10.76 -7.86
CA ASP B 16 -9.38 -10.90 -8.93
C ASP B 16 -9.93 -10.18 -10.17
N PHE B 17 -9.15 -9.27 -10.75
CA PHE B 17 -9.58 -8.49 -11.93
C PHE B 17 -8.76 -8.81 -13.19
N LEU B 18 -9.44 -8.91 -14.33
CA LEU B 18 -8.76 -8.97 -15.63
C LEU B 18 -9.43 -8.03 -16.60
N ALA B 19 -8.67 -7.02 -17.02
CA ALA B 19 -9.15 -6.02 -17.95
C ALA B 19 -9.55 -6.68 -19.27
N PRO B 20 -10.72 -6.30 -19.82
CA PRO B 20 -11.09 -6.85 -21.11
C PRO B 20 -10.10 -6.39 -22.17
N PRO B 21 -9.52 -7.35 -22.93
CA PRO B 21 -8.43 -7.07 -23.87
C PRO B 21 -8.77 -5.97 -24.89
N ASP B 22 -10.00 -5.98 -25.40
CA ASP B 22 -10.36 -5.07 -26.48
C ASP B 22 -10.87 -3.69 -26.06
N VAL B 23 -10.74 -3.37 -24.76
CA VAL B 23 -11.00 -2.01 -24.27
C VAL B 23 -9.65 -1.29 -24.19
N PRO B 24 -9.55 -0.08 -24.76
CA PRO B 24 -8.26 0.63 -24.82
C PRO B 24 -7.94 1.39 -23.53
N TRP B 25 -7.63 0.64 -22.49
CA TRP B 25 -7.42 1.20 -21.16
C TRP B 25 -6.54 0.26 -20.38
N THR B 26 -5.61 0.80 -19.62
CA THR B 26 -4.84 0.03 -18.65
C THR B 26 -4.84 0.85 -17.37
N THR B 27 -4.51 0.21 -16.25
CA THR B 27 -4.25 0.95 -15.04
C THR B 27 -3.08 0.35 -14.23
N ASP B 28 -2.55 1.13 -13.31
CA ASP B 28 -1.41 0.73 -12.48
C ASP B 28 -1.78 -0.16 -11.29
N ALA B 29 -3.08 -0.36 -11.07
CA ALA B 29 -3.59 -1.14 -9.95
C ALA B 29 -4.08 -2.50 -10.41
N ASP B 30 -4.29 -3.40 -9.45
CA ASP B 30 -4.87 -4.72 -9.70
C ASP B 30 -6.05 -4.97 -8.74
N GLY B 31 -6.79 -6.05 -8.96
CA GLY B 31 -7.86 -6.48 -8.07
C GLY B 31 -9.00 -5.49 -7.92
N GLY B 32 -9.57 -5.46 -6.73
CA GLY B 32 -10.70 -4.59 -6.41
C GLY B 32 -10.62 -3.15 -6.89
N PRO B 33 -9.56 -2.41 -6.50
CA PRO B 33 -9.44 -1.01 -6.89
C PRO B 33 -9.40 -0.81 -8.40
N ALA B 34 -8.79 -1.75 -9.13
CA ALA B 34 -8.77 -1.67 -10.59
C ALA B 34 -10.16 -1.92 -11.17
N LEU B 35 -10.88 -2.87 -10.58
CA LEU B 35 -12.25 -3.15 -10.99
C LEU B 35 -13.16 -1.92 -10.80
N VAL B 36 -12.98 -1.23 -9.68
CA VAL B 36 -13.80 -0.06 -9.36
C VAL B 36 -13.56 1.05 -10.37
N GLU B 37 -12.30 1.27 -10.73
CA GLU B 37 -11.99 2.27 -11.77
C GLU B 37 -12.61 1.88 -13.11
N PHE B 38 -12.46 0.61 -13.50
CA PHE B 38 -13.04 0.12 -14.75
C PHE B 38 -14.56 0.38 -14.80
N ALA B 39 -15.28 -0.03 -13.76
CA ALA B 39 -16.71 0.24 -13.62
C ALA B 39 -17.05 1.72 -13.72
N GLY B 40 -16.30 2.58 -13.03
CA GLY B 40 -16.53 4.02 -13.11
C GLY B 40 -16.28 4.61 -14.49
N ARG B 41 -15.26 4.11 -15.19
CA ARG B 41 -14.96 4.57 -16.55
C ARG B 41 -15.98 4.07 -17.58
N ALA B 42 -16.57 2.89 -17.32
CA ALA B 42 -17.61 2.33 -18.19
C ALA B 42 -18.82 3.26 -18.33
N CYS B 43 -19.16 3.96 -17.24
CA CYS B 43 -20.28 4.90 -17.23
C CYS B 43 -20.09 6.04 -18.23
N TYR B 44 -18.84 6.45 -18.40
CA TYR B 44 -18.52 7.59 -19.26
C TYR B 44 -17.81 7.14 -20.54
N GLN B 45 -17.52 5.85 -20.64
CA GLN B 45 -16.65 5.32 -21.71
C GLN B 45 -15.37 6.18 -21.86
N SER B 46 -14.85 6.65 -20.74
CA SER B 46 -13.66 7.51 -20.68
C SER B 46 -12.34 6.72 -20.53
N TRP B 47 -12.00 5.96 -21.55
CA TRP B 47 -10.87 5.02 -21.51
C TRP B 47 -9.48 5.66 -21.63
N SER B 48 -9.40 6.81 -22.31
CA SER B 48 -8.18 7.62 -22.37
C SER B 48 -7.91 8.34 -21.03
N LYS B 49 -6.78 9.03 -20.91
CA LYS B 49 -6.43 9.64 -19.62
C LYS B 49 -5.90 11.08 -19.69
N PRO B 50 -6.80 12.06 -19.94
CA PRO B 50 -6.43 13.47 -20.18
C PRO B 50 -6.04 14.26 -18.92
N ASN B 51 -6.34 13.72 -17.75
CA ASN B 51 -6.23 14.47 -16.52
C ASN B 51 -5.19 13.84 -15.60
N PRO B 52 -3.99 14.45 -15.52
CA PRO B 52 -2.96 13.96 -14.60
C PRO B 52 -3.45 13.77 -13.16
N LYS B 53 -4.60 14.38 -12.83
CA LYS B 53 -5.17 14.23 -11.50
C LYS B 53 -5.95 12.94 -11.35
N THR B 54 -6.55 12.46 -12.44
CA THR B 54 -7.32 11.20 -12.40
C THR B 54 -6.77 10.09 -13.30
N ALA B 55 -5.59 10.31 -13.87
CA ALA B 55 -4.94 9.35 -14.78
C ALA B 55 -4.29 8.16 -14.07
N THR B 56 -4.24 8.19 -12.73
CA THR B 56 -3.78 7.02 -11.97
C THR B 56 -4.95 6.42 -11.22
N ASN B 57 -4.80 5.19 -10.73
CA ASN B 57 -5.88 4.53 -10.02
C ASN B 57 -6.24 5.26 -8.73
N ALA B 58 -5.22 5.68 -7.96
CA ALA B 58 -5.40 6.40 -6.71
C ALA B 58 -6.09 7.76 -6.92
N GLY B 59 -5.72 8.44 -8.00
CA GLY B 59 -6.31 9.73 -8.35
C GLY B 59 -7.75 9.54 -8.78
N TYR B 60 -7.99 8.52 -9.61
CA TYR B 60 -9.36 8.18 -9.99
C TYR B 60 -10.24 7.88 -8.79
N LEU B 61 -9.77 7.02 -7.89
CA LEU B 61 -10.55 6.66 -6.70
C LEU B 61 -10.73 7.86 -5.76
N ARG B 62 -9.69 8.66 -5.56
CA ARG B 62 -9.81 9.94 -4.83
C ARG B 62 -11.04 10.70 -5.33
N HIS B 63 -11.11 10.85 -6.65
CA HIS B 63 -12.19 11.59 -7.31
C HIS B 63 -13.57 10.96 -7.12
N ILE B 64 -13.67 9.66 -7.35
CA ILE B 64 -14.90 8.89 -7.09
C ILE B 64 -15.43 9.15 -5.67
N ASP B 66 -14.65 11.78 -3.65
CA ASP B 66 -15.01 13.18 -3.46
C ASP B 66 -16.37 13.57 -4.02
N VAL B 67 -16.73 13.01 -5.17
CA VAL B 67 -18.02 13.34 -5.79
C VAL B 67 -19.13 12.42 -5.28
N GLY B 68 -18.74 11.39 -4.55
CA GLY B 68 -19.68 10.49 -3.89
C GLY B 68 -20.50 9.53 -4.73
N HIS B 69 -19.95 9.00 -5.82
CA HIS B 69 -20.68 7.89 -6.46
C HIS B 69 -20.22 6.53 -5.96
N PHE B 70 -20.74 6.18 -4.79
CA PHE B 70 -20.31 5.03 -4.04
C PHE B 70 -20.83 3.71 -4.61
N SER B 71 -21.79 3.78 -5.53
CA SER B 71 -22.33 2.56 -6.12
C SER B 71 -21.30 1.77 -6.93
N VAL B 72 -20.28 2.44 -7.46
CA VAL B 72 -19.20 1.73 -8.18
C VAL B 72 -18.33 0.87 -7.25
N LEU B 73 -18.31 1.22 -5.97
CA LEU B 73 -17.61 0.45 -4.94
C LEU B 73 -18.21 -0.93 -4.71
N GLU B 74 -19.46 -1.12 -5.09
CA GLU B 74 -20.14 -2.41 -4.94
C GLU B 74 -19.58 -3.57 -5.77
N HIS B 75 -18.73 -3.30 -6.75
CA HIS B 75 -18.26 -4.37 -7.62
C HIS B 75 -17.17 -5.20 -6.96
N ALA B 76 -16.40 -4.60 -6.06
CA ALA B 76 -15.35 -5.35 -5.38
C ALA B 76 -15.79 -5.84 -4.02
N SER B 77 -15.34 -7.06 -3.70
CA SER B 77 -15.70 -7.74 -2.47
C SER B 77 -14.50 -8.23 -1.69
N VAL B 78 -14.74 -8.45 -0.40
CA VAL B 78 -13.75 -9.01 0.50
C VAL B 78 -14.50 -9.94 1.47
N SER B 79 -13.91 -11.10 1.76
CA SER B 79 -14.44 -12.04 2.76
C SER B 79 -13.44 -12.24 3.90
N PHE B 80 -13.96 -12.30 5.12
CA PHE B 80 -13.16 -12.61 6.30
C PHE B 80 -13.73 -13.87 6.97
N TYR B 81 -12.87 -14.62 7.65
CA TYR B 81 -13.29 -15.64 8.59
C TYR B 81 -13.01 -15.09 9.98
N ILE B 82 -14.05 -14.95 10.78
CA ILE B 82 -13.94 -14.32 12.09
C ILE B 82 -14.20 -15.35 13.17
N THR B 83 -13.25 -15.47 14.11
CA THR B 83 -13.42 -16.30 15.29
C THR B 83 -13.22 -15.41 16.53
N GLY B 84 -13.51 -15.93 17.74
CA GLY B 84 -13.34 -15.17 18.99
C GLY B 84 -14.29 -13.99 19.09
N ILE B 85 -15.47 -14.20 18.55
CA ILE B 85 -16.54 -13.24 18.58
C ILE B 85 -17.69 -13.91 19.36
N SER B 86 -18.42 -13.15 20.18
CA SER B 86 -19.49 -13.73 20.99
C SER B 86 -20.80 -13.83 20.23
N ARG B 87 -21.71 -14.65 20.75
CA ARG B 87 -23.04 -14.74 20.23
C ARG B 87 -23.84 -13.41 20.27
N SER B 88 -23.63 -12.59 21.30
CA SER B 88 -24.31 -11.26 21.32
C SER B 88 -23.77 -10.31 20.25
N CYS B 89 -22.49 -10.44 19.94
CA CYS B 89 -21.87 -9.68 18.86
C CYS B 89 -22.38 -10.12 17.48
N THR B 90 -22.55 -11.43 17.25
CA THR B 90 -23.09 -11.85 15.94
C THR B 90 -24.55 -11.46 15.77
N HIS B 91 -25.31 -11.44 16.87
CA HIS B 91 -26.70 -10.98 16.82
C HIS B 91 -26.82 -9.50 16.36
N GLU B 92 -25.82 -8.68 16.68
CA GLU B 92 -25.72 -7.30 16.15
C GLU B 92 -25.20 -7.28 14.71
N LEU B 93 -24.07 -7.96 14.48
CA LEU B 93 -23.46 -8.06 13.17
C LEU B 93 -24.45 -8.42 12.03
N ILE B 94 -25.24 -9.47 12.22
CA ILE B 94 -26.11 -9.97 11.13
C ILE B 94 -27.34 -9.07 10.81
N ARG B 95 -27.53 -8.00 11.59
CA ARG B 95 -28.52 -6.97 11.30
C ARG B 95 -28.14 -6.17 10.04
N HIS B 96 -26.86 -6.20 9.69
CA HIS B 96 -26.39 -5.62 8.43
C HIS B 96 -26.77 -6.53 7.26
N ARG B 97 -27.70 -6.07 6.44
CA ARG B 97 -28.35 -6.97 5.50
C ARG B 97 -27.66 -7.08 4.13
N HIS B 98 -26.66 -6.24 3.88
CA HIS B 98 -25.93 -6.32 2.62
C HIS B 98 -24.58 -7.03 2.75
N PHE B 99 -24.50 -7.96 3.69
CA PHE B 99 -23.41 -8.91 3.78
C PHE B 99 -24.01 -10.28 3.55
N SER B 100 -23.13 -11.25 3.29
CA SER B 100 -23.50 -12.64 3.31
C SER B 100 -22.73 -13.36 4.42
N TYR B 101 -23.39 -14.29 5.09
CA TYR B 101 -22.86 -14.94 6.27
C TYR B 101 -22.94 -16.46 6.15
N SER B 102 -21.95 -17.14 6.72
CA SER B 102 -22.06 -18.54 7.08
C SER B 102 -21.47 -18.65 8.47
N GLN B 103 -22.27 -19.12 9.42
CA GLN B 103 -21.95 -19.09 10.85
C GLN B 103 -22.04 -20.49 11.45
N LEU B 104 -21.12 -20.74 12.37
CA LEU B 104 -21.14 -21.91 13.24
C LEU B 104 -22.51 -22.15 13.89
N SER B 105 -23.06 -23.36 13.70
CA SER B 105 -24.41 -23.66 14.16
C SER B 105 -24.44 -24.40 15.50
N GLN B 106 -25.21 -23.87 16.45
CA GLN B 106 -25.38 -24.53 17.74
C GLN B 106 -26.35 -25.72 17.64
N ARG B 107 -27.25 -25.68 16.67
CA ARG B 107 -28.13 -26.83 16.42
C ARG B 107 -27.31 -28.04 15.97
N TYR B 108 -26.22 -27.77 15.25
CA TYR B 108 -25.42 -28.80 14.58
C TYR B 108 -24.11 -29.19 15.29
N VAL B 109 -23.45 -28.22 15.93
CA VAL B 109 -22.12 -28.46 16.51
C VAL B 109 -22.16 -28.62 18.03
N PRO B 110 -21.59 -29.74 18.55
CA PRO B 110 -21.46 -29.95 20.01
C PRO B 110 -20.76 -28.78 20.73
N GLU B 111 -21.21 -28.44 21.93
CA GLU B 111 -20.72 -27.26 22.64
C GLU B 111 -20.29 -27.54 24.06
N LYS B 112 -20.01 -28.80 24.36
CA LYS B 112 -19.63 -29.17 25.73
C LYS B 112 -18.34 -28.44 26.14
N ASP B 113 -17.48 -28.19 25.14
CA ASP B 113 -16.16 -27.62 25.35
C ASP B 113 -15.99 -26.22 24.71
N SER B 114 -17.10 -25.59 24.34
CA SER B 114 -17.07 -24.26 23.76
C SER B 114 -16.33 -23.23 24.63
N ARG B 115 -15.69 -22.29 23.98
CA ARG B 115 -14.99 -21.19 24.63
C ARG B 115 -15.92 -20.00 24.91
N VAL B 116 -15.43 -19.09 25.73
CA VAL B 116 -16.17 -17.90 26.10
C VAL B 116 -15.40 -16.66 25.64
N VAL B 117 -16.13 -15.63 25.22
CA VAL B 117 -15.52 -14.35 24.83
C VAL B 117 -15.73 -13.35 25.96
N VAL B 118 -14.63 -12.81 26.50
CA VAL B 118 -14.70 -11.81 27.57
C VAL B 118 -15.02 -10.44 26.99
N PRO B 119 -16.07 -9.76 27.52
CA PRO B 119 -16.38 -8.40 27.07
C PRO B 119 -15.20 -7.47 27.31
N PRO B 120 -14.83 -6.66 26.31
CA PRO B 120 -13.72 -5.71 26.41
C PRO B 120 -13.71 -4.90 27.71
N GLY B 121 -14.88 -4.46 28.16
CA GLY B 121 -14.98 -3.67 29.39
C GLY B 121 -14.65 -4.46 30.65
N GLU B 123 -12.03 -7.22 30.32
CA GLU B 123 -10.80 -7.93 29.98
C GLU B 123 -9.63 -7.73 30.93
N ASP B 124 -9.52 -6.54 31.52
CA ASP B 124 -8.37 -6.18 32.35
C ASP B 124 -8.52 -6.65 33.81
N ASP B 125 -9.72 -7.06 34.19
CA ASP B 125 -10.09 -7.32 35.59
C ASP B 125 -10.21 -8.83 35.87
N ALA B 126 -9.26 -9.37 36.63
CA ALA B 126 -9.22 -10.80 36.97
C ALA B 126 -10.43 -11.29 37.75
N ASP B 127 -10.99 -10.45 38.60
CA ASP B 127 -12.16 -10.81 39.41
C ASP B 127 -13.41 -10.97 38.54
N LEU B 128 -13.64 -10.00 37.66
CA LEU B 128 -14.78 -10.05 36.74
C LEU B 128 -14.65 -11.20 35.73
N ARG B 129 -13.43 -11.45 35.25
CA ARG B 129 -13.18 -12.57 34.33
C ARG B 129 -13.50 -13.91 34.98
N HIS B 130 -13.10 -14.06 36.25
CA HIS B 130 -13.39 -15.27 37.03
C HIS B 130 -14.89 -15.47 37.19
N ILE B 131 -15.63 -14.43 37.57
CA ILE B 131 -17.09 -14.49 37.66
C ILE B 131 -17.70 -15.00 36.34
N LEU B 132 -17.23 -14.44 35.22
CA LEU B 132 -17.70 -14.86 33.89
C LEU B 132 -17.38 -16.32 33.58
N THR B 133 -16.12 -16.73 33.79
CA THR B 133 -15.71 -18.10 33.48
C THR B 133 -16.42 -19.13 34.37
N GLU B 134 -16.61 -18.78 35.65
CA GLU B 134 -17.37 -19.63 36.58
C GLU B 134 -18.82 -19.82 36.17
N ALA B 135 -19.46 -18.74 35.71
CA ALA B 135 -20.84 -18.79 35.24
C ALA B 135 -20.95 -19.61 33.94
N ALA B 136 -19.91 -19.51 33.11
CA ALA B 136 -19.83 -20.25 31.86
C ALA B 136 -19.67 -21.75 32.11
N ASP B 137 -18.81 -22.09 33.08
CA ASP B 137 -18.65 -23.47 33.52
C ASP B 137 -19.96 -24.06 34.05
N ALA B 138 -20.68 -23.29 34.88
CA ALA B 138 -22.00 -23.72 35.37
C ALA B 138 -22.95 -23.95 34.21
N ALA B 139 -22.99 -23.01 33.26
CA ALA B 139 -23.87 -23.13 32.11
C ALA B 139 -23.54 -24.36 31.26
N ARG B 140 -22.27 -24.67 31.06
CA ARG B 140 -21.87 -25.86 30.29
C ARG B 140 -22.23 -27.15 31.01
N ALA B 141 -22.09 -27.16 32.33
CA ALA B 141 -22.52 -28.31 33.12
C ALA B 141 -24.03 -28.54 32.95
N THR B 142 -24.80 -27.46 33.04
CA THR B 142 -26.26 -27.54 32.82
C THR B 142 -26.60 -28.07 31.43
N TYR B 143 -25.84 -27.58 30.43
CA TYR B 143 -26.01 -27.98 29.04
C TYR B 143 -25.82 -29.48 28.88
N SER B 144 -24.75 -30.00 29.47
CA SER B 144 -24.45 -31.44 29.47
C SER B 144 -25.57 -32.23 30.16
N GLU B 145 -25.98 -31.78 31.34
CA GLU B 145 -27.09 -32.38 32.09
C GLU B 145 -28.35 -32.44 31.24
N LEU B 146 -28.73 -31.29 30.66
CA LEU B 146 -29.91 -31.21 29.80
C LEU B 146 -29.79 -32.09 28.56
N LEU B 147 -28.63 -32.08 27.92
CA LEU B 147 -28.38 -32.88 26.72
C LEU B 147 -28.70 -34.38 26.91
N ALA B 148 -28.15 -34.99 27.96
CA ALA B 148 -28.37 -36.42 28.28
C ALA B 148 -29.84 -36.76 28.56
N LYS B 149 -30.50 -35.92 29.36
CA LYS B 149 -31.91 -36.11 29.68
C LYS B 149 -32.80 -35.93 28.47
N LEU B 150 -32.44 -34.98 27.59
CA LEU B 150 -33.18 -34.76 26.34
C LEU B 150 -33.01 -35.92 25.35
N GLU B 151 -31.79 -36.41 25.20
CA GLU B 151 -31.51 -37.57 24.36
C GLU B 151 -32.31 -38.79 24.82
N ALA B 152 -32.41 -38.95 26.14
CA ALA B 152 -33.23 -39.99 26.76
C ALA B 152 -34.72 -39.74 26.51
N LYS B 153 -35.16 -38.49 26.66
CA LYS B 153 -36.55 -38.12 26.40
C LYS B 153 -36.94 -38.32 24.93
N PHE B 154 -35.97 -38.18 24.02
CA PHE B 154 -36.22 -38.31 22.59
C PHE B 154 -35.84 -39.70 22.04
N ALA B 155 -35.69 -40.68 22.92
CA ALA B 155 -35.31 -42.05 22.52
C ALA B 155 -36.22 -42.70 21.48
N ASP B 156 -37.50 -42.30 21.46
CA ASP B 156 -38.45 -42.81 20.45
C ASP B 156 -38.33 -42.11 19.09
N GLN B 157 -37.16 -41.54 18.80
CA GLN B 157 -36.82 -41.13 17.44
C GLN B 157 -35.76 -42.12 16.96
N PRO B 158 -36.10 -42.95 15.96
CA PRO B 158 -35.20 -44.00 15.45
C PRO B 158 -33.95 -43.44 14.79
N ASN B 159 -34.08 -42.26 14.18
CA ASN B 159 -32.97 -41.57 13.54
C ASN B 159 -32.12 -40.87 14.61
N ALA B 160 -30.96 -41.46 14.92
CA ALA B 160 -30.08 -40.95 15.98
C ALA B 160 -29.50 -39.56 15.69
N ILE B 161 -29.33 -39.23 14.41
CA ILE B 161 -28.81 -37.92 14.02
C ILE B 161 -29.83 -36.86 14.41
N LEU B 162 -31.08 -37.06 13.98
CA LEU B 162 -32.18 -36.19 14.35
C LEU B 162 -32.36 -36.08 15.86
N ARG B 163 -32.20 -37.20 16.55
CA ARG B 163 -32.33 -37.27 18.01
C ARG B 163 -31.31 -36.35 18.69
N ARG B 164 -30.05 -36.43 18.26
CA ARG B 164 -28.98 -35.60 18.81
C ARG B 164 -29.18 -34.10 18.53
N LYS B 165 -29.70 -33.79 17.34
CA LYS B 165 -30.01 -32.42 16.96
C LYS B 165 -31.20 -31.86 17.76
N GLN B 166 -32.30 -32.63 17.82
CA GLN B 166 -33.46 -32.27 18.62
C GLN B 166 -33.05 -31.99 20.08
N ALA B 167 -32.14 -32.81 20.60
CA ALA B 167 -31.60 -32.62 21.94
C ALA B 167 -30.72 -31.38 22.05
N ARG B 168 -29.79 -31.20 21.11
CA ARG B 168 -28.82 -30.12 21.16
C ARG B 168 -29.49 -28.74 21.05
N GLN B 169 -30.47 -28.64 20.16
CA GLN B 169 -31.13 -27.35 19.90
C GLN B 169 -31.92 -26.84 21.10
N ALA B 170 -32.45 -27.78 21.89
CA ALA B 170 -33.14 -27.46 23.13
C ALA B 170 -32.13 -27.15 24.23
N ALA B 171 -31.11 -28.00 24.35
CA ALA B 171 -30.09 -27.86 25.40
C ALA B 171 -29.33 -26.52 25.34
N ARG B 172 -29.08 -26.03 24.12
CA ARG B 172 -28.40 -24.74 23.89
C ARG B 172 -29.12 -23.57 24.57
N ALA B 173 -30.34 -23.81 25.07
CA ALA B 173 -31.12 -22.79 25.78
C ALA B 173 -30.32 -22.10 26.88
N VAL B 174 -29.47 -22.88 27.56
CA VAL B 174 -28.70 -22.36 28.70
C VAL B 174 -27.36 -21.71 28.32
N PRO B 176 -24.67 -19.08 27.29
CA PRO B 176 -24.75 -17.62 27.49
C PRO B 176 -24.39 -16.78 26.25
N ASN B 177 -24.71 -15.50 26.28
CA ASN B 177 -24.40 -14.58 25.19
C ASN B 177 -22.91 -14.61 24.85
N ALA B 178 -22.07 -14.81 25.86
CA ALA B 178 -20.62 -14.79 25.72
C ALA B 178 -20.00 -15.99 25.01
N THR B 179 -20.81 -17.00 24.71
CA THR B 179 -20.36 -18.20 23.99
C THR B 179 -19.69 -17.81 22.65
N GLU B 180 -18.49 -18.34 22.40
CA GLU B 180 -17.78 -18.03 21.16
C GLU B 180 -18.54 -18.55 19.95
N THR B 181 -18.54 -17.77 18.87
CA THR B 181 -19.01 -18.28 17.59
C THR B 181 -17.97 -18.02 16.51
N ARG B 182 -18.22 -18.54 15.32
CA ARG B 182 -17.28 -18.39 14.20
C ARG B 182 -18.10 -18.15 12.96
N ILE B 183 -17.64 -17.23 12.12
CA ILE B 183 -18.49 -16.75 11.03
C ILE B 183 -17.64 -16.25 9.85
N VAL B 184 -18.07 -16.65 8.66
CA VAL B 184 -17.56 -16.10 7.40
C VAL B 184 -18.47 -14.93 7.03
N VAL B 185 -17.86 -13.76 6.85
CA VAL B 185 -18.62 -12.56 6.45
C VAL B 185 -18.08 -12.07 5.10
N THR B 186 -18.97 -11.94 4.13
CA THR B 186 -18.63 -11.39 2.81
C THR B 186 -19.43 -10.12 2.51
N GLY B 187 -18.73 -9.07 2.10
CA GLY B 187 -19.39 -7.85 1.62
C GLY B 187 -18.58 -7.11 0.57
N ASN B 188 -19.27 -6.28 -0.23
CA ASN B 188 -18.57 -5.43 -1.19
C ASN B 188 -18.03 -4.17 -0.51
N TYR B 189 -17.22 -3.37 -1.21
CA TYR B 189 -16.55 -2.24 -0.56
C TYR B 189 -17.55 -1.27 0.09
N ARG B 190 -18.68 -1.06 -0.58
CA ARG B 190 -19.68 -0.12 -0.11
C ARG B 190 -20.32 -0.61 1.19
N ALA B 191 -20.63 -1.90 1.25
CA ALA B 191 -21.16 -2.50 2.48
C ALA B 191 -20.16 -2.39 3.63
N TRP B 192 -18.88 -2.66 3.35
CA TRP B 192 -17.89 -2.58 4.42
C TRP B 192 -17.73 -1.17 4.94
N ARG B 193 -17.82 -0.16 4.06
CA ARG B 193 -17.73 1.24 4.51
C ARG B 193 -18.86 1.57 5.50
N HIS B 194 -20.07 1.14 5.17
CA HIS B 194 -21.22 1.40 6.02
C HIS B 194 -21.12 0.73 7.39
N PHE B 195 -20.64 -0.50 7.40
CA PHE B 195 -20.44 -1.26 8.64
C PHE B 195 -19.43 -0.54 9.53
N ILE B 196 -18.29 -0.19 8.96
CA ILE B 196 -17.30 0.58 9.69
C ILE B 196 -17.86 1.91 10.24
N ALA B 197 -18.52 2.67 9.39
CA ALA B 197 -19.14 3.93 9.79
C ALA B 197 -20.10 3.75 10.99
N ARG B 199 -20.34 0.95 13.07
CA ARG B 199 -19.86 0.13 14.19
C ARG B 199 -18.56 0.59 14.84
N ALA B 200 -17.66 1.21 14.07
CA ALA B 200 -16.41 1.70 14.66
C ALA B 200 -16.66 3.09 15.26
N SER B 201 -17.71 3.19 16.05
CA SER B 201 -18.12 4.48 16.58
C SER B 201 -18.44 4.38 18.06
N GLU B 202 -18.49 5.55 18.70
CA GLU B 202 -18.72 5.72 20.14
C GLU B 202 -20.09 5.18 20.59
N HIS B 203 -21.08 5.24 19.70
CA HIS B 203 -22.43 4.72 20.00
C HIS B 203 -22.49 3.20 20.02
N ALA B 204 -21.52 2.54 19.38
CA ALA B 204 -21.56 1.09 19.26
C ALA B 204 -20.97 0.36 20.50
N ASP B 205 -21.44 -0.87 20.72
CA ASP B 205 -20.90 -1.76 21.75
C ASP B 205 -19.40 -1.96 21.52
N VAL B 206 -18.63 -2.08 22.59
CA VAL B 206 -17.17 -2.14 22.48
C VAL B 206 -16.67 -3.38 21.71
N GLU B 207 -17.42 -4.47 21.81
CA GLU B 207 -17.00 -5.70 21.14
C GLU B 207 -17.08 -5.54 19.63
N ILE B 208 -18.22 -5.04 19.14
CA ILE B 208 -18.38 -4.90 17.70
C ILE B 208 -17.54 -3.72 17.16
N ARG B 209 -17.30 -2.72 17.99
CA ARG B 209 -16.40 -1.61 17.62
C ARG B 209 -14.97 -2.13 17.39
N ARG B 210 -14.50 -3.00 18.27
CA ARG B 210 -13.20 -3.64 18.12
C ARG B 210 -13.13 -4.51 16.84
N LEU B 211 -14.22 -5.20 16.54
CA LEU B 211 -14.32 -5.96 15.30
C LEU B 211 -14.20 -5.04 14.08
N ALA B 212 -14.99 -3.96 14.08
CA ALA B 212 -15.04 -3.01 12.96
C ALA B 212 -13.67 -2.39 12.68
N ILE B 213 -12.96 -2.04 13.75
CA ILE B 213 -11.61 -1.44 13.65
C ILE B 213 -10.63 -2.39 12.99
N GLU B 214 -10.66 -3.65 13.42
CA GLU B 214 -9.79 -4.66 12.82
C GLU B 214 -10.12 -4.92 11.35
N CYS B 215 -11.40 -5.00 11.00
CA CYS B 215 -11.80 -5.12 9.60
C CYS B 215 -11.30 -3.92 8.78
N LEU B 216 -11.50 -2.72 9.31
CA LEU B 216 -11.02 -1.48 8.69
C LEU B 216 -9.51 -1.50 8.44
N ARG B 217 -8.75 -1.96 9.44
CA ARG B 217 -7.29 -2.04 9.31
C ARG B 217 -6.86 -2.93 8.16
N GLN B 218 -7.51 -4.08 8.03
CA GLN B 218 -7.20 -5.00 6.97
C GLN B 218 -7.70 -4.49 5.61
N LEU B 219 -8.89 -3.90 5.61
CA LEU B 219 -9.45 -3.33 4.37
C LEU B 219 -8.61 -2.17 3.81
N ALA B 220 -8.16 -1.27 4.67
CA ALA B 220 -7.36 -0.13 4.23
C ALA B 220 -5.95 -0.51 3.77
N ALA B 221 -5.43 -1.66 4.22
CA ALA B 221 -4.14 -2.17 3.76
C ALA B 221 -4.27 -2.74 2.35
N VAL B 222 -5.42 -3.34 2.08
CA VAL B 222 -5.77 -3.94 0.82
C VAL B 222 -6.15 -2.89 -0.21
N ALA B 223 -6.98 -1.93 0.19
CA ALA B 223 -7.47 -0.89 -0.69
C ALA B 223 -7.36 0.48 -0.04
N PRO B 224 -6.12 1.01 0.10
CA PRO B 224 -5.91 2.28 0.81
C PRO B 224 -6.71 3.49 0.26
N ALA B 225 -6.85 3.61 -1.06
CA ALA B 225 -7.58 4.73 -1.66
C ALA B 225 -9.08 4.71 -1.28
N VAL B 226 -9.63 3.50 -1.17
CA VAL B 226 -11.05 3.33 -0.82
C VAL B 226 -11.33 3.67 0.65
N PHE B 227 -10.38 3.38 1.53
CA PHE B 227 -10.64 3.53 2.98
C PHE B 227 -9.86 4.66 3.70
N ALA B 228 -9.19 5.53 2.93
CA ALA B 228 -8.31 6.56 3.49
C ALA B 228 -9.01 7.64 4.31
N ASP B 229 -10.25 7.91 3.97
CA ASP B 229 -11.03 8.91 4.70
C ASP B 229 -11.30 8.52 6.15
N PHE B 230 -11.21 7.22 6.47
CA PHE B 230 -11.45 6.76 7.85
C PHE B 230 -10.23 7.00 8.73
N GLU B 231 -10.35 7.93 9.66
CA GLU B 231 -9.26 8.22 10.59
C GLU B 231 -9.47 7.51 11.92
N VAL B 232 -8.45 6.76 12.36
CA VAL B 232 -8.53 6.04 13.65
C VAL B 232 -8.16 6.97 14.83
N THR B 233 -9.04 7.02 15.83
CA THR B 233 -8.88 7.86 17.01
C THR B 233 -8.94 6.99 18.27
N THR B 234 -7.99 7.15 19.17
CA THR B 234 -8.05 6.48 20.47
C THR B 234 -8.86 7.31 21.46
N LEU B 235 -9.83 6.67 22.12
CA LEU B 235 -10.61 7.29 23.17
C LEU B 235 -9.86 7.25 24.50
N ALA B 236 -10.41 7.90 25.53
CA ALA B 236 -9.83 7.88 26.88
C ALA B 236 -9.77 6.48 27.49
N ASP B 237 -10.78 5.65 27.22
CA ASP B 237 -10.80 4.30 27.76
C ASP B 237 -9.90 3.31 26.99
N GLY B 238 -9.18 3.83 26.00
CA GLY B 238 -8.19 3.04 25.27
C GLY B 238 -8.76 2.28 24.08
N THR B 239 -10.08 2.36 23.89
CA THR B 239 -10.69 1.77 22.69
C THR B 239 -10.50 2.72 21.51
N GLU B 240 -10.72 2.21 20.31
CA GLU B 240 -10.54 3.01 19.12
C GLU B 240 -11.83 3.15 18.33
N VAL B 241 -12.03 4.32 17.76
CA VAL B 241 -13.14 4.59 16.85
C VAL B 241 -12.60 5.07 15.49
N ALA B 242 -13.44 5.06 14.46
CA ALA B 242 -13.05 5.52 13.13
C ALA B 242 -14.09 6.46 12.55
N THR B 243 -13.62 7.61 12.10
CA THR B 243 -14.50 8.68 11.63
C THR B 243 -14.06 9.14 10.24
N SER B 244 -15.04 9.56 9.46
CA SER B 244 -14.80 10.04 8.09
C SER B 244 -15.79 11.14 7.69
N PRO B 245 -15.30 12.16 6.96
CA PRO B 245 -16.18 13.18 6.34
C PRO B 245 -17.22 12.60 5.35
N LEU B 246 -16.92 11.43 4.80
CA LEU B 246 -17.74 10.76 3.77
C LEU B 246 -18.65 9.64 4.31
N ALA B 247 -19.30 8.90 3.42
CA ALA B 247 -20.25 7.84 3.81
C ALA B 247 -19.76 6.39 3.63
N GLU C 3 -39.57 -16.48 35.83
CA GLU C 3 -40.84 -16.41 35.05
C GLU C 3 -40.67 -16.79 33.59
N THR C 4 -41.62 -17.54 33.05
CA THR C 4 -41.57 -17.96 31.65
C THR C 4 -42.49 -17.08 30.81
N ALA C 5 -42.26 -17.05 29.51
CA ALA C 5 -43.09 -16.26 28.62
C ALA C 5 -43.54 -17.10 27.42
N PRO C 6 -44.86 -17.21 27.22
CA PRO C 6 -45.35 -17.96 26.07
C PRO C 6 -45.23 -17.15 24.78
N LEU C 7 -45.17 -17.83 23.65
CA LEU C 7 -45.19 -17.19 22.36
C LEU C 7 -46.46 -16.38 22.23
N ARG C 8 -46.31 -15.11 21.85
CA ARG C 8 -47.47 -14.34 21.42
C ARG C 8 -47.13 -13.60 20.12
N VAL C 9 -48.03 -13.70 19.15
CA VAL C 9 -47.89 -13.03 17.86
C VAL C 9 -49.10 -12.11 17.68
N GLN C 10 -48.86 -10.80 17.61
CA GLN C 10 -49.97 -9.85 17.41
C GLN C 10 -49.79 -9.07 16.12
N LEU C 11 -50.76 -9.19 15.22
CA LEU C 11 -50.76 -8.42 13.97
C LEU C 11 -51.07 -6.95 14.29
N ILE C 12 -50.10 -6.08 14.02
CA ILE C 12 -50.20 -4.66 14.37
C ILE C 12 -50.33 -3.72 13.16
N ALA C 13 -50.07 -4.21 11.96
CA ALA C 13 -50.16 -3.38 10.76
C ALA C 13 -50.34 -4.17 9.48
N LYS C 14 -51.09 -3.58 8.57
CA LYS C 14 -51.30 -4.15 7.25
C LYS C 14 -51.59 -3.03 6.23
N THR C 15 -51.59 -3.37 4.95
CA THR C 15 -51.81 -2.38 3.89
C THR C 15 -53.24 -1.85 3.86
N ASP C 16 -53.36 -0.53 3.67
CA ASP C 16 -54.62 0.17 3.44
C ASP C 16 -54.60 0.64 1.99
N PHE C 17 -55.54 0.15 1.19
CA PHE C 17 -55.57 0.42 -0.26
C PHE C 17 -56.69 1.37 -0.68
N LEU C 18 -56.36 2.40 -1.45
CA LEU C 18 -57.41 3.22 -2.10
C LEU C 18 -57.21 3.23 -3.61
N ALA C 19 -58.14 2.61 -4.33
CA ALA C 19 -58.09 2.57 -5.80
C ALA C 19 -58.08 3.98 -6.36
N PRO C 20 -57.35 4.22 -7.47
CA PRO C 20 -57.35 5.54 -8.09
C PRO C 20 -58.67 5.77 -8.83
N PRO C 21 -59.34 6.90 -8.53
CA PRO C 21 -60.69 7.13 -9.03
C PRO C 21 -60.79 7.02 -10.56
N ASP C 22 -59.75 7.47 -11.27
CA ASP C 22 -59.75 7.54 -12.73
C ASP C 22 -59.30 6.28 -13.47
N VAL C 23 -59.12 5.17 -12.76
CA VAL C 23 -58.79 3.90 -13.40
C VAL C 23 -60.08 3.09 -13.49
N PRO C 24 -60.46 2.67 -14.72
CA PRO C 24 -61.75 1.98 -14.85
C PRO C 24 -61.68 0.52 -14.43
N TRP C 25 -61.56 0.29 -13.12
CA TRP C 25 -61.39 -1.06 -12.57
C TRP C 25 -61.91 -1.12 -11.13
N THR C 26 -62.53 -2.24 -10.78
CA THR C 26 -62.92 -2.49 -9.40
C THR C 26 -62.66 -3.96 -9.15
N THR C 27 -62.83 -4.36 -7.89
CA THR C 27 -62.68 -5.75 -7.53
C THR C 27 -63.39 -6.01 -6.20
N ASP C 28 -63.56 -7.28 -5.86
CA ASP C 28 -64.39 -7.66 -4.70
C ASP C 28 -63.58 -7.75 -3.39
N ALA C 29 -62.53 -6.93 -3.26
CA ALA C 29 -61.64 -7.00 -2.11
C ALA C 29 -61.12 -5.62 -1.75
N ASP C 30 -60.53 -5.51 -0.57
CA ASP C 30 -59.83 -4.29 -0.19
C ASP C 30 -58.46 -4.65 0.37
N GLY C 31 -57.72 -3.63 0.85
CA GLY C 31 -56.42 -3.85 1.46
C GLY C 31 -55.39 -4.46 0.52
N GLY C 32 -54.46 -5.20 1.11
CA GLY C 32 -53.35 -5.82 0.39
C GLY C 32 -53.72 -6.69 -0.79
N PRO C 33 -54.71 -7.58 -0.63
CA PRO C 33 -55.11 -8.39 -1.77
C PRO C 33 -55.60 -7.59 -2.98
N ALA C 34 -56.32 -6.48 -2.74
CA ALA C 34 -56.78 -5.60 -3.82
C ALA C 34 -55.63 -4.86 -4.47
N LEU C 35 -54.66 -4.44 -3.64
CA LEU C 35 -53.44 -3.78 -4.14
C LEU C 35 -52.65 -4.71 -5.06
N VAL C 36 -52.51 -5.97 -4.67
CA VAL C 36 -51.81 -6.94 -5.49
C VAL C 36 -52.46 -7.06 -6.88
N GLU C 37 -53.80 -7.14 -6.92
CA GLU C 37 -54.48 -7.33 -8.20
C GLU C 37 -54.28 -6.09 -9.09
N PHE C 38 -54.45 -4.91 -8.51
CA PHE C 38 -54.25 -3.64 -9.22
C PHE C 38 -52.86 -3.60 -9.88
N ALA C 39 -51.83 -3.93 -9.10
CA ALA C 39 -50.44 -3.89 -9.57
C ALA C 39 -50.20 -4.89 -10.71
N GLY C 40 -50.75 -6.09 -10.57
CA GLY C 40 -50.70 -7.09 -11.63
C GLY C 40 -51.31 -6.60 -12.93
N ARG C 41 -52.49 -5.99 -12.82
CA ARG C 41 -53.23 -5.49 -13.98
C ARG C 41 -52.59 -4.26 -14.59
N ALA C 42 -51.91 -3.48 -13.76
CA ALA C 42 -51.14 -2.33 -14.26
C ALA C 42 -50.08 -2.74 -15.31
N CYS C 43 -49.48 -3.92 -15.16
CA CYS C 43 -48.51 -4.44 -16.13
C CYS C 43 -49.07 -4.61 -17.55
N TYR C 44 -50.36 -4.92 -17.62
CA TYR C 44 -51.02 -5.19 -18.89
C TYR C 44 -52.08 -4.17 -19.23
N GLN C 45 -52.28 -3.18 -18.34
CA GLN C 45 -53.43 -2.27 -18.42
C GLN C 45 -54.72 -3.07 -18.69
N SER C 46 -54.83 -4.23 -18.05
CA SER C 46 -55.97 -5.12 -18.25
C SER C 46 -57.07 -4.81 -17.24
N TRP C 47 -57.56 -3.57 -17.29
CA TRP C 47 -58.52 -3.06 -16.32
C TRP C 47 -59.95 -3.60 -16.47
N SER C 48 -60.38 -3.78 -17.72
CA SER C 48 -61.73 -4.26 -17.99
C SER C 48 -61.84 -5.72 -17.56
N LYS C 49 -62.97 -6.06 -16.96
CA LYS C 49 -63.19 -7.42 -16.49
C LYS C 49 -64.48 -7.98 -17.12
N PRO C 50 -64.39 -8.39 -18.41
CA PRO C 50 -65.56 -8.90 -19.14
C PRO C 50 -65.96 -10.29 -18.68
N ASN C 51 -64.97 -11.12 -18.34
CA ASN C 51 -65.22 -12.50 -17.90
C ASN C 51 -65.70 -12.51 -16.44
N PRO C 52 -67.00 -12.72 -16.23
CA PRO C 52 -67.56 -12.69 -14.87
C PRO C 52 -67.13 -13.90 -14.03
N LYS C 53 -66.60 -14.92 -14.69
CA LYS C 53 -66.11 -16.11 -13.99
C LYS C 53 -64.62 -16.03 -13.62
N THR C 54 -63.95 -14.95 -14.00
CA THR C 54 -62.56 -14.67 -13.57
C THR C 54 -62.42 -13.26 -13.00
N ALA C 55 -63.55 -12.69 -12.58
CA ALA C 55 -63.61 -11.33 -12.09
C ALA C 55 -63.28 -11.19 -10.60
N THR C 56 -63.05 -12.30 -9.90
CA THR C 56 -62.83 -12.21 -8.46
C THR C 56 -61.37 -11.91 -8.14
N ASN C 57 -61.16 -11.32 -6.97
CA ASN C 57 -59.82 -11.04 -6.51
C ASN C 57 -59.07 -12.35 -6.25
N ALA C 58 -59.73 -13.27 -5.54
CA ALA C 58 -59.15 -14.57 -5.20
C ALA C 58 -58.70 -15.36 -6.43
N GLY C 59 -59.52 -15.32 -7.49
CA GLY C 59 -59.19 -16.01 -8.74
C GLY C 59 -57.96 -15.40 -9.41
N TYR C 60 -57.91 -14.07 -9.41
CA TYR C 60 -56.78 -13.37 -9.98
C TYR C 60 -55.48 -13.70 -9.21
N LEU C 61 -55.55 -13.64 -7.88
CA LEU C 61 -54.39 -13.90 -7.02
C LEU C 61 -53.84 -15.32 -7.14
N ARG C 62 -54.74 -16.29 -7.30
CA ARG C 62 -54.36 -17.68 -7.54
C ARG C 62 -53.64 -17.81 -8.88
N HIS C 63 -54.20 -17.18 -9.92
CA HIS C 63 -53.59 -17.17 -11.23
C HIS C 63 -52.19 -16.54 -11.25
N ILE C 64 -52.04 -15.38 -10.60
CA ILE C 64 -50.75 -14.72 -10.45
C ILE C 64 -49.68 -15.70 -9.97
N ASP C 66 -50.07 -19.31 -9.97
CA ASP C 66 -49.97 -20.41 -10.94
C ASP C 66 -48.93 -20.06 -12.01
N VAL C 67 -48.98 -18.81 -12.44
CA VAL C 67 -48.12 -18.28 -13.50
C VAL C 67 -46.74 -17.83 -13.00
N GLY C 68 -46.63 -17.60 -11.69
CA GLY C 68 -45.33 -17.37 -11.06
C GLY C 68 -44.84 -15.94 -11.06
N HIS C 69 -45.76 -14.99 -11.14
CA HIS C 69 -45.39 -13.57 -11.11
C HIS C 69 -45.36 -13.08 -9.65
N PHE C 70 -44.50 -13.68 -8.84
CA PHE C 70 -44.44 -13.45 -7.40
C PHE C 70 -44.04 -12.02 -6.99
N SER C 71 -43.30 -11.33 -7.85
CA SER C 71 -42.90 -9.95 -7.56
C SER C 71 -44.09 -9.02 -7.26
N VAL C 72 -45.26 -9.31 -7.85
CA VAL C 72 -46.45 -8.50 -7.62
C VAL C 72 -46.94 -8.56 -6.16
N LEU C 73 -46.62 -9.65 -5.47
CA LEU C 73 -46.94 -9.85 -4.06
C LEU C 73 -46.18 -8.91 -3.12
N GLU C 74 -45.11 -8.33 -3.60
CA GLU C 74 -44.28 -7.45 -2.75
C GLU C 74 -44.93 -6.13 -2.40
N HIS C 75 -45.99 -5.77 -3.11
CA HIS C 75 -46.65 -4.50 -2.85
C HIS C 75 -47.39 -4.41 -1.51
N ALA C 76 -47.81 -5.55 -0.97
CA ALA C 76 -48.59 -5.58 0.25
C ALA C 76 -47.76 -6.08 1.44
N SER C 77 -47.87 -5.41 2.59
CA SER C 77 -47.10 -5.82 3.76
C SER C 77 -47.96 -6.07 5.01
N VAL C 78 -47.38 -6.75 5.99
CA VAL C 78 -48.00 -7.02 7.28
C VAL C 78 -46.89 -6.90 8.32
N SER C 79 -47.21 -6.33 9.48
CA SER C 79 -46.29 -6.23 10.62
C SER C 79 -46.87 -6.98 11.81
N PHE C 80 -46.01 -7.71 12.53
CA PHE C 80 -46.37 -8.35 13.80
C PHE C 80 -45.51 -7.82 14.95
N TYR C 81 -46.09 -7.76 16.13
CA TYR C 81 -45.30 -7.63 17.34
C TYR C 81 -45.26 -9.01 17.97
N ILE C 82 -44.05 -9.55 18.12
CA ILE C 82 -43.84 -10.91 18.63
C ILE C 82 -43.16 -10.84 20.00
N THR C 83 -43.77 -11.48 21.00
CA THR C 83 -43.16 -11.58 22.32
C THR C 83 -43.06 -13.07 22.69
N GLY C 84 -42.37 -13.40 23.77
CA GLY C 84 -42.21 -14.79 24.18
C GLY C 84 -41.44 -15.61 23.15
N ILE C 85 -40.43 -14.98 22.56
CA ILE C 85 -39.51 -15.56 21.58
C ILE C 85 -38.13 -15.47 22.21
N SER C 86 -37.33 -16.52 22.12
CA SER C 86 -36.00 -16.49 22.74
C SER C 86 -34.98 -15.76 21.84
N ARG C 87 -33.85 -15.44 22.43
CA ARG C 87 -32.73 -14.85 21.72
C ARG C 87 -32.11 -15.76 20.65
N SER C 88 -32.05 -17.05 20.93
CA SER C 88 -31.54 -17.97 19.93
C SER C 88 -32.51 -18.01 18.75
N CYS C 89 -33.81 -17.89 19.04
CA CYS C 89 -34.82 -17.79 17.98
C CYS C 89 -34.69 -16.52 17.14
N THR C 90 -34.52 -15.35 17.78
CA THR C 90 -34.33 -14.13 16.95
C THR C 90 -33.01 -14.15 16.18
N HIS C 91 -31.99 -14.77 16.74
CA HIS C 91 -30.71 -14.94 16.02
C HIS C 91 -30.88 -15.70 14.70
N GLU C 92 -31.87 -16.60 14.67
CA GLU C 92 -32.22 -17.28 13.42
C GLU C 92 -33.12 -16.40 12.55
N LEU C 93 -34.16 -15.84 13.15
CA LEU C 93 -35.13 -15.03 12.43
C LEU C 93 -34.51 -13.89 11.61
N ILE C 94 -33.57 -13.17 12.22
CA ILE C 94 -33.02 -11.99 11.58
C ILE C 94 -32.08 -12.26 10.40
N ARG C 95 -31.75 -13.54 10.17
CA ARG C 95 -31.02 -13.96 8.99
C ARG C 95 -31.85 -13.76 7.71
N HIS C 96 -33.16 -13.55 7.87
CA HIS C 96 -34.03 -13.21 6.74
C HIS C 96 -33.93 -11.73 6.40
N ARG C 97 -33.32 -11.46 5.25
CA ARG C 97 -32.86 -10.11 4.96
C ARG C 97 -33.91 -9.23 4.29
N HIS C 98 -35.00 -9.84 3.84
CA HIS C 98 -36.10 -9.04 3.30
C HIS C 98 -37.24 -8.70 4.29
N PHE C 99 -36.96 -8.81 5.59
CA PHE C 99 -37.85 -8.28 6.62
C PHE C 99 -37.20 -7.04 7.20
N SER C 100 -38.00 -6.18 7.83
CA SER C 100 -37.48 -5.11 8.68
C SER C 100 -37.79 -5.44 10.14
N TYR C 101 -36.88 -5.08 11.02
CA TYR C 101 -36.95 -5.47 12.43
C TYR C 101 -36.80 -4.27 13.35
N SER C 102 -37.52 -4.29 14.48
CA SER C 102 -37.15 -3.46 15.62
C SER C 102 -37.22 -4.34 16.85
N GLN C 103 -36.08 -4.53 17.51
CA GLN C 103 -35.99 -5.49 18.59
C GLN C 103 -35.60 -4.86 19.91
N LEU C 104 -36.21 -5.39 20.97
CA LEU C 104 -35.75 -5.18 22.35
C LEU C 104 -34.22 -5.27 22.53
N SER C 105 -33.62 -4.19 23.05
CA SER C 105 -32.17 -4.11 23.24
C SER C 105 -31.68 -4.44 24.65
N GLN C 106 -30.76 -5.39 24.76
CA GLN C 106 -30.15 -5.71 26.04
C GLN C 106 -29.11 -4.66 26.46
N ARG C 107 -28.58 -3.91 25.50
CA ARG C 107 -27.69 -2.77 25.81
C ARG C 107 -28.46 -1.66 26.51
N TYR C 108 -29.73 -1.49 26.13
CA TYR C 108 -30.55 -0.38 26.63
C TYR C 108 -31.52 -0.76 27.76
N VAL C 109 -31.98 -2.02 27.79
CA VAL C 109 -33.04 -2.44 28.71
C VAL C 109 -32.49 -3.29 29.87
N PRO C 110 -32.66 -2.81 31.12
CA PRO C 110 -32.33 -3.61 32.32
C PRO C 110 -32.92 -5.03 32.21
N GLU C 111 -32.13 -6.06 32.50
CA GLU C 111 -32.62 -7.45 32.42
C GLU C 111 -32.80 -8.16 33.80
N LYS C 112 -32.83 -7.38 34.89
CA LYS C 112 -33.03 -7.94 36.23
C LYS C 112 -34.34 -8.74 36.36
N ASP C 113 -35.34 -8.35 35.60
CA ASP C 113 -36.67 -8.96 35.70
C ASP C 113 -37.02 -9.80 34.48
N SER C 114 -36.02 -10.14 33.68
CA SER C 114 -36.24 -10.80 32.40
C SER C 114 -36.84 -12.19 32.54
N ARG C 115 -37.63 -12.58 31.54
CA ARG C 115 -38.27 -13.88 31.51
C ARG C 115 -37.45 -14.90 30.73
N VAL C 116 -37.83 -16.17 30.83
CA VAL C 116 -37.19 -17.24 30.07
C VAL C 116 -38.21 -17.80 29.10
N VAL C 117 -37.74 -18.24 27.95
CA VAL C 117 -38.58 -18.95 26.99
C VAL C 117 -38.20 -20.43 26.99
N VAL C 118 -39.20 -21.27 27.27
CA VAL C 118 -39.00 -22.71 27.35
C VAL C 118 -38.99 -23.32 25.95
N PRO C 119 -37.90 -24.02 25.59
CA PRO C 119 -37.89 -24.72 24.31
C PRO C 119 -39.06 -25.69 24.19
N PRO C 120 -39.79 -25.65 23.07
CA PRO C 120 -40.89 -26.59 22.80
C PRO C 120 -40.54 -28.06 23.09
N GLY C 121 -39.30 -28.46 22.83
CA GLY C 121 -38.81 -29.81 23.13
C GLY C 121 -38.80 -30.26 24.59
N GLU C 123 -41.08 -28.66 26.87
CA GLU C 123 -42.30 -28.07 27.40
C GLU C 123 -43.12 -28.99 28.30
N ASP C 124 -43.13 -30.28 27.99
CA ASP C 124 -43.97 -31.24 28.74
C ASP C 124 -43.20 -32.03 29.81
N ASP C 125 -41.99 -31.59 30.13
CA ASP C 125 -41.15 -32.26 31.13
C ASP C 125 -40.80 -31.26 32.24
N ALA C 126 -41.53 -31.34 33.36
CA ALA C 126 -41.41 -30.38 34.46
C ALA C 126 -40.01 -30.33 35.07
N ASP C 127 -39.37 -31.49 35.12
CA ASP C 127 -38.03 -31.63 35.68
C ASP C 127 -37.04 -30.84 34.81
N LEU C 128 -37.16 -31.00 33.50
CA LEU C 128 -36.33 -30.25 32.54
C LEU C 128 -36.58 -28.75 32.61
N ARG C 129 -37.85 -28.35 32.74
CA ARG C 129 -38.20 -26.93 32.89
C ARG C 129 -37.58 -26.35 34.15
N HIS C 130 -37.52 -27.15 35.21
CA HIS C 130 -36.94 -26.73 36.47
C HIS C 130 -35.42 -26.51 36.35
N ILE C 131 -34.74 -27.41 35.66
CA ILE C 131 -33.31 -27.24 35.43
C ILE C 131 -33.08 -25.91 34.69
N LEU C 132 -33.91 -25.65 33.67
CA LEU C 132 -33.86 -24.40 32.90
C LEU C 132 -34.08 -23.14 33.75
N THR C 133 -35.19 -23.09 34.49
CA THR C 133 -35.50 -21.90 35.28
C THR C 133 -34.54 -21.67 36.43
N GLU C 134 -34.01 -22.75 37.01
CA GLU C 134 -32.95 -22.62 38.02
C GLU C 134 -31.69 -22.01 37.40
N ALA C 135 -31.30 -22.52 36.23
CA ALA C 135 -30.15 -21.99 35.48
C ALA C 135 -30.37 -20.52 35.07
N ALA C 136 -31.60 -20.16 34.72
CA ALA C 136 -31.94 -18.77 34.37
C ALA C 136 -31.79 -17.85 35.57
N ASP C 137 -32.33 -18.28 36.71
CA ASP C 137 -32.21 -17.53 37.96
C ASP C 137 -30.76 -17.31 38.37
N ALA C 138 -29.93 -18.33 38.23
CA ALA C 138 -28.49 -18.20 38.55
C ALA C 138 -27.80 -17.19 37.63
N ALA C 139 -28.12 -17.25 36.33
CA ALA C 139 -27.59 -16.29 35.35
C ALA C 139 -27.97 -14.84 35.70
N ARG C 140 -29.24 -14.62 36.05
CA ARG C 140 -29.75 -13.31 36.43
C ARG C 140 -29.04 -12.79 37.70
N ALA C 141 -28.81 -13.66 38.68
CA ALA C 141 -28.04 -13.27 39.86
C ALA C 141 -26.61 -12.86 39.47
N THR C 142 -25.97 -13.66 38.61
CA THR C 142 -24.63 -13.35 38.13
C THR C 142 -24.63 -12.00 37.39
N TYR C 143 -25.65 -11.78 36.57
CA TYR C 143 -25.81 -10.53 35.82
C TYR C 143 -25.87 -9.33 36.76
N SER C 144 -26.66 -9.44 37.82
CA SER C 144 -26.80 -8.38 38.82
C SER C 144 -25.51 -8.15 39.61
N GLU C 145 -24.82 -9.23 39.92
CA GLU C 145 -23.50 -9.17 40.53
C GLU C 145 -22.52 -8.42 39.60
N LEU C 146 -22.51 -8.79 38.32
CA LEU C 146 -21.59 -8.16 37.36
C LEU C 146 -21.88 -6.68 37.16
N LEU C 147 -23.16 -6.33 37.10
CA LEU C 147 -23.60 -4.97 36.86
C LEU C 147 -23.03 -4.04 37.94
N ALA C 148 -23.39 -4.30 39.19
CA ALA C 148 -22.90 -3.51 40.32
C ALA C 148 -21.39 -3.34 40.28
N LYS C 149 -20.67 -4.43 40.00
CA LYS C 149 -19.21 -4.39 39.94
C LYS C 149 -18.67 -3.66 38.71
N LEU C 150 -19.48 -3.56 37.66
CA LEU C 150 -19.07 -2.83 36.45
C LEU C 150 -19.32 -1.34 36.57
N GLU C 151 -20.45 -0.96 37.16
CA GLU C 151 -20.80 0.46 37.39
C GLU C 151 -19.78 1.20 38.25
N ALA C 152 -19.14 0.47 39.17
CA ALA C 152 -18.07 1.00 39.99
C ALA C 152 -16.80 1.10 39.16
N LYS C 153 -16.48 0.02 38.44
CA LYS C 153 -15.33 0.00 37.52
C LYS C 153 -15.41 1.13 36.50
N PHE C 154 -16.63 1.60 36.22
CA PHE C 154 -16.86 2.71 35.30
C PHE C 154 -17.29 4.02 36.01
N ALA C 155 -16.73 4.26 37.19
CA ALA C 155 -17.00 5.49 37.95
C ALA C 155 -16.41 6.71 37.24
N ASP C 156 -15.33 6.48 36.49
CA ASP C 156 -14.67 7.48 35.66
C ASP C 156 -15.61 8.21 34.68
N GLN C 157 -16.66 7.53 34.27
CA GLN C 157 -17.65 8.08 33.34
C GLN C 157 -18.61 9.02 34.07
N PRO C 158 -18.58 10.32 33.72
CA PRO C 158 -19.45 11.35 34.30
C PRO C 158 -20.91 11.24 33.84
N ASN C 159 -21.14 10.65 32.68
CA ASN C 159 -22.48 10.48 32.15
C ASN C 159 -23.14 9.21 32.69
N ALA C 160 -24.20 9.38 33.48
CA ALA C 160 -24.85 8.28 34.19
C ALA C 160 -25.62 7.33 33.27
N ILE C 161 -26.21 7.87 32.21
CA ILE C 161 -26.87 7.06 31.19
C ILE C 161 -25.86 6.19 30.44
N LEU C 162 -24.73 6.78 30.05
CA LEU C 162 -23.66 6.03 29.38
C LEU C 162 -22.95 5.04 30.30
N ARG C 163 -22.75 5.44 31.57
CA ARG C 163 -22.15 4.54 32.55
C ARG C 163 -22.99 3.25 32.72
N ARG C 164 -24.31 3.41 32.71
CA ARG C 164 -25.23 2.28 32.88
C ARG C 164 -25.28 1.38 31.64
N LYS C 165 -25.12 1.98 30.46
CA LYS C 165 -25.09 1.23 29.21
C LYS C 165 -23.79 0.44 29.08
N GLN C 166 -22.66 1.04 29.45
CA GLN C 166 -21.36 0.35 29.43
C GLN C 166 -21.36 -0.87 30.34
N ALA C 167 -21.95 -0.71 31.52
CA ALA C 167 -22.08 -1.79 32.49
C ALA C 167 -23.02 -2.88 31.98
N ARG C 168 -24.19 -2.48 31.52
CA ARG C 168 -25.21 -3.40 31.07
C ARG C 168 -24.72 -4.25 29.87
N GLN C 169 -24.10 -3.62 28.88
CA GLN C 169 -23.66 -4.34 27.67
C GLN C 169 -22.60 -5.39 28.00
N ALA C 170 -21.80 -5.15 29.03
CA ALA C 170 -20.83 -6.14 29.48
C ALA C 170 -21.54 -7.21 30.30
N ALA C 171 -22.40 -6.80 31.21
CA ALA C 171 -23.10 -7.74 32.09
C ALA C 171 -23.97 -8.75 31.32
N ARG C 172 -24.57 -8.31 30.20
CA ARG C 172 -25.39 -9.14 29.30
C ARG C 172 -24.68 -10.45 28.88
N ALA C 173 -23.36 -10.49 28.99
CA ALA C 173 -22.58 -11.66 28.59
C ALA C 173 -23.05 -12.99 29.23
N VAL C 174 -23.58 -12.94 30.45
CA VAL C 174 -24.01 -14.18 31.12
C VAL C 174 -25.44 -14.57 30.82
N PRO C 176 -28.59 -16.06 29.15
CA PRO C 176 -28.67 -17.24 28.30
C PRO C 176 -29.46 -17.02 27.00
N ASN C 177 -29.28 -17.93 26.06
CA ASN C 177 -30.05 -18.01 24.82
C ASN C 177 -31.56 -17.98 25.01
N ALA C 178 -32.06 -18.61 26.07
CA ALA C 178 -33.51 -18.70 26.32
C ALA C 178 -34.15 -17.43 26.90
N THR C 179 -33.33 -16.42 27.19
CA THR C 179 -33.80 -15.10 27.58
C THR C 179 -34.86 -14.60 26.59
N GLU C 180 -35.98 -14.13 27.13
CA GLU C 180 -37.05 -13.58 26.30
C GLU C 180 -36.59 -12.33 25.60
N THR C 181 -37.02 -12.17 24.37
CA THR C 181 -36.89 -10.90 23.68
C THR C 181 -38.22 -10.58 23.00
N ARG C 182 -38.32 -9.39 22.44
CA ARG C 182 -39.55 -8.91 21.83
C ARG C 182 -39.15 -8.14 20.58
N ILE C 183 -39.93 -8.28 19.51
CA ILE C 183 -39.53 -7.80 18.18
C ILE C 183 -40.72 -7.43 17.28
N VAL C 184 -40.62 -6.28 16.63
CA VAL C 184 -41.52 -5.92 15.54
C VAL C 184 -40.90 -6.45 14.24
N VAL C 185 -41.66 -7.26 13.51
CA VAL C 185 -41.21 -7.81 12.22
C VAL C 185 -42.18 -7.38 11.14
N THR C 186 -41.65 -6.76 10.09
CA THR C 186 -42.46 -6.30 8.95
C THR C 186 -41.96 -6.94 7.67
N GLY C 187 -42.88 -7.50 6.88
CA GLY C 187 -42.53 -8.03 5.57
C GLY C 187 -43.65 -7.94 4.58
N ASN C 188 -43.31 -7.90 3.29
CA ASN C 188 -44.31 -8.00 2.24
C ASN C 188 -44.74 -9.46 2.06
N TYR C 189 -45.80 -9.69 1.28
CA TYR C 189 -46.35 -11.05 1.14
C TYR C 189 -45.33 -12.02 0.60
N ARG C 190 -44.52 -11.59 -0.37
CA ARG C 190 -43.48 -12.44 -0.95
C ARG C 190 -42.50 -12.94 0.13
N ALA C 191 -42.05 -12.03 0.99
CA ALA C 191 -41.09 -12.38 2.03
C ALA C 191 -41.71 -13.25 3.12
N TRP C 192 -42.98 -13.02 3.44
CA TRP C 192 -43.66 -13.90 4.40
C TRP C 192 -43.76 -15.32 3.84
N ARG C 193 -44.10 -15.45 2.56
CA ARG C 193 -44.21 -16.76 1.92
C ARG C 193 -42.91 -17.57 2.01
N HIS C 194 -41.81 -16.92 1.64
CA HIS C 194 -40.47 -17.50 1.77
C HIS C 194 -40.11 -17.86 3.20
N PHE C 195 -40.38 -16.96 4.15
CA PHE C 195 -40.15 -17.24 5.55
C PHE C 195 -40.90 -18.50 5.99
N ILE C 196 -42.18 -18.59 5.64
CA ILE C 196 -42.99 -19.77 5.97
C ILE C 196 -42.44 -21.07 5.35
N ALA C 197 -42.11 -21.03 4.05
CA ALA C 197 -41.54 -22.19 3.35
C ALA C 197 -40.27 -22.72 4.01
N ARG C 199 -39.11 -21.97 7.22
CA ARG C 199 -39.16 -22.15 8.68
C ARG C 199 -40.25 -23.07 9.20
N ALA C 200 -41.36 -23.19 8.48
CA ALA C 200 -42.41 -24.10 8.92
C ALA C 200 -42.13 -25.52 8.42
N SER C 201 -40.87 -25.91 8.42
CA SER C 201 -40.47 -27.20 7.83
C SER C 201 -39.78 -28.07 8.87
N GLU C 202 -39.75 -29.39 8.60
CA GLU C 202 -39.17 -30.32 9.56
C GLU C 202 -37.70 -30.04 9.83
N HIS C 203 -37.02 -29.42 8.87
CA HIS C 203 -35.60 -29.08 9.01
C HIS C 203 -35.32 -27.92 9.98
N ALA C 204 -36.31 -27.06 10.19
CA ALA C 204 -36.16 -25.91 11.08
C ALA C 204 -36.31 -26.29 12.56
N ASP C 205 -35.63 -25.54 13.42
CA ASP C 205 -35.80 -25.62 14.86
C ASP C 205 -37.28 -25.52 15.22
N VAL C 206 -37.70 -26.30 16.22
CA VAL C 206 -39.09 -26.31 16.66
C VAL C 206 -39.59 -24.94 17.15
N GLU C 207 -38.70 -24.10 17.69
CA GLU C 207 -39.15 -22.80 18.19
C GLU C 207 -39.58 -21.86 17.07
N ILE C 208 -38.71 -21.68 16.09
CA ILE C 208 -39.03 -20.84 14.93
C ILE C 208 -40.11 -21.47 14.02
N ARG C 209 -40.14 -22.80 13.94
CA ARG C 209 -41.25 -23.50 13.26
C ARG C 209 -42.60 -23.18 13.89
N ARG C 210 -42.68 -23.22 15.22
CA ARG C 210 -43.89 -22.81 15.93
C ARG C 210 -44.25 -21.36 15.55
N LEU C 211 -43.25 -20.49 15.56
CA LEU C 211 -43.46 -19.09 15.17
C LEU C 211 -44.02 -18.96 13.75
N ALA C 212 -43.42 -19.65 12.79
CA ALA C 212 -43.83 -19.55 11.38
C ALA C 212 -45.27 -20.02 11.16
N ILE C 213 -45.65 -21.11 11.82
CA ILE C 213 -47.01 -21.67 11.66
C ILE C 213 -48.05 -20.68 12.16
N GLU C 214 -47.73 -19.98 13.24
CA GLU C 214 -48.63 -18.99 13.84
C GLU C 214 -48.74 -17.73 12.99
N CYS C 215 -47.63 -17.29 12.41
CA CYS C 215 -47.66 -16.18 11.47
C CYS C 215 -48.54 -16.54 10.27
N LEU C 216 -48.32 -17.75 9.74
CA LEU C 216 -49.12 -18.27 8.63
C LEU C 216 -50.63 -18.21 8.93
N ARG C 217 -51.02 -18.74 10.09
CA ARG C 217 -52.43 -18.76 10.46
C ARG C 217 -53.05 -17.35 10.46
N GLN C 218 -52.29 -16.36 10.91
CA GLN C 218 -52.81 -14.99 10.92
C GLN C 218 -52.76 -14.37 9.52
N LEU C 219 -51.68 -14.64 8.79
CA LEU C 219 -51.56 -14.16 7.41
C LEU C 219 -52.67 -14.72 6.50
N ALA C 220 -52.96 -16.01 6.66
CA ALA C 220 -54.02 -16.68 5.88
C ALA C 220 -55.43 -16.11 6.12
N ALA C 221 -55.66 -15.60 7.33
CA ALA C 221 -56.93 -14.95 7.66
C ALA C 221 -57.03 -13.59 6.99
N VAL C 222 -55.89 -12.89 6.93
CA VAL C 222 -55.80 -11.57 6.34
C VAL C 222 -55.88 -11.62 4.81
N ALA C 223 -55.21 -12.61 4.21
CA ALA C 223 -55.14 -12.74 2.76
C ALA C 223 -55.24 -14.20 2.33
N PRO C 224 -56.46 -14.80 2.44
CA PRO C 224 -56.69 -16.22 2.14
C PRO C 224 -56.07 -16.75 0.83
N ALA C 225 -56.29 -16.09 -0.30
CA ALA C 225 -55.81 -16.60 -1.60
C ALA C 225 -54.29 -16.67 -1.66
N VAL C 226 -53.65 -15.67 -1.06
CA VAL C 226 -52.18 -15.60 -1.05
C VAL C 226 -51.55 -16.73 -0.22
N PHE C 227 -52.22 -17.16 0.84
CA PHE C 227 -51.62 -18.15 1.77
C PHE C 227 -52.31 -19.53 1.84
N ALA C 228 -53.40 -19.68 1.08
CA ALA C 228 -54.19 -20.94 1.01
C ALA C 228 -53.42 -22.17 0.51
N ASP C 229 -52.44 -21.97 -0.36
CA ASP C 229 -51.63 -23.08 -0.86
C ASP C 229 -50.78 -23.80 0.20
N PHE C 230 -50.58 -23.18 1.35
CA PHE C 230 -49.85 -23.81 2.44
C PHE C 230 -50.79 -24.72 3.21
N GLU C 231 -50.41 -25.99 3.36
CA GLU C 231 -51.25 -26.93 4.10
C GLU C 231 -50.54 -27.38 5.37
N VAL C 232 -51.19 -27.18 6.51
CA VAL C 232 -50.63 -27.56 7.79
C VAL C 232 -50.81 -29.07 8.02
N THR C 233 -49.77 -29.70 8.56
CA THR C 233 -49.74 -31.14 8.83
C THR C 233 -49.12 -31.29 10.21
N THR C 234 -49.74 -32.13 11.05
CA THR C 234 -49.23 -32.44 12.39
C THR C 234 -48.32 -33.66 12.30
N LEU C 235 -47.11 -33.52 12.84
CA LEU C 235 -46.08 -34.56 12.81
C LEU C 235 -46.28 -35.58 13.94
N ALA C 236 -45.55 -36.69 13.85
CA ALA C 236 -45.62 -37.78 14.83
C ALA C 236 -45.45 -37.28 16.27
N ASP C 237 -44.57 -36.29 16.46
CA ASP C 237 -44.29 -35.69 17.76
C ASP C 237 -45.26 -34.56 18.16
N GLY C 238 -46.26 -34.30 17.32
CA GLY C 238 -47.29 -33.28 17.62
C GLY C 238 -46.99 -31.86 17.19
N THR C 239 -45.80 -31.62 16.64
CA THR C 239 -45.47 -30.30 16.11
C THR C 239 -46.07 -30.18 14.72
N GLU C 240 -46.23 -28.95 14.24
CA GLU C 240 -46.86 -28.69 12.96
C GLU C 240 -45.86 -28.25 11.88
N VAL C 241 -46.04 -28.76 10.66
CA VAL C 241 -45.28 -28.36 9.48
C VAL C 241 -46.26 -27.80 8.44
N ALA C 242 -45.75 -27.00 7.51
CA ALA C 242 -46.56 -26.45 6.42
C ALA C 242 -45.83 -26.56 5.09
N THR C 243 -46.53 -27.07 4.08
CA THR C 243 -45.96 -27.29 2.74
C THR C 243 -46.91 -26.78 1.65
N SER C 244 -46.35 -26.44 0.50
CA SER C 244 -47.15 -25.86 -0.60
C SER C 244 -47.08 -26.70 -1.88
N GLU D 3 -25.38 1.30 -38.02
CA GLU D 3 -24.29 0.48 -37.40
C GLU D 3 -24.83 -0.43 -36.30
N THR D 4 -24.76 -1.75 -36.49
CA THR D 4 -25.26 -2.69 -35.50
C THR D 4 -24.17 -3.17 -34.54
N ALA D 5 -24.59 -3.73 -33.41
CA ALA D 5 -23.65 -4.24 -32.42
C ALA D 5 -24.00 -5.65 -32.00
N PRO D 6 -23.01 -6.56 -32.02
CA PRO D 6 -23.25 -7.92 -31.57
C PRO D 6 -23.14 -8.00 -30.03
N LEU D 7 -23.86 -8.92 -29.41
CA LEU D 7 -23.68 -9.18 -27.98
C LEU D 7 -22.24 -9.60 -27.72
N ARG D 8 -21.60 -8.97 -26.74
CA ARG D 8 -20.33 -9.50 -26.21
C ARG D 8 -20.33 -9.52 -24.69
N VAL D 9 -20.05 -10.69 -24.13
CA VAL D 9 -19.96 -10.87 -22.68
C VAL D 9 -18.51 -11.20 -22.34
N GLN D 10 -17.87 -10.33 -21.57
CA GLN D 10 -16.50 -10.58 -21.16
C GLN D 10 -16.42 -10.70 -19.64
N LEU D 11 -15.84 -11.79 -19.14
CA LEU D 11 -15.68 -12.01 -17.70
C LEU D 11 -14.48 -11.21 -17.22
N ILE D 12 -14.73 -10.26 -16.34
CA ILE D 12 -13.69 -9.31 -15.92
C ILE D 12 -13.23 -9.42 -14.44
N ALA D 13 -13.99 -10.12 -13.62
CA ALA D 13 -13.61 -10.32 -12.24
C ALA D 13 -14.24 -11.54 -11.62
N LYS D 14 -13.52 -12.11 -10.66
CA LYS D 14 -14.01 -13.27 -9.94
C LYS D 14 -13.28 -13.37 -8.62
N THR D 15 -13.80 -14.21 -7.75
CA THR D 15 -13.26 -14.40 -6.41
C THR D 15 -11.87 -15.07 -6.40
N ASP D 16 -10.97 -14.46 -5.65
CA ASP D 16 -9.66 -15.00 -5.31
C ASP D 16 -9.76 -15.52 -3.86
N PHE D 17 -9.42 -16.79 -3.64
CA PHE D 17 -9.52 -17.41 -2.32
C PHE D 17 -8.15 -17.71 -1.72
N LEU D 18 -7.96 -17.34 -0.44
CA LEU D 18 -6.78 -17.79 0.31
C LEU D 18 -7.21 -18.44 1.60
N ALA D 19 -7.06 -19.76 1.67
CA ALA D 19 -7.46 -20.54 2.83
C ALA D 19 -6.70 -20.04 4.07
N PRO D 20 -7.40 -19.88 5.19
CA PRO D 20 -6.71 -19.38 6.38
C PRO D 20 -5.79 -20.48 6.91
N PRO D 21 -4.56 -20.11 7.30
CA PRO D 21 -3.51 -21.07 7.68
C PRO D 21 -3.85 -22.06 8.81
N ASP D 22 -4.41 -21.58 9.92
CA ASP D 22 -4.60 -22.41 11.12
C ASP D 22 -5.91 -23.20 11.15
N VAL D 23 -6.49 -23.41 9.96
CA VAL D 23 -7.64 -24.29 9.81
C VAL D 23 -7.17 -25.58 9.14
N PRO D 24 -7.36 -26.73 9.81
CA PRO D 24 -6.86 -28.00 9.29
C PRO D 24 -7.72 -28.55 8.14
N TRP D 25 -7.65 -27.89 6.98
CA TRP D 25 -8.48 -28.23 5.84
C TRP D 25 -7.83 -27.80 4.52
N THR D 26 -7.95 -28.65 3.50
CA THR D 26 -7.55 -28.31 2.13
C THR D 26 -8.57 -28.91 1.18
N THR D 27 -8.51 -28.48 -0.07
CA THR D 27 -9.40 -29.05 -1.07
C THR D 27 -8.78 -29.03 -2.48
N ASP D 28 -9.40 -29.77 -3.40
CA ASP D 28 -8.90 -29.88 -4.77
C ASP D 28 -9.50 -28.81 -5.66
N ALA D 29 -9.52 -27.57 -5.18
CA ALA D 29 -10.08 -26.46 -5.92
C ALA D 29 -9.54 -25.14 -5.45
N ASP D 30 -9.91 -24.12 -6.20
CA ASP D 30 -9.35 -22.81 -6.12
C ASP D 30 -10.50 -21.81 -6.17
N GLY D 31 -10.21 -20.54 -5.89
CA GLY D 31 -11.14 -19.43 -6.12
C GLY D 31 -12.53 -19.60 -5.51
N GLY D 32 -13.54 -19.15 -6.25
CA GLY D 32 -14.94 -19.20 -5.81
C GLY D 32 -15.43 -20.54 -5.25
N PRO D 33 -15.31 -21.64 -6.02
CA PRO D 33 -15.72 -22.97 -5.53
C PRO D 33 -15.06 -23.36 -4.19
N ALA D 34 -13.77 -23.04 -4.04
CA ALA D 34 -13.06 -23.32 -2.79
C ALA D 34 -13.64 -22.52 -1.61
N LEU D 35 -13.94 -21.24 -1.84
CA LEU D 35 -14.52 -20.37 -0.82
C LEU D 35 -15.86 -20.92 -0.33
N VAL D 36 -16.70 -21.36 -1.27
CA VAL D 36 -18.02 -21.89 -0.95
C VAL D 36 -17.94 -23.14 -0.04
N GLU D 37 -17.00 -24.03 -0.34
CA GLU D 37 -16.79 -25.19 0.52
C GLU D 37 -16.28 -24.74 1.88
N PHE D 38 -15.31 -23.83 1.90
CA PHE D 38 -14.82 -23.36 3.18
C PHE D 38 -15.98 -22.84 4.07
N ALA D 39 -16.84 -22.00 3.49
CA ALA D 39 -17.95 -21.39 4.23
C ALA D 39 -18.98 -22.42 4.70
N GLY D 40 -19.32 -23.37 3.83
CA GLY D 40 -20.24 -24.47 4.17
C GLY D 40 -19.72 -25.31 5.32
N ARG D 41 -18.43 -25.62 5.26
CA ARG D 41 -17.77 -26.38 6.32
C ARG D 41 -17.62 -25.61 7.63
N ALA D 42 -17.47 -24.30 7.56
CA ALA D 42 -17.43 -23.46 8.78
C ALA D 42 -18.70 -23.54 9.63
N CYS D 43 -19.84 -23.82 9.01
CA CYS D 43 -21.10 -23.97 9.74
C CYS D 43 -21.08 -25.16 10.69
N TYR D 44 -20.35 -26.19 10.28
CA TYR D 44 -20.29 -27.46 10.99
C TYR D 44 -18.96 -27.67 11.65
N GLN D 45 -18.00 -26.79 11.39
CA GLN D 45 -16.58 -26.97 11.72
C GLN D 45 -16.11 -28.37 11.30
N SER D 46 -16.56 -28.81 10.13
CA SER D 46 -16.27 -30.15 9.65
C SER D 46 -15.08 -30.13 8.70
N TRP D 47 -13.91 -29.82 9.26
CA TRP D 47 -12.69 -29.61 8.48
C TRP D 47 -12.03 -30.87 7.91
N SER D 48 -12.15 -31.98 8.63
CA SER D 48 -11.65 -33.27 8.16
C SER D 48 -12.63 -33.82 7.15
N LYS D 49 -12.18 -34.73 6.30
CA LYS D 49 -13.06 -35.24 5.24
C LYS D 49 -13.37 -36.74 5.34
N PRO D 50 -14.27 -37.11 6.27
CA PRO D 50 -14.56 -38.52 6.60
C PRO D 50 -15.31 -39.23 5.47
N ASN D 51 -16.11 -38.46 4.73
CA ASN D 51 -16.92 -38.98 3.62
C ASN D 51 -16.17 -38.87 2.29
N PRO D 52 -15.79 -40.02 1.69
CA PRO D 52 -15.03 -39.97 0.43
C PRO D 52 -15.78 -39.33 -0.74
N LYS D 53 -17.11 -39.17 -0.60
CA LYS D 53 -17.95 -38.64 -1.68
C LYS D 53 -17.85 -37.11 -1.77
N THR D 54 -17.96 -36.45 -0.63
CA THR D 54 -17.87 -35.00 -0.54
C THR D 54 -16.47 -34.58 -0.13
N ALA D 55 -15.54 -35.53 -0.20
CA ALA D 55 -14.13 -35.24 0.08
C ALA D 55 -13.46 -34.54 -1.10
N THR D 56 -14.20 -34.38 -2.19
CA THR D 56 -13.78 -33.52 -3.30
C THR D 56 -14.62 -32.24 -3.26
N ASN D 57 -14.07 -31.16 -3.81
CA ASN D 57 -14.80 -29.91 -3.86
C ASN D 57 -16.07 -30.02 -4.70
N ALA D 58 -15.97 -30.66 -5.86
CA ALA D 58 -17.12 -30.80 -6.76
C ALA D 58 -18.23 -31.59 -6.09
N GLY D 59 -17.83 -32.65 -5.38
CA GLY D 59 -18.78 -33.44 -4.61
C GLY D 59 -19.41 -32.70 -3.44
N TYR D 60 -18.63 -31.85 -2.78
CA TYR D 60 -19.15 -31.05 -1.67
C TYR D 60 -20.21 -30.05 -2.15
N LEU D 61 -19.92 -29.39 -3.28
CA LEU D 61 -20.83 -28.37 -3.84
C LEU D 61 -22.14 -28.97 -4.36
N ARG D 62 -22.08 -30.15 -4.99
CA ARG D 62 -23.28 -30.85 -5.42
C ARG D 62 -24.13 -31.25 -4.22
N HIS D 63 -23.48 -31.52 -3.09
CA HIS D 63 -24.22 -31.86 -1.89
C HIS D 63 -24.93 -30.66 -1.28
N ILE D 64 -24.23 -29.53 -1.19
CA ILE D 64 -24.78 -28.24 -0.79
C ILE D 64 -26.09 -27.89 -1.52
N ASP D 66 -28.17 -30.01 -3.40
CA ASP D 66 -29.19 -31.05 -3.18
C ASP D 66 -29.95 -30.85 -1.86
N VAL D 67 -29.22 -30.45 -0.82
CA VAL D 67 -29.82 -30.30 0.50
C VAL D 67 -30.38 -28.88 0.68
N GLY D 68 -30.20 -28.05 -0.35
CA GLY D 68 -30.85 -26.74 -0.44
C GLY D 68 -30.16 -25.58 0.25
N HIS D 69 -28.88 -25.73 0.54
CA HIS D 69 -28.12 -24.74 1.31
C HIS D 69 -27.58 -23.62 0.43
N PHE D 70 -28.49 -22.93 -0.27
CA PHE D 70 -28.10 -22.00 -1.32
C PHE D 70 -27.45 -20.69 -0.84
N SER D 71 -27.64 -20.35 0.43
CA SER D 71 -27.03 -19.14 0.98
C SER D 71 -25.48 -19.17 0.99
N VAL D 72 -24.89 -20.36 1.04
CA VAL D 72 -23.43 -20.52 1.03
C VAL D 72 -22.80 -20.06 -0.29
N LEU D 73 -23.59 -20.14 -1.37
CA LEU D 73 -23.18 -19.72 -2.70
C LEU D 73 -22.95 -18.22 -2.82
N GLU D 74 -23.46 -17.45 -1.85
CA GLU D 74 -23.40 -15.99 -1.92
C GLU D 74 -22.00 -15.45 -1.66
N HIS D 75 -21.13 -16.27 -1.10
CA HIS D 75 -19.78 -15.79 -0.81
C HIS D 75 -18.90 -15.54 -2.04
N ALA D 76 -19.17 -16.23 -3.15
CA ALA D 76 -18.35 -16.09 -4.37
C ALA D 76 -19.07 -15.28 -5.41
N SER D 77 -18.32 -14.47 -6.15
CA SER D 77 -18.90 -13.54 -7.13
C SER D 77 -18.13 -13.50 -8.44
N VAL D 78 -18.81 -12.97 -9.45
CA VAL D 78 -18.27 -12.84 -10.77
C VAL D 78 -18.80 -11.54 -11.37
N SER D 79 -17.94 -10.82 -12.06
CA SER D 79 -18.32 -9.61 -12.82
C SER D 79 -18.11 -9.80 -14.32
N PHE D 80 -19.06 -9.32 -15.10
CA PHE D 80 -18.95 -9.26 -16.58
C PHE D 80 -19.08 -7.81 -17.07
N TYR D 81 -18.38 -7.51 -18.17
CA TYR D 81 -18.62 -6.33 -18.95
C TYR D 81 -19.38 -6.77 -20.20
N ILE D 82 -20.58 -6.22 -20.38
CA ILE D 82 -21.49 -6.64 -21.43
C ILE D 82 -21.70 -5.48 -22.39
N THR D 83 -21.47 -5.73 -23.69
CA THR D 83 -21.71 -4.75 -24.73
C THR D 83 -22.64 -5.39 -25.75
N GLY D 84 -23.17 -4.61 -26.68
CA GLY D 84 -24.11 -5.14 -27.69
C GLY D 84 -25.41 -5.61 -27.09
N ILE D 85 -25.82 -4.91 -26.04
CA ILE D 85 -27.09 -5.13 -25.35
C ILE D 85 -27.90 -3.86 -25.59
N SER D 86 -29.20 -3.99 -25.80
CA SER D 86 -30.02 -2.82 -26.04
C SER D 86 -30.49 -2.20 -24.73
N ARG D 87 -30.92 -0.95 -24.83
CA ARG D 87 -31.58 -0.23 -23.74
C ARG D 87 -32.82 -0.95 -23.16
N SER D 88 -33.61 -1.61 -24.01
CA SER D 88 -34.79 -2.34 -23.50
C SER D 88 -34.36 -3.59 -22.76
N CYS D 89 -33.25 -4.18 -23.19
CA CYS D 89 -32.68 -5.32 -22.48
C CYS D 89 -32.17 -4.92 -21.08
N THR D 90 -31.43 -3.82 -20.97
CA THR D 90 -30.98 -3.34 -19.65
C THR D 90 -32.12 -2.96 -18.71
N HIS D 91 -33.20 -2.42 -19.27
CA HIS D 91 -34.36 -2.05 -18.49
C HIS D 91 -34.98 -3.29 -17.84
N GLU D 92 -34.84 -4.43 -18.51
CA GLU D 92 -35.23 -5.71 -17.94
C GLU D 92 -34.21 -6.25 -16.95
N LEU D 93 -32.94 -6.29 -17.37
CA LEU D 93 -31.84 -6.79 -16.55
C LEU D 93 -31.79 -6.16 -15.15
N ILE D 94 -31.88 -4.84 -15.09
CA ILE D 94 -31.72 -4.13 -13.81
C ILE D 94 -32.90 -4.28 -12.86
N ARG D 95 -33.94 -5.01 -13.29
CA ARG D 95 -35.00 -5.38 -12.35
C ARG D 95 -34.51 -6.41 -11.34
N HIS D 96 -33.37 -7.04 -11.63
CA HIS D 96 -32.76 -7.98 -10.69
C HIS D 96 -32.00 -7.18 -9.63
N ARG D 97 -32.56 -7.16 -8.42
CA ARG D 97 -32.07 -6.26 -7.38
C ARG D 97 -30.85 -6.78 -6.62
N HIS D 98 -30.50 -8.05 -6.82
CA HIS D 98 -29.34 -8.57 -6.13
C HIS D 98 -28.03 -8.59 -6.92
N PHE D 99 -27.98 -7.75 -7.96
CA PHE D 99 -26.74 -7.46 -8.64
C PHE D 99 -26.33 -6.00 -8.37
N SER D 100 -25.09 -5.69 -8.72
CA SER D 100 -24.60 -4.32 -8.75
C SER D 100 -24.24 -3.95 -10.20
N TYR D 101 -24.57 -2.74 -10.60
CA TYR D 101 -24.44 -2.32 -11.99
C TYR D 101 -23.66 -1.02 -12.11
N SER D 102 -22.94 -0.90 -13.21
CA SER D 102 -22.37 0.36 -13.61
C SER D 102 -22.58 0.45 -15.11
N GLN D 103 -23.37 1.43 -15.52
CA GLN D 103 -23.86 1.48 -16.89
C GLN D 103 -23.57 2.79 -17.61
N LEU D 104 -23.25 2.67 -18.90
CA LEU D 104 -23.12 3.79 -19.83
C LEU D 104 -24.30 4.77 -19.71
N SER D 105 -23.97 6.03 -19.47
CA SER D 105 -24.94 7.08 -19.27
C SER D 105 -25.21 7.87 -20.55
N GLN D 106 -26.47 7.93 -20.98
CA GLN D 106 -26.89 8.82 -22.07
C GLN D 106 -26.92 10.30 -21.63
N ARG D 107 -27.14 10.55 -20.33
CA ARG D 107 -27.02 11.92 -19.80
C ARG D 107 -25.61 12.50 -19.94
N TYR D 108 -24.61 11.62 -19.82
CA TYR D 108 -23.21 12.04 -19.72
C TYR D 108 -22.38 11.81 -20.98
N VAL D 109 -22.80 10.86 -21.82
CA VAL D 109 -22.01 10.48 -23.00
C VAL D 109 -22.67 10.97 -24.30
N PRO D 110 -21.94 11.80 -25.09
CA PRO D 110 -22.41 12.22 -26.42
C PRO D 110 -22.83 11.01 -27.25
N GLU D 111 -24.06 11.00 -27.75
CA GLU D 111 -24.57 9.80 -28.44
C GLU D 111 -24.40 9.92 -29.97
N LYS D 112 -23.26 10.48 -30.38
CA LYS D 112 -22.93 10.58 -31.80
C LYS D 112 -22.30 9.27 -32.27
N ASP D 113 -22.84 8.72 -33.35
CA ASP D 113 -22.46 7.38 -33.84
C ASP D 113 -22.78 6.31 -32.79
N SER D 114 -24.03 6.28 -32.34
CA SER D 114 -24.51 5.19 -31.49
C SER D 114 -24.78 3.98 -32.37
N ARG D 115 -24.51 2.80 -31.83
CA ARG D 115 -24.90 1.58 -32.51
C ARG D 115 -26.32 1.16 -32.11
N VAL D 116 -26.88 0.24 -32.88
CA VAL D 116 -28.19 -0.35 -32.57
C VAL D 116 -28.06 -1.87 -32.47
N VAL D 117 -28.80 -2.45 -31.52
CA VAL D 117 -28.84 -3.91 -31.39
C VAL D 117 -30.08 -4.45 -32.11
N VAL D 118 -29.87 -5.40 -33.02
CA VAL D 118 -30.99 -6.01 -33.75
C VAL D 118 -31.68 -7.07 -32.88
N PRO D 119 -33.01 -6.95 -32.70
CA PRO D 119 -33.76 -7.97 -31.97
C PRO D 119 -33.54 -9.33 -32.63
N PRO D 120 -33.13 -10.33 -31.82
CA PRO D 120 -32.82 -11.67 -32.33
C PRO D 120 -33.93 -12.25 -33.21
N GLY D 121 -35.16 -11.85 -32.94
CA GLY D 121 -36.33 -12.29 -33.73
C GLY D 121 -36.35 -11.81 -35.18
N GLU D 123 -33.13 -10.99 -36.77
CA GLU D 123 -31.75 -11.10 -37.22
C GLU D 123 -31.55 -11.76 -38.59
N ASP D 124 -32.44 -12.70 -38.93
CA ASP D 124 -32.35 -13.41 -40.21
C ASP D 124 -33.19 -12.77 -41.33
N ASP D 125 -33.83 -11.66 -41.03
CA ASP D 125 -34.74 -11.01 -41.96
C ASP D 125 -34.16 -9.68 -42.41
N ALA D 126 -33.54 -9.67 -43.59
CA ALA D 126 -32.84 -8.51 -44.13
C ALA D 126 -33.78 -7.30 -44.31
N ASP D 127 -35.03 -7.59 -44.68
CA ASP D 127 -36.07 -6.56 -44.85
C ASP D 127 -36.42 -5.88 -43.52
N LEU D 128 -36.63 -6.69 -42.49
CA LEU D 128 -36.93 -6.20 -41.15
C LEU D 128 -35.75 -5.44 -40.57
N ARG D 129 -34.54 -5.96 -40.76
CA ARG D 129 -33.31 -5.24 -40.36
C ARG D 129 -33.24 -3.85 -40.97
N HIS D 130 -33.48 -3.74 -42.28
CA HIS D 130 -33.43 -2.46 -42.99
C HIS D 130 -34.45 -1.43 -42.45
N ILE D 131 -35.68 -1.88 -42.21
CA ILE D 131 -36.71 -1.01 -41.63
C ILE D 131 -36.23 -0.47 -40.29
N LEU D 132 -35.61 -1.34 -39.50
CA LEU D 132 -35.05 -0.94 -38.20
C LEU D 132 -33.90 0.08 -38.34
N THR D 133 -32.93 -0.23 -39.19
CA THR D 133 -31.71 0.59 -39.25
C THR D 133 -31.95 2.00 -39.81
N GLU D 134 -32.93 2.14 -40.69
CA GLU D 134 -33.18 3.51 -41.18
C GLU D 134 -34.06 4.29 -40.22
N ALA D 135 -34.93 3.59 -39.49
CA ALA D 135 -35.64 4.18 -38.37
C ALA D 135 -34.64 4.73 -37.35
N ALA D 136 -33.67 3.91 -36.97
CA ALA D 136 -32.58 4.34 -36.08
C ALA D 136 -31.83 5.55 -36.64
N ASP D 137 -31.51 5.50 -37.93
CA ASP D 137 -30.88 6.63 -38.62
C ASP D 137 -31.70 7.93 -38.54
N ALA D 138 -33.02 7.84 -38.73
CA ALA D 138 -33.92 9.01 -38.62
C ALA D 138 -33.93 9.59 -37.21
N ALA D 139 -33.97 8.70 -36.20
CA ALA D 139 -33.93 9.13 -34.80
C ALA D 139 -32.65 9.89 -34.44
N ARG D 140 -31.49 9.39 -34.85
CA ARG D 140 -30.21 10.09 -34.65
C ARG D 140 -30.16 11.46 -35.33
N ALA D 141 -30.78 11.56 -36.50
CA ALA D 141 -30.90 12.83 -37.20
C ALA D 141 -31.76 13.80 -36.38
N THR D 142 -32.89 13.31 -35.86
CA THR D 142 -33.74 14.12 -34.98
C THR D 142 -32.98 14.54 -33.72
N TYR D 143 -32.20 13.61 -33.16
CA TYR D 143 -31.38 13.86 -31.97
C TYR D 143 -30.44 15.05 -32.16
N SER D 144 -29.68 15.04 -33.25
CA SER D 144 -28.74 16.10 -33.58
C SER D 144 -29.46 17.43 -33.73
N GLU D 145 -30.66 17.39 -34.30
CA GLU D 145 -31.45 18.60 -34.52
C GLU D 145 -31.90 19.23 -33.20
N LEU D 146 -32.42 18.39 -32.30
CA LEU D 146 -32.81 18.83 -30.96
C LEU D 146 -31.63 19.34 -30.14
N LEU D 147 -30.53 18.58 -30.15
CA LEU D 147 -29.35 18.91 -29.37
C LEU D 147 -28.90 20.34 -29.66
N ALA D 148 -28.79 20.65 -30.95
CA ALA D 148 -28.32 21.96 -31.41
C ALA D 148 -29.25 23.07 -30.93
N LYS D 149 -30.56 22.83 -31.05
CA LYS D 149 -31.55 23.78 -30.59
C LYS D 149 -31.58 23.90 -29.08
N LEU D 150 -31.37 22.78 -28.38
CA LEU D 150 -31.36 22.76 -26.93
C LEU D 150 -30.15 23.50 -26.35
N GLU D 151 -28.97 23.29 -26.94
CA GLU D 151 -27.77 24.02 -26.54
C GLU D 151 -27.93 25.52 -26.77
N ALA D 152 -28.57 25.89 -27.87
CA ALA D 152 -28.95 27.27 -28.14
C ALA D 152 -29.95 27.80 -27.11
N LYS D 153 -30.92 26.97 -26.74
CA LYS D 153 -31.95 27.36 -25.75
C LYS D 153 -31.37 27.65 -24.36
N PHE D 154 -30.44 26.80 -23.94
CA PHE D 154 -29.83 26.89 -22.62
C PHE D 154 -28.58 27.79 -22.64
N ALA D 155 -28.42 28.53 -23.75
CA ALA D 155 -27.25 29.40 -23.98
C ALA D 155 -26.88 30.27 -22.77
N ASP D 156 -27.89 30.70 -22.01
CA ASP D 156 -27.68 31.51 -20.81
C ASP D 156 -26.81 30.82 -19.75
N GLN D 157 -27.07 29.53 -19.50
CA GLN D 157 -26.37 28.73 -18.48
C GLN D 157 -24.84 28.87 -18.55
N PRO D 158 -24.23 29.51 -17.53
CA PRO D 158 -22.79 29.83 -17.47
C PRO D 158 -21.86 28.62 -17.49
N ASN D 159 -22.26 27.54 -16.82
CA ASN D 159 -21.48 26.29 -16.83
C ASN D 159 -21.72 25.54 -18.14
N ALA D 160 -20.68 25.45 -18.98
CA ALA D 160 -20.78 24.82 -20.29
C ALA D 160 -20.95 23.29 -20.23
N ILE D 161 -20.33 22.66 -19.23
CA ILE D 161 -20.48 21.22 -19.03
C ILE D 161 -21.94 20.89 -18.70
N LEU D 162 -22.49 21.63 -17.74
CA LEU D 162 -23.88 21.52 -17.33
C LEU D 162 -24.83 21.89 -18.47
N ARG D 163 -24.42 22.82 -19.31
CA ARG D 163 -25.21 23.19 -20.49
C ARG D 163 -25.38 22.04 -21.48
N ARG D 164 -24.27 21.37 -21.82
CA ARG D 164 -24.31 20.20 -22.72
C ARG D 164 -25.15 19.08 -22.12
N LYS D 165 -25.05 18.91 -20.80
CA LYS D 165 -25.74 17.84 -20.09
C LYS D 165 -27.26 18.07 -20.12
N GLN D 166 -27.69 19.28 -19.81
CA GLN D 166 -29.10 19.67 -19.91
C GLN D 166 -29.66 19.45 -21.31
N ALA D 167 -28.86 19.77 -22.32
CA ALA D 167 -29.25 19.55 -23.72
C ALA D 167 -29.32 18.07 -24.02
N ARG D 168 -28.25 17.34 -23.68
CA ARG D 168 -28.15 15.90 -23.95
C ARG D 168 -29.26 15.08 -23.28
N GLN D 169 -29.60 15.40 -22.03
CA GLN D 169 -30.62 14.61 -21.31
C GLN D 169 -32.02 14.78 -21.91
N ALA D 170 -32.29 15.97 -22.43
CA ALA D 170 -33.53 16.23 -23.14
C ALA D 170 -33.51 15.62 -24.55
N ALA D 171 -32.37 15.75 -25.27
CA ALA D 171 -32.27 15.25 -26.67
C ALA D 171 -32.42 13.72 -26.79
N ARG D 172 -31.84 13.01 -25.82
CA ARG D 172 -31.97 11.54 -25.64
C ARG D 172 -33.43 11.04 -25.73
N ALA D 173 -34.39 11.95 -25.60
CA ALA D 173 -35.81 11.59 -25.67
C ALA D 173 -36.19 10.81 -26.95
N VAL D 174 -35.49 11.05 -28.06
CA VAL D 174 -35.86 10.40 -29.33
C VAL D 174 -35.08 9.11 -29.60
N PRO D 176 -34.13 5.38 -29.66
CA PRO D 176 -34.92 4.15 -29.60
C PRO D 176 -34.46 3.15 -28.53
N ASN D 177 -35.37 2.23 -28.19
CA ASN D 177 -35.08 1.10 -27.33
C ASN D 177 -33.87 0.32 -27.79
N ALA D 178 -33.76 0.13 -29.11
CA ALA D 178 -32.68 -0.66 -29.73
C ALA D 178 -31.28 -0.09 -29.56
N THR D 179 -31.17 1.19 -29.17
CA THR D 179 -29.88 1.84 -28.93
C THR D 179 -28.99 0.94 -28.06
N GLU D 180 -27.72 0.80 -28.47
CA GLU D 180 -26.76 0.02 -27.73
C GLU D 180 -26.40 0.70 -26.42
N THR D 181 -26.21 -0.12 -25.39
CA THR D 181 -25.67 0.37 -24.13
C THR D 181 -24.59 -0.63 -23.67
N ARG D 182 -23.85 -0.25 -22.64
CA ARG D 182 -22.76 -1.09 -22.12
C ARG D 182 -22.81 -1.07 -20.60
N ILE D 183 -22.59 -2.24 -20.01
CA ILE D 183 -22.85 -2.41 -18.57
C ILE D 183 -21.90 -3.40 -17.91
N VAL D 184 -21.41 -3.01 -16.74
CA VAL D 184 -20.73 -3.92 -15.82
C VAL D 184 -21.80 -4.50 -14.85
N VAL D 185 -21.88 -5.83 -14.79
CA VAL D 185 -22.81 -6.54 -13.89
C VAL D 185 -22.02 -7.47 -12.98
N THR D 186 -22.26 -7.31 -11.67
CA THR D 186 -21.62 -8.10 -10.62
C THR D 186 -22.68 -8.79 -9.77
N GLY D 187 -22.47 -10.07 -9.52
CA GLY D 187 -23.41 -10.82 -8.70
C GLY D 187 -22.71 -12.02 -8.11
N ASN D 188 -23.24 -12.51 -7.01
CA ASN D 188 -22.71 -13.74 -6.41
C ASN D 188 -23.35 -14.94 -7.11
N TYR D 189 -22.91 -16.15 -6.77
CA TYR D 189 -23.31 -17.35 -7.49
C TYR D 189 -24.81 -17.60 -7.36
N ARG D 190 -25.35 -17.27 -6.19
CA ARG D 190 -26.78 -17.44 -5.94
C ARG D 190 -27.59 -16.49 -6.80
N ALA D 191 -27.16 -15.23 -6.90
CA ALA D 191 -27.86 -14.27 -7.76
C ALA D 191 -27.78 -14.68 -9.23
N TRP D 192 -26.59 -15.09 -9.69
CA TRP D 192 -26.41 -15.61 -11.06
C TRP D 192 -27.34 -16.78 -11.41
N ARG D 193 -27.44 -17.76 -10.52
CA ARG D 193 -28.34 -18.91 -10.71
C ARG D 193 -29.80 -18.49 -10.86
N HIS D 194 -30.24 -17.55 -10.02
CA HIS D 194 -31.61 -17.06 -10.09
C HIS D 194 -31.84 -16.33 -11.41
N PHE D 195 -30.87 -15.53 -11.84
CA PHE D 195 -30.97 -14.81 -13.11
C PHE D 195 -31.13 -15.80 -14.30
N ILE D 196 -30.26 -16.79 -14.36
CA ILE D 196 -30.29 -17.82 -15.40
C ILE D 196 -31.64 -18.56 -15.39
N ALA D 197 -32.09 -19.00 -14.21
CA ALA D 197 -33.39 -19.67 -14.08
C ALA D 197 -34.54 -18.82 -14.66
N ARG D 199 -34.34 -16.00 -16.70
CA ARG D 199 -34.17 -15.40 -18.01
C ARG D 199 -33.75 -16.34 -19.14
N ALA D 200 -33.31 -17.55 -18.81
CA ALA D 200 -32.92 -18.53 -19.83
C ALA D 200 -34.07 -19.52 -19.99
N SER D 201 -35.24 -18.96 -20.20
CA SER D 201 -36.49 -19.69 -20.15
C SER D 201 -37.29 -19.19 -21.34
N GLU D 202 -38.22 -20.02 -21.83
CA GLU D 202 -39.02 -19.63 -23.00
C GLU D 202 -39.92 -18.42 -22.74
N HIS D 203 -40.29 -18.21 -21.49
CA HIS D 203 -41.13 -17.09 -21.09
C HIS D 203 -40.46 -15.72 -21.33
N ALA D 204 -39.12 -15.69 -21.23
CA ALA D 204 -38.34 -14.45 -21.35
C ALA D 204 -38.16 -13.96 -22.79
N ASP D 205 -38.03 -12.64 -22.96
CA ASP D 205 -37.60 -12.02 -24.22
C ASP D 205 -36.38 -12.78 -24.76
N VAL D 206 -36.28 -12.91 -26.09
CA VAL D 206 -35.18 -13.67 -26.67
C VAL D 206 -33.81 -12.99 -26.52
N GLU D 207 -33.80 -11.67 -26.45
CA GLU D 207 -32.53 -10.94 -26.25
C GLU D 207 -31.91 -11.17 -24.86
N ILE D 208 -32.70 -11.05 -23.79
CA ILE D 208 -32.17 -11.32 -22.45
C ILE D 208 -31.88 -12.81 -22.25
N ARG D 209 -32.68 -13.66 -22.92
CA ARG D 209 -32.46 -15.11 -22.90
C ARG D 209 -31.08 -15.47 -23.43
N ARG D 210 -30.70 -14.84 -24.54
CA ARG D 210 -29.38 -15.02 -25.17
C ARG D 210 -28.24 -14.57 -24.26
N LEU D 211 -28.44 -13.44 -23.60
CA LEU D 211 -27.50 -12.99 -22.58
C LEU D 211 -27.37 -14.01 -21.46
N ALA D 212 -28.50 -14.52 -20.96
CA ALA D 212 -28.51 -15.47 -19.85
C ALA D 212 -27.82 -16.79 -20.19
N ILE D 213 -27.98 -17.26 -21.43
CA ILE D 213 -27.31 -18.50 -21.87
C ILE D 213 -25.81 -18.28 -21.91
N GLU D 214 -25.39 -17.13 -22.43
CA GLU D 214 -23.96 -16.87 -22.59
C GLU D 214 -23.29 -16.68 -21.23
N CYS D 215 -23.96 -15.95 -20.34
CA CYS D 215 -23.52 -15.87 -18.95
C CYS D 215 -23.38 -17.27 -18.34
N LEU D 216 -24.40 -18.11 -18.48
CA LEU D 216 -24.36 -19.48 -18.02
C LEU D 216 -23.14 -20.27 -18.52
N ARG D 217 -22.85 -20.19 -19.82
CA ARG D 217 -21.72 -20.91 -20.40
C ARG D 217 -20.41 -20.50 -19.75
N GLN D 218 -20.24 -19.20 -19.53
CA GLN D 218 -19.00 -18.70 -18.92
C GLN D 218 -18.88 -19.06 -17.44
N LEU D 219 -19.99 -18.91 -16.70
CA LEU D 219 -20.06 -19.34 -15.29
C LEU D 219 -19.81 -20.85 -15.07
N ALA D 220 -20.46 -21.69 -15.88
CA ALA D 220 -20.20 -23.14 -15.86
C ALA D 220 -18.73 -23.48 -16.12
N ALA D 221 -18.04 -22.65 -16.89
CA ALA D 221 -16.60 -22.85 -17.14
C ALA D 221 -15.76 -22.42 -15.94
N VAL D 222 -16.27 -21.45 -15.17
CA VAL D 222 -15.60 -20.96 -13.95
C VAL D 222 -15.92 -21.80 -12.72
N ALA D 223 -17.18 -22.21 -12.59
CA ALA D 223 -17.62 -23.02 -11.45
C ALA D 223 -18.51 -24.17 -11.90
N PRO D 224 -17.91 -25.18 -12.58
CA PRO D 224 -18.68 -26.31 -13.12
C PRO D 224 -19.71 -26.90 -12.15
N ALA D 225 -19.29 -27.23 -10.93
CA ALA D 225 -20.16 -27.87 -9.94
C ALA D 225 -21.39 -27.03 -9.54
N VAL D 226 -21.23 -25.71 -9.55
CA VAL D 226 -22.32 -24.80 -9.18
C VAL D 226 -23.38 -24.64 -10.29
N PHE D 227 -22.93 -24.70 -11.54
CA PHE D 227 -23.81 -24.41 -12.69
C PHE D 227 -24.08 -25.60 -13.61
N ALA D 228 -23.76 -26.81 -13.13
CA ALA D 228 -23.90 -28.05 -13.92
C ALA D 228 -25.33 -28.51 -14.10
N ASP D 229 -26.16 -28.28 -13.09
CA ASP D 229 -27.53 -28.78 -13.11
C ASP D 229 -28.37 -28.14 -14.21
N PHE D 230 -27.89 -27.02 -14.77
CA PHE D 230 -28.58 -26.35 -15.86
C PHE D 230 -28.35 -27.11 -17.18
N GLU D 231 -29.43 -27.61 -17.77
CA GLU D 231 -29.34 -28.27 -19.08
C GLU D 231 -29.82 -27.30 -20.15
N VAL D 232 -28.98 -27.09 -21.14
CA VAL D 232 -29.28 -26.19 -22.26
C VAL D 232 -29.89 -27.01 -23.40
N THR D 233 -31.07 -26.62 -23.85
CA THR D 233 -31.73 -27.25 -24.99
C THR D 233 -32.13 -26.21 -26.04
N THR D 234 -32.03 -26.60 -27.31
CA THR D 234 -32.43 -25.75 -28.42
C THR D 234 -33.92 -25.96 -28.70
N LEU D 235 -34.67 -24.86 -28.70
CA LEU D 235 -36.11 -24.86 -29.01
C LEU D 235 -36.37 -24.98 -30.52
N ALA D 236 -37.64 -25.08 -30.87
CA ALA D 236 -38.09 -25.16 -32.27
C ALA D 236 -37.46 -24.08 -33.16
N ASP D 237 -37.60 -22.82 -32.75
CA ASP D 237 -37.07 -21.70 -33.53
C ASP D 237 -35.54 -21.58 -33.45
N GLY D 238 -34.92 -22.53 -32.76
CA GLY D 238 -33.46 -22.57 -32.70
C GLY D 238 -32.83 -21.69 -31.65
N THR D 239 -33.65 -21.08 -30.80
CA THR D 239 -33.13 -20.38 -29.62
C THR D 239 -32.89 -21.40 -28.54
N GLU D 240 -31.99 -21.09 -27.62
CA GLU D 240 -31.68 -21.98 -26.50
C GLU D 240 -32.40 -21.55 -25.24
N VAL D 241 -32.86 -22.53 -24.46
CA VAL D 241 -33.31 -22.30 -23.09
C VAL D 241 -32.47 -23.17 -22.19
N ALA D 242 -32.40 -22.80 -20.93
CA ALA D 242 -31.68 -23.58 -19.94
C ALA D 242 -32.61 -23.76 -18.77
N THR D 243 -32.68 -24.99 -18.27
CA THR D 243 -33.55 -25.34 -17.17
C THR D 243 -32.84 -26.29 -16.23
N SER D 244 -33.17 -26.18 -14.95
CA SER D 244 -32.68 -27.10 -13.94
C SER D 244 -33.88 -27.60 -13.13
N GLU E 3 19.83 -29.59 -9.10
CA GLU E 3 21.01 -29.69 -8.18
C GLU E 3 21.11 -28.51 -7.24
N THR E 4 21.46 -28.77 -5.99
CA THR E 4 21.55 -27.71 -5.00
C THR E 4 23.00 -27.33 -4.69
N ALA E 5 23.20 -26.12 -4.15
CA ALA E 5 24.53 -25.67 -3.80
C ALA E 5 24.57 -25.23 -2.34
N PRO E 6 25.46 -25.87 -1.53
CA PRO E 6 25.59 -25.51 -0.12
C PRO E 6 26.42 -24.25 0.01
N LEU E 7 26.18 -23.48 1.07
CA LEU E 7 27.00 -22.32 1.34
C LEU E 7 28.47 -22.71 1.57
N ARG E 8 29.37 -22.03 0.87
CA ARG E 8 30.79 -22.19 1.10
C ARG E 8 31.41 -20.79 1.16
N VAL E 9 32.19 -20.56 2.21
CA VAL E 9 32.91 -19.29 2.39
C VAL E 9 34.42 -19.60 2.44
N GLN E 10 35.16 -19.05 1.48
CA GLN E 10 36.61 -19.31 1.42
C GLN E 10 37.38 -18.00 1.58
N LEU E 11 38.29 -17.98 2.55
CA LEU E 11 39.12 -16.80 2.83
C LEU E 11 40.25 -16.77 1.81
N ILE E 12 40.25 -15.75 0.95
CA ILE E 12 41.18 -15.68 -0.17
C ILE E 12 42.23 -14.57 -0.10
N ALA E 13 42.03 -13.58 0.76
CA ALA E 13 42.99 -12.50 0.89
C ALA E 13 42.96 -11.84 2.26
N LYS E 14 44.13 -11.42 2.72
CA LYS E 14 44.23 -10.64 3.95
C LYS E 14 45.47 -9.76 3.94
N THR E 15 45.52 -8.84 4.90
CA THR E 15 46.60 -7.87 4.98
C THR E 15 47.92 -8.52 5.36
N ASP E 16 48.98 -8.19 4.64
CA ASP E 16 50.34 -8.52 5.03
C ASP E 16 51.01 -7.24 5.57
N PHE E 17 51.73 -7.34 6.69
CA PHE E 17 52.28 -6.16 7.37
C PHE E 17 53.80 -6.22 7.54
N LEU E 18 54.49 -5.12 7.23
CA LEU E 18 55.91 -4.97 7.58
C LEU E 18 56.13 -3.62 8.25
N ALA E 19 56.54 -3.64 9.52
CA ALA E 19 56.79 -2.42 10.28
C ALA E 19 57.96 -1.63 9.66
N PRO E 20 57.88 -0.28 9.67
CA PRO E 20 58.99 0.56 9.22
C PRO E 20 60.16 0.33 10.17
N PRO E 21 61.38 0.13 9.64
CA PRO E 21 62.47 -0.33 10.51
C PRO E 21 63.03 0.74 11.45
N ASP E 22 62.82 2.03 11.12
CA ASP E 22 63.33 3.12 11.96
C ASP E 22 62.35 3.55 13.05
N VAL E 23 61.20 2.86 13.16
CA VAL E 23 60.27 3.12 14.26
C VAL E 23 60.61 2.17 15.39
N PRO E 24 60.87 2.71 16.60
CA PRO E 24 61.23 1.87 17.74
C PRO E 24 60.02 1.14 18.33
N TRP E 25 59.49 0.18 17.60
CA TRP E 25 58.27 -0.50 18.04
C TRP E 25 58.20 -1.93 17.55
N THR E 26 57.77 -2.83 18.43
CA THR E 26 57.53 -4.23 18.07
C THR E 26 56.25 -4.69 18.75
N THR E 27 55.62 -5.74 18.22
CA THR E 27 54.42 -6.29 18.87
C THR E 27 54.34 -7.81 18.76
N ASP E 28 53.48 -8.43 19.56
CA ASP E 28 53.31 -9.89 19.59
C ASP E 28 52.29 -10.39 18.56
N ALA E 29 52.43 -9.92 17.33
CA ALA E 29 51.47 -10.20 16.25
C ALA E 29 51.99 -9.71 14.91
N ASP E 30 51.44 -10.24 13.82
CA ASP E 30 51.73 -9.68 12.50
C ASP E 30 50.43 -9.44 11.70
N GLY E 31 50.56 -9.13 10.42
CA GLY E 31 49.39 -8.95 9.55
C GLY E 31 48.48 -7.82 9.98
N GLY E 32 47.20 -7.97 9.69
CA GLY E 32 46.20 -6.96 10.02
C GLY E 32 46.14 -6.47 11.45
N PRO E 33 46.15 -7.40 12.45
CA PRO E 33 46.14 -6.95 13.85
C PRO E 33 47.33 -6.07 14.26
N ALA E 34 48.53 -6.36 13.75
CA ALA E 34 49.71 -5.51 13.99
C ALA E 34 49.65 -4.15 13.28
N LEU E 35 49.13 -4.16 12.04
CA LEU E 35 48.90 -2.91 11.30
C LEU E 35 47.97 -1.97 12.04
N VAL E 36 46.87 -2.52 12.58
CA VAL E 36 45.93 -1.74 13.40
C VAL E 36 46.61 -1.13 14.64
N GLU E 37 47.42 -1.92 15.35
CA GLU E 37 48.13 -1.38 16.51
C GLU E 37 49.10 -0.27 16.10
N PHE E 38 49.86 -0.52 15.03
CA PHE E 38 50.76 0.50 14.49
C PHE E 38 50.03 1.81 14.15
N ALA E 39 48.90 1.72 13.45
CA ALA E 39 48.16 2.93 13.04
C ALA E 39 47.68 3.74 14.25
N GLY E 40 47.16 3.04 15.26
CA GLY E 40 46.68 3.66 16.50
C GLY E 40 47.81 4.37 17.23
N ARG E 41 48.98 3.74 17.27
CA ARG E 41 50.13 4.28 17.99
C ARG E 41 50.71 5.48 17.26
N ALA E 42 50.64 5.46 15.93
CA ALA E 42 51.06 6.62 15.13
C ALA E 42 50.32 7.91 15.44
N CYS E 43 49.06 7.83 15.86
CA CYS E 43 48.27 9.01 16.23
C CYS E 43 48.86 9.70 17.46
N TYR E 44 49.44 8.91 18.35
CA TYR E 44 50.01 9.42 19.59
C TYR E 44 51.54 9.42 19.57
N GLN E 45 52.12 8.85 18.52
CA GLN E 45 53.55 8.49 18.47
C GLN E 45 53.99 7.80 19.75
N SER E 46 53.15 6.91 20.25
CA SER E 46 53.40 6.20 21.50
C SER E 46 54.01 4.82 21.24
N TRP E 47 55.29 4.80 20.90
CA TRP E 47 55.95 3.56 20.48
C TRP E 47 56.39 2.66 21.63
N SER E 48 56.64 3.24 22.80
CA SER E 48 57.00 2.46 23.98
C SER E 48 55.76 1.87 24.64
N LYS E 49 55.95 0.94 25.57
CA LYS E 49 54.86 0.18 26.17
C LYS E 49 54.82 0.30 27.71
N PRO E 50 54.40 1.47 28.22
CA PRO E 50 54.47 1.71 29.66
C PRO E 50 53.36 1.01 30.44
N ASN E 51 52.32 0.58 29.72
CA ASN E 51 51.15 -0.05 30.31
C ASN E 51 50.99 -1.52 29.89
N PRO E 52 51.18 -2.45 30.84
CA PRO E 52 50.96 -3.90 30.65
C PRO E 52 49.55 -4.27 30.19
N LYS E 53 48.57 -3.42 30.48
CA LYS E 53 47.18 -3.63 30.03
C LYS E 53 47.05 -3.52 28.51
N THR E 54 47.82 -2.61 27.91
CA THR E 54 47.81 -2.40 26.47
C THR E 54 49.18 -2.77 25.85
N ALA E 55 49.97 -3.55 26.58
CA ALA E 55 51.30 -3.98 26.13
C ALA E 55 51.27 -5.21 25.24
N THR E 56 50.15 -5.93 25.22
CA THR E 56 49.95 -6.98 24.23
C THR E 56 49.13 -6.40 23.08
N ASN E 57 49.30 -6.95 21.89
CA ASN E 57 48.50 -6.56 20.72
C ASN E 57 47.02 -6.76 20.96
N ALA E 58 46.65 -7.94 21.47
CA ALA E 58 45.26 -8.23 21.81
C ALA E 58 44.72 -7.24 22.85
N GLY E 59 45.58 -6.85 23.79
CA GLY E 59 45.23 -5.86 24.81
C GLY E 59 45.06 -4.46 24.27
N TYR E 60 45.97 -4.04 23.40
CA TYR E 60 45.88 -2.73 22.76
C TYR E 60 44.63 -2.63 21.87
N LEU E 61 44.34 -3.70 21.13
CA LEU E 61 43.16 -3.74 20.24
C LEU E 61 41.84 -3.69 21.01
N ARG E 62 41.73 -4.51 22.06
CA ARG E 62 40.58 -4.47 22.97
C ARG E 62 40.35 -3.06 23.50
N HIS E 63 41.42 -2.36 23.82
CA HIS E 63 41.34 -0.98 24.30
C HIS E 63 40.91 0.02 23.24
N ILE E 64 41.45 -0.12 22.04
CA ILE E 64 41.00 0.68 20.89
C ILE E 64 39.47 0.72 20.81
N ASP E 66 37.10 -0.29 23.23
CA ASP E 66 36.46 0.25 24.45
C ASP E 66 36.34 1.78 24.43
N VAL E 67 37.31 2.44 23.81
CA VAL E 67 37.30 3.90 23.71
C VAL E 67 36.67 4.39 22.38
N GLY E 68 36.15 3.43 21.60
CA GLY E 68 35.40 3.72 20.38
C GLY E 68 36.21 4.29 19.22
N HIS E 69 37.51 3.99 19.20
CA HIS E 69 38.38 4.47 18.12
C HIS E 69 38.32 3.56 16.87
N PHE E 70 37.11 3.36 16.36
CA PHE E 70 36.86 2.32 15.35
C PHE E 70 37.51 2.52 13.98
N SER E 71 37.76 3.78 13.60
CA SER E 71 38.31 4.08 12.27
C SER E 71 39.70 3.46 12.04
N VAL E 72 40.38 3.13 13.14
CA VAL E 72 41.72 2.51 13.06
C VAL E 72 41.64 1.06 12.53
N LEU E 73 40.49 0.40 12.76
CA LEU E 73 40.25 -0.97 12.25
C LEU E 73 40.24 -0.99 10.74
N GLU E 74 39.96 0.16 10.13
CA GLU E 74 39.83 0.28 8.67
C GLU E 74 41.07 -0.04 7.85
N HIS E 75 42.24 -0.03 8.48
CA HIS E 75 43.49 -0.26 7.75
C HIS E 75 43.66 -1.70 7.26
N ALA E 76 43.12 -2.67 8.00
CA ALA E 76 43.25 -4.10 7.63
C ALA E 76 41.99 -4.61 6.94
N SER E 77 42.19 -5.44 5.91
CA SER E 77 41.06 -5.99 5.18
C SER E 77 41.16 -7.49 4.96
N VAL E 78 40.00 -8.10 4.68
CA VAL E 78 39.89 -9.52 4.41
C VAL E 78 38.98 -9.69 3.18
N SER E 79 39.34 -10.60 2.27
CA SER E 79 38.48 -10.96 1.13
C SER E 79 38.04 -12.41 1.23
N PHE E 80 36.77 -12.64 0.87
CA PHE E 80 36.22 -14.00 0.76
C PHE E 80 35.67 -14.28 -0.63
N TYR E 81 35.79 -15.53 -1.07
CA TYR E 81 35.02 -16.03 -2.20
C TYR E 81 33.86 -16.83 -1.62
N ILE E 82 32.65 -16.37 -1.89
CA ILE E 82 31.44 -16.99 -1.33
C ILE E 82 30.68 -17.65 -2.46
N THR E 83 30.36 -18.93 -2.29
CA THR E 83 29.51 -19.67 -3.24
C THR E 83 28.37 -20.30 -2.45
N GLY E 84 27.37 -20.84 -3.16
CA GLY E 84 26.20 -21.43 -2.51
C GLY E 84 25.36 -20.39 -1.78
N ILE E 85 25.23 -19.23 -2.42
CA ILE E 85 24.46 -18.10 -1.93
C ILE E 85 23.46 -17.73 -3.03
N SER E 86 22.21 -17.46 -2.68
CA SER E 86 21.19 -17.15 -3.67
C SER E 86 21.29 -15.72 -4.13
N ARG E 87 20.64 -15.45 -5.23
CA ARG E 87 20.50 -14.12 -5.79
C ARG E 87 19.74 -13.13 -4.88
N SER E 88 18.70 -13.62 -4.20
CA SER E 88 17.99 -12.79 -3.22
C SER E 88 18.90 -12.44 -2.02
N CYS E 89 19.74 -13.38 -1.60
CA CYS E 89 20.76 -13.09 -0.60
C CYS E 89 21.76 -12.03 -1.07
N THR E 90 22.27 -12.14 -2.29
CA THR E 90 23.20 -11.10 -2.76
C THR E 90 22.53 -9.74 -2.97
N HIS E 91 21.24 -9.74 -3.29
CA HIS E 91 20.50 -8.47 -3.43
C HIS E 91 20.48 -7.73 -2.08
N GLU E 92 20.48 -8.48 -0.99
CA GLU E 92 20.60 -7.90 0.35
C GLU E 92 22.04 -7.53 0.69
N LEU E 93 22.97 -8.49 0.51
CA LEU E 93 24.40 -8.26 0.78
C LEU E 93 24.97 -6.96 0.20
N ILE E 94 24.75 -6.76 -1.10
CA ILE E 94 25.36 -5.63 -1.80
C ILE E 94 24.79 -4.25 -1.41
N ARG E 95 23.76 -4.22 -0.56
CA ARG E 95 23.28 -2.95 0.04
C ARG E 95 24.29 -2.34 1.03
N HIS E 96 25.25 -3.15 1.47
CA HIS E 96 26.38 -2.70 2.30
C HIS E 96 27.40 -2.04 1.40
N ARG E 97 27.49 -0.72 1.52
CA ARG E 97 28.24 0.14 0.61
C ARG E 97 29.72 0.30 0.90
N HIS E 98 30.17 -0.13 2.08
CA HIS E 98 31.61 -0.15 2.38
C HIS E 98 32.32 -1.48 2.16
N PHE E 99 31.71 -2.35 1.33
CA PHE E 99 32.39 -3.52 0.80
C PHE E 99 32.72 -3.28 -0.67
N SER E 100 33.61 -4.11 -1.21
CA SER E 100 33.85 -4.19 -2.65
C SER E 100 33.43 -5.57 -3.13
N TYR E 101 32.89 -5.64 -4.35
CA TYR E 101 32.30 -6.87 -4.86
C TYR E 101 32.73 -7.17 -6.28
N SER E 102 32.91 -8.47 -6.57
CA SER E 102 32.92 -8.95 -7.93
C SER E 102 32.05 -10.20 -7.96
N GLN E 103 30.99 -10.17 -8.75
CA GLN E 103 29.96 -11.21 -8.74
C GLN E 103 29.76 -11.86 -10.10
N LEU E 104 29.50 -13.16 -10.09
CA LEU E 104 29.06 -13.91 -11.27
C LEU E 104 27.92 -13.18 -12.00
N SER E 105 28.11 -12.98 -13.30
CA SER E 105 27.15 -12.28 -14.14
C SER E 105 26.20 -13.21 -14.93
N GLN E 106 24.90 -13.08 -14.72
CA GLN E 106 23.91 -13.78 -15.54
C GLN E 106 23.85 -13.22 -16.97
N ARG E 107 24.33 -11.99 -17.16
CA ARG E 107 24.41 -11.42 -18.50
C ARG E 107 25.50 -12.12 -19.31
N TYR E 108 26.59 -12.49 -18.63
CA TYR E 108 27.75 -13.09 -19.28
C TYR E 108 27.84 -14.62 -19.15
N VAL E 109 27.26 -15.20 -18.11
CA VAL E 109 27.40 -16.64 -17.83
C VAL E 109 26.10 -17.39 -18.12
N PRO E 110 26.17 -18.39 -19.02
CA PRO E 110 25.04 -19.25 -19.34
C PRO E 110 24.52 -19.98 -18.11
N GLU E 111 23.20 -19.97 -17.90
CA GLU E 111 22.62 -20.55 -16.70
C GLU E 111 21.84 -21.86 -16.97
N LYS E 112 22.06 -22.48 -18.12
CA LYS E 112 21.40 -23.74 -18.46
C LYS E 112 21.56 -24.83 -17.39
N ASP E 113 22.72 -24.86 -16.72
CA ASP E 113 23.02 -25.90 -15.74
C ASP E 113 23.16 -25.31 -14.34
N SER E 114 22.40 -24.26 -14.05
CA SER E 114 22.53 -23.54 -12.79
C SER E 114 21.99 -24.34 -11.60
N ARG E 115 22.64 -24.16 -10.47
CA ARG E 115 22.19 -24.74 -9.22
C ARG E 115 21.20 -23.85 -8.49
N VAL E 116 20.45 -24.46 -7.59
CA VAL E 116 19.53 -23.76 -6.71
C VAL E 116 20.02 -23.79 -5.26
N VAL E 117 19.80 -22.69 -4.55
CA VAL E 117 20.12 -22.61 -3.13
C VAL E 117 18.82 -22.75 -2.31
N VAL E 118 18.80 -23.71 -1.39
CA VAL E 118 17.64 -24.00 -0.56
C VAL E 118 17.55 -23.02 0.63
N PRO E 119 16.41 -22.30 0.76
CA PRO E 119 16.26 -21.48 1.96
C PRO E 119 16.47 -22.31 3.24
N PRO E 120 17.27 -21.81 4.19
CA PRO E 120 17.46 -22.51 5.46
C PRO E 120 16.15 -22.86 6.18
N GLY E 121 15.07 -22.13 5.87
CA GLY E 121 13.75 -22.45 6.41
C GLY E 121 13.11 -23.76 5.93
N GLU E 123 15.16 -26.52 4.75
CA GLU E 123 16.22 -27.53 4.66
C GLU E 123 15.85 -28.91 5.17
N ASP E 124 15.12 -28.95 6.28
CA ASP E 124 14.73 -30.23 6.88
C ASP E 124 13.43 -30.83 6.30
N ASP E 125 12.79 -30.14 5.37
CA ASP E 125 11.53 -30.61 4.80
C ASP E 125 11.67 -31.06 3.36
N ALA E 126 11.73 -32.37 3.16
CA ALA E 126 11.87 -32.97 1.84
C ALA E 126 10.79 -32.57 0.83
N ASP E 127 9.53 -32.46 1.27
CA ASP E 127 8.43 -32.08 0.38
C ASP E 127 8.61 -30.66 -0.18
N LEU E 128 8.93 -29.73 0.72
CA LEU E 128 9.19 -28.34 0.34
C LEU E 128 10.37 -28.22 -0.61
N ARG E 129 11.43 -29.00 -0.35
CA ARG E 129 12.60 -29.00 -1.21
C ARG E 129 12.27 -29.52 -2.61
N HIS E 130 11.39 -30.52 -2.69
CA HIS E 130 10.93 -31.06 -3.97
C HIS E 130 10.11 -30.04 -4.76
N ILE E 131 9.21 -29.33 -4.07
CA ILE E 131 8.45 -28.26 -4.68
C ILE E 131 9.42 -27.22 -5.28
N LEU E 132 10.39 -26.80 -4.49
CA LEU E 132 11.43 -25.86 -4.94
C LEU E 132 12.21 -26.35 -6.16
N THR E 133 12.81 -27.53 -6.08
CA THR E 133 13.67 -28.04 -7.17
C THR E 133 12.90 -28.36 -8.45
N GLU E 134 11.62 -28.74 -8.31
CA GLU E 134 10.76 -28.94 -9.49
C GLU E 134 10.51 -27.61 -10.17
N ALA E 135 10.22 -26.58 -9.38
CA ALA E 135 10.01 -25.23 -9.88
C ALA E 135 11.27 -24.67 -10.54
N ALA E 136 12.43 -24.94 -9.94
CA ALA E 136 13.70 -24.54 -10.53
C ALA E 136 13.91 -25.21 -11.89
N ASP E 137 13.72 -26.53 -11.96
CA ASP E 137 13.78 -27.28 -13.22
C ASP E 137 12.87 -26.67 -14.29
N ALA E 138 11.63 -26.34 -13.93
CA ALA E 138 10.70 -25.68 -14.84
C ALA E 138 11.24 -24.34 -15.33
N ALA E 139 11.75 -23.51 -14.41
CA ALA E 139 12.32 -22.20 -14.77
C ALA E 139 13.51 -22.35 -15.72
N ARG E 140 14.35 -23.36 -15.45
CA ARG E 140 15.54 -23.60 -16.27
C ARG E 140 15.17 -24.05 -17.69
N ALA E 141 14.11 -24.87 -17.81
CA ALA E 141 13.59 -25.28 -19.11
C ALA E 141 13.07 -24.08 -19.91
N THR E 142 12.30 -23.23 -19.24
CA THR E 142 11.83 -21.97 -19.85
C THR E 142 13.00 -21.08 -20.28
N TYR E 143 14.02 -20.96 -19.42
CA TYR E 143 15.23 -20.20 -19.76
C TYR E 143 15.84 -20.66 -21.09
N SER E 144 16.02 -21.97 -21.23
CA SER E 144 16.68 -22.53 -22.42
C SER E 144 15.82 -22.36 -23.66
N GLU E 145 14.51 -22.52 -23.50
CA GLU E 145 13.56 -22.30 -24.57
C GLU E 145 13.62 -20.85 -25.01
N LEU E 146 13.58 -19.93 -24.04
CA LEU E 146 13.64 -18.52 -24.35
C LEU E 146 14.92 -18.15 -25.07
N LEU E 147 16.04 -18.68 -24.57
CA LEU E 147 17.36 -18.40 -25.12
C LEU E 147 17.44 -18.75 -26.60
N ALA E 148 16.97 -19.94 -26.95
CA ALA E 148 16.99 -20.43 -28.34
C ALA E 148 16.22 -19.50 -29.28
N LYS E 149 15.03 -19.07 -28.86
CA LYS E 149 14.17 -18.18 -29.64
C LYS E 149 14.70 -16.74 -29.74
N LEU E 150 15.30 -16.24 -28.66
CA LEU E 150 15.90 -14.90 -28.66
C LEU E 150 17.13 -14.85 -29.57
N GLU E 151 17.93 -15.91 -29.56
CA GLU E 151 19.05 -16.01 -30.48
C GLU E 151 18.57 -15.95 -31.94
N ALA E 152 17.50 -16.68 -32.26
CA ALA E 152 16.87 -16.59 -33.57
C ALA E 152 16.38 -15.18 -33.86
N LYS E 153 15.72 -14.55 -32.89
CA LYS E 153 15.19 -13.20 -33.05
C LYS E 153 16.28 -12.16 -33.32
N PHE E 154 17.47 -12.38 -32.76
CA PHE E 154 18.58 -11.45 -32.91
C PHE E 154 19.59 -11.93 -33.97
N ALA E 155 19.16 -12.84 -34.84
CA ALA E 155 20.05 -13.43 -35.86
C ALA E 155 20.67 -12.40 -36.81
N ASP E 156 20.00 -11.26 -36.95
CA ASP E 156 20.51 -10.14 -37.75
C ASP E 156 21.49 -9.25 -36.96
N GLN E 157 22.14 -9.83 -35.96
CA GLN E 157 23.26 -9.20 -35.28
C GLN E 157 24.51 -9.98 -35.68
N PRO E 158 25.41 -9.33 -36.45
CA PRO E 158 26.60 -10.01 -37.01
C PRO E 158 27.58 -10.50 -35.93
N ASN E 159 27.69 -9.75 -34.84
CA ASN E 159 28.54 -10.14 -33.73
C ASN E 159 27.85 -11.21 -32.88
N ALA E 160 28.33 -12.45 -32.99
CA ALA E 160 27.71 -13.60 -32.33
C ALA E 160 27.83 -13.57 -30.80
N ILE E 161 28.90 -12.96 -30.29
CA ILE E 161 29.10 -12.82 -28.85
C ILE E 161 28.09 -11.84 -28.23
N LEU E 162 27.93 -10.69 -28.88
CA LEU E 162 26.94 -9.68 -28.51
C LEU E 162 25.51 -10.24 -28.63
N ARG E 163 25.25 -10.99 -29.70
CA ARG E 163 23.96 -11.65 -29.92
C ARG E 163 23.58 -12.57 -28.75
N ARG E 164 24.53 -13.40 -28.31
CA ARG E 164 24.30 -14.34 -27.22
C ARG E 164 24.04 -13.61 -25.89
N LYS E 165 24.78 -12.54 -25.65
CA LYS E 165 24.57 -11.71 -24.48
C LYS E 165 23.18 -11.08 -24.47
N GLN E 166 22.76 -10.51 -25.60
CA GLN E 166 21.44 -9.89 -25.70
C GLN E 166 20.33 -10.90 -25.40
N ALA E 167 20.52 -12.12 -25.89
CA ALA E 167 19.59 -13.21 -25.63
C ALA E 167 19.61 -13.65 -24.15
N ARG E 168 20.81 -13.83 -23.61
CA ARG E 168 20.99 -14.27 -22.22
C ARG E 168 20.36 -13.33 -21.19
N GLN E 169 20.61 -12.03 -21.34
CA GLN E 169 20.11 -11.03 -20.40
C GLN E 169 18.58 -10.95 -20.39
N ALA E 170 17.95 -11.22 -21.53
CA ALA E 170 16.48 -11.28 -21.61
C ALA E 170 15.96 -12.61 -21.03
N ALA E 171 16.60 -13.72 -21.41
CA ALA E 171 16.19 -15.05 -20.95
C ALA E 171 16.30 -15.23 -19.44
N ARG E 172 17.32 -14.60 -18.84
CA ARG E 172 17.54 -14.52 -17.37
C ARG E 172 16.28 -14.10 -16.60
N ALA E 173 15.30 -13.53 -17.30
CA ALA E 173 14.09 -13.02 -16.68
C ALA E 173 13.36 -14.06 -15.85
N VAL E 174 13.34 -15.30 -16.32
CA VAL E 174 12.58 -16.40 -15.67
C VAL E 174 13.34 -17.10 -14.54
N PRO E 176 14.85 -17.90 -11.01
CA PRO E 176 14.34 -17.58 -9.68
C PRO E 176 15.35 -16.91 -8.74
N ASN E 177 14.82 -16.31 -7.66
CA ASN E 177 15.59 -15.73 -6.56
C ASN E 177 16.59 -16.72 -5.98
N ALA E 178 16.18 -17.99 -5.93
CA ALA E 178 17.01 -19.05 -5.35
C ALA E 178 18.19 -19.51 -6.24
N THR E 179 18.29 -18.97 -7.46
CA THR E 179 19.41 -19.31 -8.35
C THR E 179 20.75 -19.04 -7.64
N GLU E 180 21.66 -20.01 -7.70
CA GLU E 180 22.98 -19.83 -7.08
C GLU E 180 23.73 -18.73 -7.78
N THR E 181 24.48 -17.96 -7.00
CA THR E 181 25.42 -16.99 -7.53
C THR E 181 26.73 -17.16 -6.76
N ARG E 182 27.76 -16.44 -7.17
CA ARG E 182 29.08 -16.57 -6.54
C ARG E 182 29.71 -15.19 -6.57
N ILE E 183 30.43 -14.84 -5.52
CA ILE E 183 30.84 -13.47 -5.31
C ILE E 183 32.15 -13.36 -4.51
N VAL E 184 33.01 -12.42 -4.92
CA VAL E 184 34.16 -12.05 -4.11
C VAL E 184 33.73 -10.83 -3.29
N VAL E 185 33.91 -10.91 -1.97
CA VAL E 185 33.60 -9.79 -1.07
C VAL E 185 34.82 -9.35 -0.27
N THR E 186 35.12 -8.06 -0.34
CA THR E 186 36.28 -7.48 0.36
C THR E 186 35.81 -6.33 1.25
N GLY E 187 36.27 -6.35 2.50
CA GLY E 187 35.98 -5.25 3.40
C GLY E 187 37.08 -5.09 4.42
N ASN E 188 37.19 -3.90 4.99
CA ASN E 188 38.07 -3.73 6.13
C ASN E 188 37.43 -4.26 7.43
N TYR E 189 38.20 -4.35 8.52
CA TYR E 189 37.67 -4.88 9.79
C TYR E 189 36.44 -4.14 10.30
N ARG E 190 36.41 -2.82 10.14
CA ARG E 190 35.27 -2.00 10.61
C ARG E 190 33.98 -2.36 9.84
N ALA E 191 34.13 -2.47 8.51
CA ALA E 191 33.03 -2.87 7.61
C ALA E 191 32.49 -4.25 7.96
N TRP E 192 33.39 -5.20 8.23
CA TRP E 192 33.00 -6.54 8.62
C TRP E 192 32.24 -6.56 9.93
N ARG E 193 32.74 -5.83 10.94
CA ARG E 193 32.06 -5.73 12.24
C ARG E 193 30.65 -5.19 12.07
N HIS E 194 30.50 -4.15 11.24
CA HIS E 194 29.19 -3.60 10.97
C HIS E 194 28.25 -4.59 10.30
N PHE E 195 28.75 -5.27 9.25
CA PHE E 195 28.00 -6.31 8.55
C PHE E 195 27.51 -7.41 9.51
N ILE E 196 28.40 -7.90 10.36
CA ILE E 196 28.07 -8.96 11.30
C ILE E 196 27.01 -8.47 12.30
N ALA E 197 27.20 -7.27 12.87
CA ALA E 197 26.21 -6.72 13.83
C ALA E 197 24.82 -6.63 13.21
N ARG E 199 23.65 -8.22 10.28
CA ARG E 199 23.13 -9.40 9.61
C ARG E 199 23.07 -10.66 10.46
N ALA E 200 23.85 -10.71 11.53
CA ALA E 200 23.78 -11.87 12.41
C ALA E 200 22.74 -11.68 13.54
N SER E 201 21.78 -10.79 13.35
CA SER E 201 20.70 -10.59 14.32
C SER E 201 19.44 -11.36 13.95
N GLU E 202 18.51 -11.46 14.89
CA GLU E 202 17.22 -12.14 14.65
C GLU E 202 16.34 -11.44 13.62
N HIS E 203 16.62 -10.17 13.35
CA HIS E 203 15.84 -9.35 12.42
C HIS E 203 16.18 -9.68 10.96
N ALA E 204 17.39 -10.16 10.74
CA ALA E 204 17.86 -10.49 9.40
C ALA E 204 17.31 -11.82 8.89
N ASP E 205 17.17 -11.90 7.57
CA ASP E 205 16.85 -13.15 6.88
C ASP E 205 17.80 -14.25 7.34
N VAL E 206 17.27 -15.47 7.47
CA VAL E 206 18.09 -16.58 7.96
C VAL E 206 19.27 -16.89 7.04
N GLU E 207 19.09 -16.68 5.74
CA GLU E 207 20.14 -17.02 4.79
C GLU E 207 21.37 -16.12 4.96
N ILE E 208 21.15 -14.81 5.00
CA ILE E 208 22.27 -13.88 5.18
C ILE E 208 22.83 -13.94 6.60
N ARG E 209 21.96 -14.25 7.57
CA ARG E 209 22.37 -14.50 8.97
C ARG E 209 23.39 -15.66 9.05
N ARG E 210 23.11 -16.76 8.36
CA ARG E 210 24.04 -17.90 8.24
C ARG E 210 25.39 -17.51 7.60
N LEU E 211 25.33 -16.71 6.54
CA LEU E 211 26.53 -16.17 5.92
C LEU E 211 27.32 -15.35 6.95
N ALA E 212 26.64 -14.43 7.62
CA ALA E 212 27.30 -13.53 8.55
C ALA E 212 28.01 -14.27 9.72
N ILE E 213 27.34 -15.25 10.32
CA ILE E 213 27.97 -16.13 11.35
C ILE E 213 29.21 -16.83 10.82
N GLU E 214 29.11 -17.40 9.62
CA GLU E 214 30.26 -18.06 9.01
C GLU E 214 31.43 -17.12 8.70
N CYS E 215 31.14 -15.90 8.26
CA CYS E 215 32.19 -14.90 8.06
C CYS E 215 32.81 -14.52 9.41
N LEU E 216 31.97 -14.28 10.40
CA LEU E 216 32.42 -14.00 11.79
C LEU E 216 33.36 -15.09 12.34
N ARG E 217 32.99 -16.35 12.17
CA ARG E 217 33.80 -17.48 12.65
C ARG E 217 35.22 -17.49 12.05
N GLN E 218 35.34 -17.21 10.75
CA GLN E 218 36.64 -17.19 10.08
C GLN E 218 37.44 -15.93 10.40
N LEU E 219 36.74 -14.80 10.51
CA LEU E 219 37.34 -13.54 10.97
C LEU E 219 37.88 -13.61 12.40
N ALA E 220 37.19 -14.35 13.27
CA ALA E 220 37.63 -14.55 14.65
C ALA E 220 38.91 -15.38 14.71
N ALA E 221 39.03 -16.34 13.80
CA ALA E 221 40.23 -17.18 13.74
C ALA E 221 41.44 -16.37 13.27
N VAL E 222 41.19 -15.34 12.47
CA VAL E 222 42.21 -14.52 11.85
C VAL E 222 42.60 -13.30 12.70
N ALA E 223 41.61 -12.64 13.30
CA ALA E 223 41.87 -11.47 14.15
C ALA E 223 41.09 -11.54 15.45
N PRO E 224 41.48 -12.45 16.37
CA PRO E 224 40.69 -12.75 17.58
C PRO E 224 40.38 -11.52 18.41
N ALA E 225 41.38 -10.67 18.63
CA ALA E 225 41.20 -9.48 19.44
C ALA E 225 40.12 -8.56 18.85
N VAL E 226 40.07 -8.49 17.53
CA VAL E 226 39.11 -7.64 16.82
C VAL E 226 37.67 -8.20 16.92
N PHE E 227 37.52 -9.52 16.78
CA PHE E 227 36.19 -10.14 16.64
C PHE E 227 35.71 -10.97 17.85
N ALA E 228 36.45 -10.91 18.95
CA ALA E 228 36.15 -11.71 20.17
C ALA E 228 34.94 -11.26 20.99
N ASP E 229 34.59 -9.98 20.85
CA ASP E 229 33.48 -9.39 21.61
C ASP E 229 32.10 -9.87 21.16
N PHE E 230 32.04 -10.48 19.97
CA PHE E 230 30.81 -11.07 19.45
C PHE E 230 30.61 -12.44 20.08
N GLU E 231 29.45 -12.65 20.67
CA GLU E 231 29.10 -13.95 21.24
C GLU E 231 27.99 -14.57 20.41
N VAL E 232 28.25 -15.78 19.94
CA VAL E 232 27.27 -16.54 19.18
C VAL E 232 26.37 -17.29 20.13
N THR E 233 25.07 -17.05 20.02
CA THR E 233 24.06 -17.78 20.77
C THR E 233 23.07 -18.43 19.81
N THR E 234 22.48 -19.53 20.25
CA THR E 234 21.54 -20.27 19.41
C THR E 234 20.11 -19.96 19.83
N LEU E 235 19.27 -19.66 18.83
CA LEU E 235 17.86 -19.41 19.03
C LEU E 235 17.13 -20.76 19.08
N ALA E 236 15.83 -20.73 19.40
CA ALA E 236 15.05 -21.96 19.53
C ALA E 236 15.04 -22.81 18.25
N ASP E 237 14.98 -22.15 17.10
CA ASP E 237 14.88 -22.82 15.81
C ASP E 237 16.20 -23.44 15.33
N GLY E 238 17.23 -23.37 16.17
CA GLY E 238 18.54 -23.92 15.82
C GLY E 238 19.45 -22.95 15.10
N THR E 239 18.91 -21.83 14.61
CA THR E 239 19.72 -20.82 13.94
C THR E 239 20.56 -20.05 14.95
N GLU E 240 21.69 -19.53 14.48
CA GLU E 240 22.63 -18.81 15.33
C GLU E 240 22.60 -17.29 15.13
N VAL E 241 22.75 -16.58 16.25
CA VAL E 241 22.77 -15.13 16.28
C VAL E 241 24.09 -14.68 16.94
N ALA E 242 24.54 -13.47 16.61
CA ALA E 242 25.73 -12.91 17.22
C ALA E 242 25.51 -11.47 17.66
N THR E 243 25.87 -11.21 18.92
CA THR E 243 25.69 -9.90 19.52
C THR E 243 26.99 -9.46 20.18
N SER E 244 27.19 -8.14 20.25
CA SER E 244 28.34 -7.58 20.94
C SER E 244 27.96 -6.42 21.88
N PRO E 245 28.67 -6.34 23.01
CA PRO E 245 28.42 -5.31 24.03
C PRO E 245 28.91 -3.93 23.61
N GLU F 3 38.88 41.86 13.17
CA GLU F 3 40.05 41.05 12.76
C GLU F 3 40.04 39.65 13.36
N THR F 4 39.30 39.48 14.47
CA THR F 4 38.93 38.14 14.94
C THR F 4 37.53 37.82 14.41
N ALA F 5 37.36 36.60 13.88
CA ALA F 5 36.08 36.15 13.31
C ALA F 5 35.20 35.40 14.30
N PRO F 6 33.90 35.68 14.36
CA PRO F 6 33.04 34.85 15.18
C PRO F 6 32.42 33.72 14.34
N LEU F 7 32.13 32.58 14.98
CA LEU F 7 31.42 31.49 14.32
C LEU F 7 30.06 31.94 13.79
N ARG F 8 29.81 31.72 12.51
CA ARG F 8 28.44 31.84 12.00
C ARG F 8 28.06 30.63 11.14
N VAL F 9 26.88 30.08 11.40
CA VAL F 9 26.36 28.92 10.66
C VAL F 9 25.06 29.34 10.00
N GLN F 10 25.03 29.38 8.68
CA GLN F 10 23.82 29.78 7.96
C GLN F 10 23.28 28.60 7.19
N LEU F 11 22.01 28.26 7.41
CA LEU F 11 21.38 27.16 6.65
C LEU F 11 21.05 27.66 5.26
N ILE F 12 21.62 27.03 4.23
CA ILE F 12 21.47 27.53 2.85
C ILE F 12 20.72 26.60 1.89
N ALA F 13 20.48 25.35 2.29
CA ALA F 13 19.69 24.46 1.45
C ALA F 13 19.02 23.34 2.23
N LYS F 14 17.90 22.87 1.69
CA LYS F 14 17.23 21.72 2.25
C LYS F 14 16.40 21.03 1.17
N THR F 15 15.59 20.07 1.57
CA THR F 15 14.92 19.21 0.62
C THR F 15 13.47 19.66 0.42
N ASP F 16 13.09 19.75 -0.85
CA ASP F 16 11.72 20.04 -1.24
C ASP F 16 11.11 18.71 -1.74
N PHE F 17 9.86 18.43 -1.38
CA PHE F 17 9.23 17.12 -1.65
C PHE F 17 7.88 17.27 -2.34
N LEU F 18 7.62 16.40 -3.31
CA LEU F 18 6.31 16.32 -3.96
C LEU F 18 5.88 14.87 -4.08
N ALA F 19 4.85 14.49 -3.32
CA ALA F 19 4.38 13.11 -3.31
C ALA F 19 3.91 12.71 -4.70
N PRO F 20 4.25 11.49 -5.14
CA PRO F 20 3.76 11.03 -6.44
C PRO F 20 2.25 10.80 -6.40
N PRO F 21 1.52 11.28 -7.42
CA PRO F 21 0.05 11.20 -7.50
C PRO F 21 -0.55 9.78 -7.48
N ASP F 22 0.19 8.81 -8.00
CA ASP F 22 -0.32 7.44 -8.07
C ASP F 22 -0.22 6.64 -6.78
N VAL F 23 0.27 7.28 -5.72
CA VAL F 23 0.35 6.62 -4.42
C VAL F 23 -0.75 7.15 -3.49
N PRO F 24 -1.61 6.25 -2.98
CA PRO F 24 -2.76 6.63 -2.15
C PRO F 24 -2.41 6.98 -0.70
N TRP F 25 -1.69 8.08 -0.52
CA TRP F 25 -1.12 8.49 0.77
C TRP F 25 -0.87 10.00 0.78
N THR F 26 -1.08 10.63 1.94
CA THR F 26 -0.68 12.02 2.19
C THR F 26 -0.19 12.15 3.63
N THR F 27 0.55 13.21 3.93
CA THR F 27 0.90 13.53 5.34
C THR F 27 0.75 14.97 5.73
N ASP F 28 0.91 15.20 7.03
CA ASP F 28 0.80 16.52 7.66
C ASP F 28 2.20 17.14 7.78
N ALA F 29 2.96 17.09 6.70
CA ALA F 29 4.29 17.70 6.66
C ALA F 29 4.73 17.86 5.22
N ASP F 30 5.82 18.60 5.00
CA ASP F 30 6.43 18.66 3.68
C ASP F 30 7.95 18.49 3.76
N GLY F 31 8.65 18.79 2.67
CA GLY F 31 10.10 18.79 2.64
C GLY F 31 10.72 17.47 3.05
N GLY F 32 11.90 17.55 3.65
CA GLY F 32 12.67 16.39 4.10
C GLY F 32 11.90 15.39 4.98
N PRO F 33 11.27 15.86 6.07
CA PRO F 33 10.53 14.92 6.94
C PRO F 33 9.43 14.11 6.23
N ALA F 34 8.69 14.74 5.30
CA ALA F 34 7.70 14.03 4.46
C ALA F 34 8.33 13.02 3.52
N LEU F 35 9.44 13.40 2.88
CA LEU F 35 10.18 12.50 2.02
C LEU F 35 10.59 11.22 2.78
N VAL F 36 11.12 11.38 3.98
CA VAL F 36 11.56 10.23 4.80
C VAL F 36 10.39 9.29 5.09
N GLU F 37 9.22 9.86 5.43
CA GLU F 37 8.07 9.00 5.69
C GLU F 37 7.67 8.22 4.45
N PHE F 38 7.60 8.90 3.31
CA PHE F 38 7.25 8.26 2.06
C PHE F 38 8.16 7.07 1.76
N ALA F 39 9.47 7.29 1.89
CA ALA F 39 10.51 6.28 1.64
C ALA F 39 10.37 5.07 2.56
N GLY F 40 10.12 5.32 3.85
CA GLY F 40 9.87 4.24 4.81
C GLY F 40 8.67 3.39 4.41
N ARG F 41 7.54 4.07 4.14
CA ARG F 41 6.31 3.39 3.72
C ARG F 41 6.47 2.64 2.39
N ALA F 42 7.23 3.21 1.45
CA ALA F 42 7.56 2.58 0.17
C ALA F 42 8.13 1.16 0.31
N CYS F 43 8.96 0.95 1.33
CA CYS F 43 9.54 -0.38 1.62
C CYS F 43 8.46 -1.45 1.88
N TYR F 44 7.35 -1.04 2.48
CA TYR F 44 6.29 -1.95 2.89
C TYR F 44 5.07 -1.83 2.01
N GLN F 45 5.09 -0.85 1.09
CA GLN F 45 3.90 -0.40 0.39
C GLN F 45 2.73 -0.23 1.36
N SER F 46 3.06 0.31 2.53
CA SER F 46 2.08 0.51 3.59
C SER F 46 1.62 1.95 3.57
N TRP F 47 0.54 2.21 2.85
CA TRP F 47 0.07 3.56 2.63
C TRP F 47 -1.02 3.99 3.62
N SER F 48 -1.73 3.01 4.18
CA SER F 48 -2.82 3.30 5.11
C SER F 48 -2.28 3.62 6.50
N LYS F 49 -3.17 4.06 7.40
CA LYS F 49 -2.76 4.60 8.68
C LYS F 49 -3.52 3.98 9.86
N PRO F 50 -3.22 2.70 10.18
CA PRO F 50 -3.97 1.97 11.21
C PRO F 50 -3.64 2.39 12.64
N ASN F 51 -2.45 2.94 12.84
CA ASN F 51 -1.95 3.27 14.17
C ASN F 51 -1.91 4.78 14.39
N PRO F 52 -2.75 5.30 15.30
CA PRO F 52 -2.79 6.75 15.57
C PRO F 52 -1.44 7.35 15.99
N LYS F 53 -0.60 6.56 16.63
CA LYS F 53 0.73 7.00 17.07
C LYS F 53 1.70 7.25 15.92
N THR F 54 1.53 6.54 14.82
CA THR F 54 2.34 6.73 13.61
C THR F 54 1.51 7.28 12.43
N ALA F 55 0.32 7.77 12.75
CA ALA F 55 -0.59 8.34 11.76
C ALA F 55 -0.25 9.79 11.39
N THR F 56 0.69 10.38 12.12
CA THR F 56 1.20 11.71 11.81
C THR F 56 2.66 11.57 11.38
N ASN F 57 3.18 12.58 10.68
CA ASN F 57 4.55 12.50 10.19
C ASN F 57 5.59 12.40 11.31
N ALA F 58 5.49 13.27 12.31
CA ALA F 58 6.39 13.24 13.47
C ALA F 58 6.32 11.92 14.21
N GLY F 59 5.11 11.37 14.33
CA GLY F 59 4.88 10.07 14.95
C GLY F 59 5.47 8.93 14.14
N TYR F 60 5.33 8.98 12.82
CA TYR F 60 5.96 7.97 11.97
C TYR F 60 7.49 8.01 12.09
N LEU F 61 8.06 9.20 12.06
CA LEU F 61 9.52 9.38 12.14
C LEU F 61 10.11 8.90 13.46
N ARG F 62 9.43 9.22 14.56
CA ARG F 62 9.83 8.76 15.87
C ARG F 62 9.93 7.24 15.88
N HIS F 63 8.95 6.59 15.27
CA HIS F 63 8.94 5.13 15.19
C HIS F 63 10.09 4.56 14.35
N ILE F 64 10.39 5.20 13.22
CA ILE F 64 11.50 4.82 12.33
C ILE F 64 12.83 4.73 13.08
N ASP F 66 13.29 4.58 16.64
CA ASP F 66 13.19 3.53 17.67
C ASP F 66 13.52 2.12 17.17
N VAL F 67 13.07 1.82 15.96
CA VAL F 67 13.27 0.50 15.36
C VAL F 67 14.57 0.50 14.51
N GLY F 68 15.31 1.60 14.58
CA GLY F 68 16.63 1.73 13.96
C GLY F 68 16.69 1.63 12.45
N HIS F 69 15.71 2.22 11.76
CA HIS F 69 15.67 2.20 10.30
C HIS F 69 16.41 3.39 9.70
N PHE F 70 17.65 3.60 10.16
CA PHE F 70 18.36 4.87 9.94
C PHE F 70 18.67 5.22 8.48
N SER F 71 18.72 4.20 7.61
CA SER F 71 19.03 4.42 6.19
C SER F 71 17.98 5.26 5.46
N VAL F 72 16.72 5.18 5.90
CA VAL F 72 15.64 5.98 5.32
C VAL F 72 15.90 7.48 5.48
N LEU F 73 16.67 7.83 6.52
CA LEU F 73 17.04 9.22 6.81
C LEU F 73 17.95 9.82 5.73
N GLU F 74 18.61 8.97 4.95
CA GLU F 74 19.59 9.44 3.97
C GLU F 74 18.95 10.17 2.79
N HIS F 75 17.64 10.05 2.63
CA HIS F 75 17.00 10.67 1.48
C HIS F 75 16.92 12.21 1.54
N ALA F 76 16.91 12.75 2.75
CA ALA F 76 16.78 14.19 2.94
C ALA F 76 18.12 14.80 3.32
N SER F 77 18.41 15.97 2.77
CA SER F 77 19.71 16.59 3.08
C SER F 77 19.61 18.09 3.38
N VAL F 78 20.64 18.60 4.04
CA VAL F 78 20.72 20.00 4.44
C VAL F 78 22.13 20.50 4.19
N SER F 79 22.25 21.73 3.68
CA SER F 79 23.52 22.44 3.53
C SER F 79 23.62 23.68 4.43
N PHE F 80 24.83 23.87 4.98
CA PHE F 80 25.19 25.09 5.70
C PHE F 80 26.36 25.80 5.03
N TYR F 81 26.35 27.13 5.10
CA TYR F 81 27.56 27.93 4.90
C TYR F 81 28.11 28.34 6.28
N ILE F 82 29.32 27.88 6.57
CA ILE F 82 29.98 28.07 7.86
C ILE F 82 31.19 29.00 7.71
N THR F 83 31.23 30.05 8.53
CA THR F 83 32.33 31.02 8.57
C THR F 83 32.79 31.16 10.04
N GLY F 84 33.93 31.81 10.28
CA GLY F 84 34.39 31.94 11.68
C GLY F 84 34.77 30.60 12.26
N ILE F 85 35.36 29.78 11.40
CA ILE F 85 35.85 28.46 11.75
C ILE F 85 37.34 28.45 11.39
N SER F 86 38.16 27.89 12.28
CA SER F 86 39.62 27.82 12.09
C SER F 86 40.03 26.72 11.13
N ARG F 87 41.26 26.82 10.62
CA ARG F 87 41.84 25.80 9.77
C ARG F 87 42.05 24.46 10.46
N SER F 88 42.37 24.48 11.76
CA SER F 88 42.51 23.24 12.50
C SER F 88 41.15 22.59 12.71
N CYS F 89 40.11 23.42 12.81
CA CYS F 89 38.75 22.91 12.94
C CYS F 89 38.29 22.19 11.66
N THR F 90 38.57 22.79 10.50
CA THR F 90 38.21 22.13 9.25
C THR F 90 39.03 20.88 8.98
N HIS F 91 40.26 20.84 9.51
CA HIS F 91 41.12 19.66 9.36
C HIS F 91 40.50 18.46 10.09
N GLU F 92 39.73 18.72 11.14
CA GLU F 92 38.97 17.67 11.81
C GLU F 92 37.64 17.45 11.13
N LEU F 93 37.01 18.53 10.70
CA LEU F 93 35.68 18.44 10.12
C LEU F 93 35.68 17.48 8.93
N ILE F 94 36.63 17.66 8.02
CA ILE F 94 36.61 16.96 6.73
C ILE F 94 37.01 15.49 6.82
N ARG F 95 37.30 15.02 8.03
CA ARG F 95 37.50 13.59 8.28
C ARG F 95 36.16 12.84 8.18
N HIS F 96 35.05 13.56 8.26
CA HIS F 96 33.74 12.94 8.03
C HIS F 96 33.52 12.76 6.54
N ARG F 97 33.59 11.52 6.09
CA ARG F 97 33.62 11.21 4.66
C ARG F 97 32.24 11.10 3.98
N HIS F 98 31.16 11.15 4.76
CA HIS F 98 29.80 11.17 4.17
C HIS F 98 29.15 12.56 4.14
N PHE F 99 30.01 13.57 4.06
CA PHE F 99 29.61 14.93 3.75
C PHE F 99 30.22 15.28 2.39
N SER F 100 29.69 16.34 1.78
CA SER F 100 30.33 17.03 0.68
C SER F 100 30.73 18.45 1.14
N TYR F 101 31.89 18.92 0.67
CA TYR F 101 32.50 20.17 1.11
C TYR F 101 32.91 21.04 -0.06
N SER F 102 32.82 22.36 0.12
CA SER F 102 33.47 23.31 -0.77
C SER F 102 33.99 24.38 0.15
N GLN F 103 35.31 24.51 0.16
CA GLN F 103 36.00 25.30 1.17
C GLN F 103 36.92 26.35 0.52
N LEU F 104 36.96 27.52 1.15
CA LEU F 104 37.84 28.60 0.73
C LEU F 104 39.30 28.14 0.61
N SER F 105 39.90 28.41 -0.56
CA SER F 105 41.25 27.95 -0.87
C SER F 105 42.31 28.99 -0.57
N GLN F 106 43.34 28.61 0.16
CA GLN F 106 44.50 29.47 0.37
C GLN F 106 45.39 29.53 -0.88
N ARG F 107 45.43 28.46 -1.66
CA ARG F 107 46.12 28.47 -2.94
C ARG F 107 45.54 29.51 -3.91
N TYR F 108 44.24 29.78 -3.79
CA TYR F 108 43.52 30.57 -4.79
C TYR F 108 43.15 31.98 -4.34
N VAL F 109 43.12 32.23 -3.03
CA VAL F 109 42.57 33.47 -2.48
C VAL F 109 43.63 34.27 -1.72
N PRO F 110 43.99 35.46 -2.25
CA PRO F 110 44.93 36.40 -1.60
C PRO F 110 44.61 36.56 -0.12
N GLU F 111 45.63 36.53 0.72
CA GLU F 111 45.44 36.36 2.16
C GLU F 111 45.85 37.52 3.06
N LYS F 112 46.32 38.61 2.46
CA LYS F 112 47.03 39.65 3.23
C LYS F 112 46.18 40.38 4.30
N ASP F 113 44.86 40.14 4.32
CA ASP F 113 43.98 40.75 5.31
C ASP F 113 43.03 39.76 6.02
N SER F 114 43.43 38.49 6.05
CA SER F 114 42.61 37.41 6.61
C SER F 114 42.30 37.62 8.10
N ARG F 115 41.21 37.02 8.58
CA ARG F 115 40.85 37.05 9.99
C ARG F 115 41.43 35.83 10.70
N VAL F 116 41.33 35.83 12.02
CA VAL F 116 41.76 34.74 12.90
C VAL F 116 40.61 34.32 13.84
N VAL F 117 40.56 33.03 14.19
CA VAL F 117 39.55 32.52 15.11
C VAL F 117 40.15 32.16 16.46
N VAL F 118 39.59 32.75 17.54
CA VAL F 118 40.09 32.54 18.89
C VAL F 118 39.56 31.23 19.49
N PRO F 119 40.47 30.32 19.90
CA PRO F 119 40.04 29.09 20.53
C PRO F 119 39.08 29.39 21.69
N PRO F 120 37.94 28.68 21.77
CA PRO F 120 36.92 28.88 22.81
C PRO F 120 37.46 29.03 24.24
N GLY F 121 38.43 28.20 24.60
CA GLY F 121 39.06 28.25 25.93
C GLY F 121 39.95 29.47 26.18
N GLU F 123 38.58 32.70 24.86
CA GLU F 123 37.68 33.79 24.48
C GLU F 123 37.48 34.89 25.53
N ASP F 124 37.49 34.50 26.80
CA ASP F 124 37.21 35.41 27.91
C ASP F 124 38.48 36.07 28.51
N ASP F 125 39.63 35.78 27.93
CA ASP F 125 40.93 36.22 28.46
C ASP F 125 41.57 37.21 27.52
N ALA F 126 41.65 38.47 27.95
CA ALA F 126 42.06 39.56 27.09
C ALA F 126 43.54 39.56 26.65
N ASP F 127 44.44 38.96 27.43
CA ASP F 127 45.86 38.99 27.01
C ASP F 127 46.31 37.76 26.20
N LEU F 128 45.74 36.59 26.53
CA LEU F 128 45.84 35.41 25.65
C LEU F 128 45.39 35.76 24.24
N ARG F 129 44.26 36.46 24.15
CA ARG F 129 43.77 37.03 22.89
C ARG F 129 44.80 37.92 22.20
N HIS F 130 45.43 38.80 22.97
CA HIS F 130 46.43 39.75 22.45
C HIS F 130 47.66 39.02 21.91
N ILE F 131 48.09 37.99 22.63
CA ILE F 131 49.23 37.17 22.20
C ILE F 131 48.96 36.53 20.82
N LEU F 132 47.73 36.05 20.63
CA LEU F 132 47.36 35.35 19.41
C LEU F 132 47.32 36.33 18.24
N THR F 133 46.64 37.46 18.44
CA THR F 133 46.50 38.46 17.38
C THR F 133 47.84 39.07 16.97
N GLU F 134 48.75 39.27 17.93
CA GLU F 134 50.10 39.73 17.61
C GLU F 134 50.88 38.67 16.80
N ALA F 135 50.70 37.40 17.18
CA ALA F 135 51.31 36.29 16.45
C ALA F 135 50.78 36.25 15.02
N ALA F 136 49.47 36.38 14.88
CA ALA F 136 48.80 36.44 13.56
C ALA F 136 49.34 37.57 12.69
N ASP F 137 49.50 38.74 13.30
CA ASP F 137 50.08 39.89 12.62
C ASP F 137 51.50 39.59 12.18
N ALA F 138 52.29 38.96 13.05
CA ALA F 138 53.67 38.55 12.72
C ALA F 138 53.71 37.55 11.57
N ALA F 139 52.81 36.57 11.59
CA ALA F 139 52.68 35.60 10.50
C ALA F 139 52.28 36.26 9.19
N ARG F 140 51.33 37.18 9.25
CA ARG F 140 50.84 37.87 8.05
C ARG F 140 51.92 38.77 7.44
N ALA F 141 52.82 39.27 8.29
CA ALA F 141 53.98 40.03 7.83
C ALA F 141 54.97 39.13 7.12
N THR F 142 55.31 38.00 7.74
CA THR F 142 56.16 36.98 7.13
C THR F 142 55.60 36.58 5.77
N TYR F 143 54.29 36.39 5.72
CA TYR F 143 53.59 36.02 4.50
C TYR F 143 53.81 36.97 3.32
N SER F 144 53.53 38.27 3.52
CA SER F 144 53.75 39.29 2.48
C SER F 144 55.22 39.34 2.06
N GLU F 145 56.10 39.20 3.05
CA GLU F 145 57.53 39.11 2.81
C GLU F 145 57.83 37.94 1.86
N LEU F 146 57.37 36.74 2.22
CA LEU F 146 57.58 35.56 1.37
C LEU F 146 56.96 35.68 -0.02
N LEU F 147 55.68 36.08 -0.07
CA LEU F 147 54.99 36.22 -1.34
C LEU F 147 55.76 37.09 -2.31
N ALA F 148 56.19 38.26 -1.81
CA ALA F 148 57.00 39.21 -2.57
C ALA F 148 58.23 38.55 -3.20
N LYS F 149 59.04 37.90 -2.37
CA LYS F 149 60.26 37.24 -2.84
C LYS F 149 60.01 36.05 -3.74
N LEU F 150 58.93 35.30 -3.47
CA LEU F 150 58.56 34.14 -4.28
C LEU F 150 58.09 34.53 -5.69
N GLU F 151 57.26 35.57 -5.78
CA GLU F 151 56.80 36.10 -7.07
C GLU F 151 57.97 36.55 -7.94
N ALA F 152 58.99 37.13 -7.31
CA ALA F 152 60.23 37.49 -7.97
C ALA F 152 60.93 36.22 -8.46
N LYS F 153 61.04 35.24 -7.56
CA LYS F 153 61.69 33.97 -7.86
C LYS F 153 60.98 33.17 -8.97
N PHE F 154 59.69 33.42 -9.16
CA PHE F 154 58.94 32.77 -10.25
C PHE F 154 58.65 33.72 -11.42
N ALA F 155 59.34 34.85 -11.47
CA ALA F 155 59.16 35.84 -12.55
C ALA F 155 59.30 35.18 -13.92
N ASP F 156 60.13 34.14 -13.95
CA ASP F 156 60.34 33.27 -15.09
C ASP F 156 59.04 32.89 -15.79
N GLN F 157 58.03 32.55 -14.98
CA GLN F 157 56.72 32.06 -15.43
C GLN F 157 55.93 33.09 -16.25
N PRO F 158 55.64 32.77 -17.53
CA PRO F 158 54.91 33.66 -18.45
C PRO F 158 53.47 33.87 -18.02
N ASN F 159 52.86 32.82 -17.46
CA ASN F 159 51.49 32.90 -16.98
C ASN F 159 51.42 33.60 -15.62
N ALA F 160 50.93 34.84 -15.64
CA ALA F 160 50.83 35.65 -14.43
C ALA F 160 49.88 35.05 -13.38
N ILE F 161 48.79 34.44 -13.82
CA ILE F 161 47.83 33.80 -12.91
C ILE F 161 48.52 32.67 -12.13
N LEU F 162 49.12 31.75 -12.88
CA LEU F 162 49.90 30.64 -12.34
C LEU F 162 51.04 31.11 -11.43
N ARG F 163 51.71 32.20 -11.83
CA ARG F 163 52.79 32.80 -11.06
C ARG F 163 52.35 33.14 -9.64
N ARG F 164 51.25 33.89 -9.52
CA ARG F 164 50.72 34.29 -8.21
C ARG F 164 50.30 33.09 -7.34
N LYS F 165 49.77 32.04 -7.97
CA LYS F 165 49.36 30.84 -7.24
C LYS F 165 50.56 30.07 -6.68
N GLN F 166 51.56 29.86 -7.53
CA GLN F 166 52.82 29.26 -7.15
C GLN F 166 53.47 29.95 -5.95
N ALA F 167 53.36 31.29 -5.91
CA ALA F 167 53.87 32.06 -4.79
C ALA F 167 53.00 31.90 -3.56
N ARG F 168 51.69 32.01 -3.77
CA ARG F 168 50.70 31.92 -2.70
C ARG F 168 50.77 30.58 -1.96
N GLN F 169 50.88 29.49 -2.71
CA GLN F 169 50.85 28.16 -2.08
C GLN F 169 52.04 27.93 -1.16
N ALA F 170 53.18 28.51 -1.53
CA ALA F 170 54.39 28.42 -0.71
C ALA F 170 54.35 29.40 0.44
N ALA F 171 53.90 30.63 0.16
CA ALA F 171 53.79 31.66 1.22
C ALA F 171 52.88 31.23 2.35
N ARG F 172 51.78 30.54 2.02
CA ARG F 172 50.81 30.03 3.00
C ARG F 172 51.46 29.19 4.12
N ALA F 173 52.70 28.73 3.91
CA ALA F 173 53.36 27.86 4.90
C ALA F 173 53.34 28.45 6.30
N VAL F 174 53.44 29.78 6.40
CA VAL F 174 53.52 30.45 7.71
C VAL F 174 52.14 30.76 8.33
N PRO F 176 48.88 30.49 10.35
CA PRO F 176 48.62 29.71 11.56
C PRO F 176 47.35 28.85 11.46
N ASN F 177 47.25 27.87 12.34
CA ASN F 177 46.07 27.02 12.49
C ASN F 177 44.80 27.83 12.74
N ALA F 178 44.98 29.01 13.33
CA ALA F 178 43.86 29.87 13.76
C ALA F 178 43.28 30.71 12.65
N THR F 179 43.97 30.76 11.51
CA THR F 179 43.47 31.45 10.33
C THR F 179 42.01 31.02 10.04
N GLU F 180 41.16 32.01 9.77
CA GLU F 180 39.76 31.75 9.49
C GLU F 180 39.66 31.07 8.14
N THR F 181 38.76 30.10 8.05
CA THR F 181 38.37 29.57 6.75
C THR F 181 36.83 29.62 6.64
N ARG F 182 36.31 29.32 5.45
CA ARG F 182 34.87 29.36 5.17
C ARG F 182 34.54 28.14 4.30
N ILE F 183 33.42 27.49 4.59
CA ILE F 183 33.13 26.17 4.03
C ILE F 183 31.62 25.92 3.88
N VAL F 184 31.23 25.37 2.74
CA VAL F 184 29.89 24.86 2.52
C VAL F 184 29.96 23.38 2.84
N VAL F 185 29.07 22.92 3.72
CA VAL F 185 28.98 21.52 4.10
C VAL F 185 27.58 21.02 3.81
N THR F 186 27.49 19.92 3.05
CA THR F 186 26.22 19.26 2.72
C THR F 186 26.19 17.82 3.23
N GLY F 187 25.08 17.44 3.84
CA GLY F 187 24.94 16.11 4.42
C GLY F 187 23.48 15.70 4.47
N ASN F 188 23.22 14.40 4.38
CA ASN F 188 21.88 13.89 4.59
C ASN F 188 21.64 13.74 6.11
N TYR F 189 20.40 13.49 6.51
CA TYR F 189 20.06 13.50 7.96
C TYR F 189 20.89 12.51 8.78
N ARG F 190 21.20 11.36 8.17
CA ARG F 190 21.94 10.31 8.84
C ARG F 190 23.37 10.76 9.12
N ALA F 191 24.01 11.36 8.12
CA ALA F 191 25.38 11.89 8.27
C ALA F 191 25.45 12.95 9.37
N TRP F 192 24.46 13.85 9.40
CA TRP F 192 24.41 14.94 10.40
C TRP F 192 24.25 14.39 11.79
N ARG F 193 23.39 13.39 11.94
CA ARG F 193 23.20 12.70 13.22
C ARG F 193 24.53 12.13 13.72
N HIS F 194 25.25 11.41 12.85
CA HIS F 194 26.55 10.84 13.22
C HIS F 194 27.60 11.93 13.53
N PHE F 195 27.65 12.99 12.73
CA PHE F 195 28.50 14.16 13.03
C PHE F 195 28.20 14.73 14.44
N ILE F 196 26.93 14.92 14.75
CA ILE F 196 26.53 15.47 16.05
C ILE F 196 26.93 14.56 17.22
N ALA F 197 26.60 13.27 17.11
CA ALA F 197 26.94 12.32 18.15
C ALA F 197 28.45 12.24 18.40
N ARG F 199 30.82 14.79 17.46
CA ARG F 199 31.50 16.05 17.69
C ARG F 199 30.93 16.90 18.83
N ALA F 200 29.69 16.64 19.23
CA ALA F 200 29.08 17.39 20.33
C ALA F 200 29.24 16.63 21.63
N SER F 201 30.45 16.09 21.84
CA SER F 201 30.71 15.29 23.01
C SER F 201 31.93 15.86 23.72
N GLU F 202 32.09 15.51 24.99
CA GLU F 202 33.20 16.02 25.80
C GLU F 202 34.58 15.52 25.35
N HIS F 203 34.60 14.48 24.53
CA HIS F 203 35.85 14.02 23.90
C HIS F 203 36.32 14.89 22.74
N ALA F 204 35.41 15.63 22.13
CA ALA F 204 35.73 16.51 21.02
C ALA F 204 36.40 17.82 21.46
N ASP F 205 37.18 18.40 20.55
CA ASP F 205 37.71 19.76 20.69
C ASP F 205 36.56 20.74 20.87
N VAL F 206 36.73 21.69 21.77
CA VAL F 206 35.67 22.64 22.10
C VAL F 206 35.21 23.47 20.90
N GLU F 207 36.09 23.72 19.94
CA GLU F 207 35.72 24.48 18.75
C GLU F 207 34.80 23.71 17.80
N ILE F 208 35.09 22.43 17.57
CA ILE F 208 34.20 21.64 16.70
C ILE F 208 32.92 21.26 17.44
N ARG F 209 33.02 21.05 18.74
CA ARG F 209 31.85 20.84 19.60
C ARG F 209 30.85 21.99 19.46
N ARG F 210 31.36 23.23 19.50
CA ARG F 210 30.54 24.43 19.40
C ARG F 210 29.85 24.50 18.04
N LEU F 211 30.57 24.11 16.98
CA LEU F 211 29.98 24.04 15.64
C LEU F 211 28.88 22.99 15.60
N ALA F 212 29.16 21.82 16.15
CA ALA F 212 28.21 20.70 16.13
C ALA F 212 26.90 21.03 16.85
N ILE F 213 27.00 21.78 17.95
CA ILE F 213 25.81 22.15 18.74
C ILE F 213 24.97 23.15 17.94
N GLU F 214 25.62 24.12 17.29
CA GLU F 214 24.89 25.09 16.50
C GLU F 214 24.20 24.43 15.30
N CYS F 215 24.86 23.44 14.69
CA CYS F 215 24.26 22.69 13.61
C CYS F 215 23.04 21.93 14.12
N LEU F 216 23.17 21.28 15.28
CA LEU F 216 22.05 20.57 15.93
C LEU F 216 20.87 21.50 16.15
N ARG F 217 21.12 22.69 16.70
CA ARG F 217 20.04 23.65 16.95
C ARG F 217 19.29 24.04 15.68
N GLN F 218 20.02 24.15 14.58
CA GLN F 218 19.39 24.54 13.31
C GLN F 218 18.69 23.36 12.66
N LEU F 219 19.29 22.19 12.76
CA LEU F 219 18.69 20.96 12.26
C LEU F 219 17.41 20.57 13.00
N ALA F 220 17.43 20.66 14.34
CA ALA F 220 16.25 20.40 15.15
C ALA F 220 15.08 21.33 14.81
N ALA F 221 15.37 22.50 14.25
CA ALA F 221 14.32 23.44 13.84
C ALA F 221 13.70 23.03 12.52
N VAL F 222 14.50 22.44 11.63
CA VAL F 222 14.04 21.94 10.33
C VAL F 222 13.35 20.58 10.45
N ALA F 223 13.97 19.66 11.18
CA ALA F 223 13.39 18.34 11.35
C ALA F 223 13.29 17.94 12.82
N PRO F 224 12.34 18.57 13.57
CA PRO F 224 12.13 18.28 14.99
C PRO F 224 12.13 16.81 15.35
N ALA F 225 11.33 16.02 14.65
CA ALA F 225 11.19 14.59 14.92
C ALA F 225 12.53 13.84 14.76
N VAL F 226 13.26 14.21 13.71
CA VAL F 226 14.52 13.54 13.37
C VAL F 226 15.63 13.81 14.38
N PHE F 227 15.68 15.02 14.94
CA PHE F 227 16.77 15.42 15.84
C PHE F 227 16.42 15.56 17.33
N ALA F 228 15.13 15.40 17.65
CA ALA F 228 14.58 15.54 19.02
C ALA F 228 15.27 14.73 20.11
N ASP F 229 15.73 13.53 19.76
CA ASP F 229 16.36 12.62 20.72
C ASP F 229 17.70 13.12 21.30
N PHE F 230 18.26 14.16 20.70
CA PHE F 230 19.52 14.73 21.17
C PHE F 230 19.27 15.77 22.27
N GLU F 231 19.95 15.56 23.40
CA GLU F 231 19.79 16.38 24.60
C GLU F 231 21.01 17.26 24.80
N VAL F 232 20.82 18.58 24.71
CA VAL F 232 21.89 19.52 25.00
C VAL F 232 22.00 19.72 26.51
N THR F 233 23.14 19.35 27.07
CA THR F 233 23.42 19.62 28.48
C THR F 233 24.66 20.51 28.62
N THR F 234 24.54 21.53 29.47
CA THR F 234 25.63 22.48 29.70
C THR F 234 26.56 21.94 30.77
N LEU F 235 27.86 21.90 30.46
CA LEU F 235 28.87 21.37 31.37
C LEU F 235 29.38 22.45 32.34
N ALA F 236 30.02 22.01 33.41
CA ALA F 236 30.58 22.91 34.43
C ALA F 236 31.32 24.12 33.85
N ASP F 237 32.08 23.89 32.78
CA ASP F 237 32.89 24.93 32.16
C ASP F 237 32.11 25.85 31.21
N GLY F 238 30.79 25.65 31.13
CA GLY F 238 29.90 26.50 30.33
C GLY F 238 29.74 26.13 28.87
N THR F 239 30.50 25.13 28.41
CA THR F 239 30.32 24.59 27.06
C THR F 239 29.19 23.54 27.05
N GLU F 240 28.69 23.23 25.86
CA GLU F 240 27.53 22.36 25.73
C GLU F 240 27.84 21.05 25.01
N VAL F 241 27.16 19.98 25.45
CA VAL F 241 27.34 18.64 24.92
C VAL F 241 25.96 18.09 24.59
N ALA F 242 25.91 17.15 23.63
CA ALA F 242 24.64 16.55 23.21
C ALA F 242 24.71 15.04 23.30
N THR F 243 23.61 14.41 23.66
CA THR F 243 23.58 12.96 23.86
C THR F 243 22.23 12.40 23.41
N SER F 244 22.23 11.13 23.00
CA SER F 244 21.01 10.48 22.57
C SER F 244 20.85 9.09 23.22
N GLU G 3 64.13 23.21 12.67
CA GLU G 3 64.56 21.88 12.14
C GLU G 3 63.60 21.40 11.07
N THR G 4 64.14 20.85 9.98
CA THR G 4 63.35 20.56 8.78
C THR G 4 63.20 19.06 8.55
N ALA G 5 62.03 18.66 8.05
CA ALA G 5 61.73 17.26 7.80
C ALA G 5 61.63 17.01 6.30
N PRO G 6 62.35 16.00 5.78
CA PRO G 6 62.17 15.66 4.38
C PRO G 6 61.02 14.65 4.22
N LEU G 7 60.42 14.60 3.04
CA LEU G 7 59.38 13.60 2.76
C LEU G 7 59.97 12.20 2.89
N ARG G 8 59.25 11.31 3.56
CA ARG G 8 59.58 9.89 3.55
C ARG G 8 58.28 9.13 3.39
N VAL G 9 58.23 8.23 2.43
CA VAL G 9 57.07 7.38 2.23
C VAL G 9 57.48 5.94 2.40
N GLN G 10 56.90 5.26 3.40
CA GLN G 10 57.26 3.88 3.69
C GLN G 10 56.05 2.96 3.54
N LEU G 11 56.18 1.97 2.66
CA LEU G 11 55.11 0.98 2.45
C LEU G 11 55.10 0.00 3.59
N ILE G 12 53.98 -0.04 4.31
CA ILE G 12 53.87 -0.86 5.52
C ILE G 12 52.90 -2.05 5.38
N ALA G 13 52.01 -2.00 4.40
CA ALA G 13 51.07 -3.10 4.23
C ALA G 13 50.64 -3.27 2.79
N LYS G 14 50.47 -4.53 2.40
CA LYS G 14 49.85 -4.87 1.14
C LYS G 14 49.01 -6.15 1.34
N THR G 15 48.35 -6.57 0.27
CA THR G 15 47.49 -7.74 0.27
C THR G 15 48.28 -9.05 0.09
N ASP G 16 47.90 -10.06 0.87
CA ASP G 16 48.38 -11.42 0.72
C ASP G 16 47.25 -12.28 0.14
N PHE G 17 47.54 -13.10 -0.87
CA PHE G 17 46.51 -13.85 -1.61
C PHE G 17 46.70 -15.36 -1.53
N LEU G 18 45.59 -16.08 -1.29
CA LEU G 18 45.59 -17.54 -1.37
C LEU G 18 44.44 -18.03 -2.23
N ALA G 19 44.75 -18.51 -3.44
CA ALA G 19 43.74 -19.10 -4.32
C ALA G 19 42.91 -20.15 -3.60
N PRO G 20 41.59 -20.21 -3.88
CA PRO G 20 40.81 -21.34 -3.35
C PRO G 20 41.26 -22.64 -4.01
N PRO G 21 41.49 -23.70 -3.22
CA PRO G 21 42.03 -24.96 -3.74
C PRO G 21 41.21 -25.55 -4.89
N ASP G 22 39.88 -25.45 -4.80
CA ASP G 22 38.97 -26.10 -5.73
C ASP G 22 38.71 -25.37 -7.05
N VAL G 23 39.21 -24.14 -7.19
CA VAL G 23 39.04 -23.41 -8.43
C VAL G 23 40.13 -23.81 -9.43
N PRO G 24 39.74 -24.30 -10.62
CA PRO G 24 40.72 -24.76 -11.62
C PRO G 24 41.46 -23.62 -12.33
N TRP G 25 42.27 -22.88 -11.58
CA TRP G 25 42.94 -21.69 -12.11
C TRP G 25 44.27 -21.48 -11.41
N THR G 26 45.27 -21.07 -12.19
CA THR G 26 46.58 -20.68 -11.66
C THR G 26 47.00 -19.39 -12.35
N THR G 27 47.84 -18.60 -11.69
CA THR G 27 48.43 -17.47 -12.36
C THR G 27 49.91 -17.26 -11.98
N ASP G 28 50.60 -16.49 -12.80
CA ASP G 28 52.01 -16.20 -12.63
C ASP G 28 52.18 -14.92 -11.83
N ALA G 29 51.37 -14.79 -10.77
CA ALA G 29 51.50 -13.69 -9.83
C ALA G 29 51.01 -14.12 -8.46
N ASP G 30 51.31 -13.31 -7.46
CA ASP G 30 50.71 -13.49 -6.16
C ASP G 30 50.24 -12.13 -5.63
N GLY G 31 49.76 -12.12 -4.40
CA GLY G 31 49.30 -10.89 -3.77
C GLY G 31 48.16 -10.22 -4.51
N GLY G 32 48.17 -8.90 -4.43
CA GLY G 32 47.08 -8.06 -4.93
C GLY G 32 46.75 -8.27 -6.40
N PRO G 33 47.77 -8.23 -7.28
CA PRO G 33 47.53 -8.51 -8.69
C PRO G 33 46.88 -9.86 -9.00
N ALA G 34 47.26 -10.90 -8.27
CA ALA G 34 46.62 -12.21 -8.41
C ALA G 34 45.15 -12.18 -7.98
N LEU G 35 44.89 -11.51 -6.86
CA LEU G 35 43.53 -11.32 -6.35
C LEU G 35 42.62 -10.62 -7.36
N VAL G 36 43.12 -9.55 -7.97
CA VAL G 36 42.36 -8.80 -8.96
C VAL G 36 42.00 -9.70 -10.16
N GLU G 37 42.96 -10.49 -10.64
CA GLU G 37 42.67 -11.42 -11.72
C GLU G 37 41.62 -12.45 -11.31
N PHE G 38 41.75 -13.00 -10.12
CA PHE G 38 40.78 -13.97 -9.64
C PHE G 38 39.37 -13.37 -9.61
N ALA G 39 39.24 -12.16 -9.07
CA ALA G 39 37.94 -11.51 -8.95
C ALA G 39 37.36 -11.21 -10.34
N GLY G 40 38.19 -10.78 -11.26
CA GLY G 40 37.77 -10.51 -12.63
C GLY G 40 37.18 -11.76 -13.28
N ARG G 41 37.90 -12.88 -13.17
CA ARG G 41 37.49 -14.16 -13.76
C ARG G 41 36.27 -14.77 -13.09
N ALA G 42 36.13 -14.55 -11.78
CA ALA G 42 34.93 -14.97 -11.04
C ALA G 42 33.63 -14.42 -11.63
N CYS G 43 33.68 -13.20 -12.18
CA CYS G 43 32.52 -12.59 -12.86
C CYS G 43 32.01 -13.43 -14.04
N TYR G 44 32.94 -14.03 -14.78
CA TYR G 44 32.65 -14.83 -15.97
C TYR G 44 32.75 -16.33 -15.69
N GLN G 45 33.27 -16.69 -14.51
CA GLN G 45 33.63 -18.09 -14.20
C GLN G 45 34.54 -18.67 -15.29
N SER G 46 35.44 -17.83 -15.81
CA SER G 46 36.31 -18.16 -16.92
C SER G 46 37.69 -18.41 -16.35
N TRP G 47 37.97 -19.67 -16.04
CA TRP G 47 39.17 -20.05 -15.31
C TRP G 47 40.28 -20.54 -16.24
N SER G 48 39.90 -20.98 -17.43
CA SER G 48 40.86 -21.44 -18.44
C SER G 48 41.39 -20.28 -19.27
N LYS G 49 42.49 -20.49 -19.97
CA LYS G 49 43.17 -19.38 -20.65
C LYS G 49 43.34 -19.59 -22.16
N PRO G 50 42.27 -19.34 -22.93
CA PRO G 50 42.33 -19.60 -24.37
C PRO G 50 43.08 -18.50 -25.15
N ASN G 51 43.17 -17.30 -24.57
CA ASN G 51 43.73 -16.15 -25.25
C ASN G 51 45.13 -15.81 -24.73
N PRO G 52 46.17 -16.06 -25.56
CA PRO G 52 47.56 -15.77 -25.19
C PRO G 52 47.77 -14.35 -24.62
N LYS G 53 47.05 -13.37 -25.17
CA LYS G 53 47.17 -11.96 -24.74
C LYS G 53 46.73 -11.72 -23.29
N THR G 54 45.81 -12.57 -22.79
CA THR G 54 45.31 -12.46 -21.41
C THR G 54 45.65 -13.69 -20.54
N ALA G 55 46.51 -14.58 -21.05
CA ALA G 55 46.92 -15.79 -20.33
C ALA G 55 47.93 -15.56 -19.20
N THR G 56 48.55 -14.38 -19.19
CA THR G 56 49.42 -13.95 -18.11
C THR G 56 48.67 -12.98 -17.23
N ASN G 57 49.11 -12.84 -15.98
CA ASN G 57 48.51 -11.89 -15.03
C ASN G 57 48.53 -10.44 -15.52
N ALA G 58 49.72 -9.96 -15.93
CA ALA G 58 49.90 -8.64 -16.50
C ALA G 58 48.99 -8.42 -17.71
N GLY G 59 48.93 -9.41 -18.59
CA GLY G 59 48.07 -9.36 -19.78
C GLY G 59 46.60 -9.27 -19.41
N TYR G 60 46.19 -10.07 -18.41
CA TYR G 60 44.80 -10.01 -17.91
C TYR G 60 44.45 -8.65 -17.33
N LEU G 61 45.28 -8.16 -16.40
CA LEU G 61 45.04 -6.87 -15.75
C LEU G 61 44.97 -5.73 -16.76
N ARG G 62 45.88 -5.74 -17.73
CA ARG G 62 45.90 -4.73 -18.78
C ARG G 62 44.62 -4.75 -19.62
N HIS G 63 44.07 -5.93 -19.84
CA HIS G 63 42.81 -6.04 -20.57
C HIS G 63 41.61 -5.58 -19.74
N ILE G 64 41.60 -5.95 -18.45
CA ILE G 64 40.59 -5.51 -17.48
C ILE G 64 40.42 -3.99 -17.52
N ASP G 66 41.74 -1.74 -19.94
CA ASP G 66 41.44 -1.20 -21.27
C ASP G 66 39.94 -1.27 -21.54
N VAL G 67 39.27 -2.23 -20.90
CA VAL G 67 37.83 -2.42 -21.09
C VAL G 67 37.02 -1.73 -19.95
N GLY G 68 37.72 -1.07 -19.05
CA GLY G 68 37.07 -0.29 -17.98
C GLY G 68 36.37 -1.04 -16.86
N HIS G 69 36.90 -2.20 -16.47
CA HIS G 69 36.32 -2.92 -15.32
C HIS G 69 37.03 -2.52 -14.03
N PHE G 70 37.02 -1.24 -13.70
CA PHE G 70 37.85 -0.69 -12.61
C PHE G 70 37.47 -1.12 -11.20
N SER G 71 36.20 -1.48 -10.99
CA SER G 71 35.76 -1.91 -9.67
C SER G 71 36.48 -3.15 -9.14
N VAL G 72 36.98 -4.00 -10.05
CA VAL G 72 37.75 -5.20 -9.71
C VAL G 72 39.06 -4.86 -8.99
N LEU G 73 39.60 -3.67 -9.26
CA LEU G 73 40.81 -3.15 -8.62
C LEU G 73 40.65 -2.87 -7.12
N GLU G 74 39.41 -2.79 -6.65
CA GLU G 74 39.13 -2.40 -5.27
C GLU G 74 39.50 -3.46 -4.28
N HIS G 75 39.67 -4.70 -4.74
CA HIS G 75 39.89 -5.82 -3.80
C HIS G 75 41.26 -5.80 -3.12
N ALA G 76 42.24 -5.21 -3.81
CA ALA G 76 43.61 -5.14 -3.31
C ALA G 76 43.92 -3.77 -2.71
N SER G 77 44.61 -3.77 -1.56
CA SER G 77 45.00 -2.51 -0.93
C SER G 77 46.48 -2.40 -0.53
N VAL G 78 46.91 -1.16 -0.28
CA VAL G 78 48.27 -0.82 0.11
C VAL G 78 48.21 0.28 1.16
N SER G 79 49.03 0.14 2.19
CA SER G 79 49.18 1.16 3.22
C SER G 79 50.59 1.74 3.25
N PHE G 80 50.67 3.06 3.41
CA PHE G 80 51.93 3.77 3.61
C PHE G 80 51.93 4.46 4.96
N TYR G 81 53.11 4.57 5.55
CA TYR G 81 53.37 5.51 6.64
C TYR G 81 54.12 6.68 6.06
N ILE G 82 53.56 7.88 6.22
CA ILE G 82 54.12 9.06 5.58
C ILE G 82 54.54 10.10 6.61
N THR G 83 55.78 10.57 6.50
CA THR G 83 56.34 11.59 7.40
C THR G 83 56.96 12.66 6.52
N GLY G 84 57.24 13.83 7.07
CA GLY G 84 57.81 14.93 6.27
C GLY G 84 56.80 15.50 5.31
N ILE G 85 55.54 15.44 5.73
CA ILE G 85 54.41 16.05 5.05
C ILE G 85 53.89 17.17 5.93
N SER G 86 53.50 18.30 5.35
CA SER G 86 53.00 19.41 6.16
C SER G 86 51.52 19.27 6.51
N ARG G 87 51.07 20.12 7.44
CA ARG G 87 49.67 20.24 7.79
C ARG G 87 48.78 20.73 6.65
N SER G 88 49.26 21.66 5.83
CA SER G 88 48.47 22.08 4.65
C SER G 88 48.36 20.95 3.61
N CYS G 89 49.36 20.08 3.56
CA CYS G 89 49.33 19.00 2.59
C CYS G 89 48.33 17.93 3.02
N THR G 90 48.29 17.61 4.33
CA THR G 90 47.30 16.64 4.83
C THR G 90 45.89 17.20 4.74
N HIS G 91 45.74 18.51 4.91
CA HIS G 91 44.43 19.12 4.75
C HIS G 91 43.85 18.90 3.34
N GLU G 92 44.73 18.89 2.34
CA GLU G 92 44.34 18.53 0.95
C GLU G 92 44.15 17.03 0.78
N LEU G 93 45.11 16.25 1.27
CA LEU G 93 45.08 14.78 1.15
C LEU G 93 43.79 14.16 1.68
N ILE G 94 43.37 14.56 2.88
CA ILE G 94 42.22 13.90 3.50
C ILE G 94 40.87 14.24 2.87
N ARG G 95 40.86 15.14 1.90
CA ARG G 95 39.68 15.36 1.06
C ARG G 95 39.34 14.17 0.17
N HIS G 96 40.30 13.25 -0.01
CA HIS G 96 40.03 11.98 -0.67
C HIS G 96 39.33 11.01 0.29
N ARG G 97 38.06 10.77 0.01
CA ARG G 97 37.18 10.09 0.97
C ARG G 97 37.22 8.57 0.90
N HIS G 98 37.81 8.02 -0.15
CA HIS G 98 37.93 6.57 -0.25
C HIS G 98 39.30 6.05 0.20
N PHE G 99 39.85 6.71 1.20
CA PHE G 99 41.03 6.21 1.90
C PHE G 99 40.69 6.13 3.37
N SER G 100 41.51 5.41 4.11
CA SER G 100 41.46 5.37 5.56
C SER G 100 42.75 6.00 6.09
N TYR G 101 42.63 6.80 7.15
CA TYR G 101 43.75 7.59 7.68
C TYR G 101 43.88 7.43 9.18
N SER G 102 45.13 7.43 9.67
CA SER G 102 45.41 7.55 11.10
C SER G 102 46.55 8.55 11.20
N GLN G 103 46.26 9.70 11.82
CA GLN G 103 47.19 10.82 11.80
C GLN G 103 47.63 11.27 13.20
N LEU G 104 48.91 11.64 13.29
CA LEU G 104 49.47 12.34 14.45
C LEU G 104 48.56 13.49 14.91
N SER G 105 48.17 13.47 16.18
CA SER G 105 47.24 14.48 16.71
C SER G 105 47.96 15.58 17.46
N GLN G 106 47.68 16.84 17.10
CA GLN G 106 48.17 18.01 17.87
C GLN G 106 47.43 18.19 19.20
N ARG G 107 46.18 17.73 19.27
CA ARG G 107 45.45 17.66 20.52
C ARG G 107 46.14 16.73 21.52
N TYR G 108 46.73 15.64 21.03
CA TYR G 108 47.23 14.59 21.91
C TYR G 108 48.75 14.57 22.13
N VAL G 109 49.50 15.07 21.15
CA VAL G 109 50.96 14.97 21.17
C VAL G 109 51.57 16.34 21.45
N PRO G 110 52.38 16.46 22.53
CA PRO G 110 53.15 17.69 22.79
C PRO G 110 53.97 18.11 21.58
N GLU G 111 53.95 19.41 21.24
CA GLU G 111 54.59 19.91 20.02
C GLU G 111 55.92 20.60 20.28
N LYS G 112 56.56 20.26 21.40
CA LYS G 112 57.82 20.89 21.82
C LYS G 112 58.90 20.92 20.72
N ASP G 113 59.41 19.75 20.35
CA ASP G 113 60.48 19.68 19.33
C ASP G 113 59.99 19.36 17.90
N SER G 114 58.92 20.02 17.47
CA SER G 114 58.34 19.73 16.15
C SER G 114 59.11 20.39 14.98
N ARG G 115 58.97 19.79 13.80
CA ARG G 115 59.75 20.16 12.64
C ARG G 115 58.87 20.85 11.61
N VAL G 116 59.49 21.57 10.68
CA VAL G 116 58.73 22.15 9.57
C VAL G 116 59.11 21.51 8.26
N VAL G 117 58.17 21.56 7.32
CA VAL G 117 58.40 21.07 5.99
C VAL G 117 58.55 22.28 5.10
N VAL G 118 59.61 22.28 4.29
CA VAL G 118 59.90 23.38 3.39
C VAL G 118 59.13 23.19 2.11
N PRO G 119 58.29 24.17 1.74
CA PRO G 119 57.62 24.10 0.43
C PRO G 119 58.62 23.94 -0.71
N PRO G 120 58.38 22.94 -1.60
CA PRO G 120 59.24 22.65 -2.74
C PRO G 120 59.60 23.89 -3.57
N GLY G 121 58.68 24.85 -3.65
CA GLY G 121 58.95 26.12 -4.33
C GLY G 121 60.11 26.93 -3.77
N GLU G 123 62.82 25.33 -1.77
CA GLU G 123 63.83 24.38 -1.29
C GLU G 123 65.28 24.76 -1.62
N ASP G 124 65.50 25.33 -2.80
CA ASP G 124 66.86 25.67 -3.25
C ASP G 124 67.31 27.07 -2.83
N ASP G 125 66.38 27.87 -2.32
CA ASP G 125 66.66 29.26 -1.92
C ASP G 125 66.90 29.37 -0.42
N ALA G 126 68.16 29.57 -0.04
CA ALA G 126 68.57 29.57 1.38
C ALA G 126 68.02 30.76 2.16
N ASP G 127 67.75 31.86 1.45
CA ASP G 127 67.19 33.08 2.07
C ASP G 127 65.74 32.84 2.51
N LEU G 128 64.93 32.31 1.60
CA LEU G 128 63.53 31.97 1.88
C LEU G 128 63.43 30.92 2.99
N ARG G 129 64.21 29.85 2.91
CA ARG G 129 64.22 28.82 3.96
C ARG G 129 64.53 29.41 5.34
N HIS G 130 65.46 30.37 5.38
CA HIS G 130 65.81 31.00 6.64
C HIS G 130 64.63 31.79 7.25
N ILE G 131 63.92 32.53 6.40
CA ILE G 131 62.71 33.27 6.82
C ILE G 131 61.64 32.32 7.42
N LEU G 132 61.47 31.15 6.82
CA LEU G 132 60.51 30.15 7.28
C LEU G 132 60.83 29.61 8.68
N THR G 133 62.03 29.07 8.84
CA THR G 133 62.44 28.43 10.10
C THR G 133 62.50 29.41 11.28
N GLU G 134 62.73 30.69 10.96
CA GLU G 134 62.70 31.75 11.98
C GLU G 134 61.26 32.05 12.38
N ALA G 135 60.37 32.12 11.39
CA ALA G 135 58.93 32.25 11.64
C ALA G 135 58.45 31.06 12.45
N ALA G 136 58.92 29.87 12.08
CA ALA G 136 58.59 28.66 12.80
C ALA G 136 59.06 28.70 14.26
N ASP G 137 60.29 29.18 14.51
CA ASP G 137 60.79 29.25 15.89
C ASP G 137 59.97 30.25 16.73
N ALA G 138 59.62 31.37 16.12
CA ALA G 138 58.77 32.37 16.76
C ALA G 138 57.41 31.79 17.11
N ALA G 139 56.84 31.01 16.19
CA ALA G 139 55.55 30.35 16.43
C ALA G 139 55.66 29.35 17.56
N ARG G 140 56.81 28.70 17.68
CA ARG G 140 57.04 27.68 18.71
C ARG G 140 57.26 28.30 20.09
N ALA G 141 57.86 29.49 20.12
CA ALA G 141 58.01 30.23 21.37
C ALA G 141 56.66 30.73 21.85
N THR G 142 55.85 31.26 20.93
CA THR G 142 54.49 31.68 21.26
C THR G 142 53.68 30.51 21.81
N TYR G 143 53.87 29.34 21.20
CA TYR G 143 53.14 28.13 21.59
C TYR G 143 53.41 27.73 23.04
N SER G 144 54.68 27.74 23.42
CA SER G 144 55.08 27.41 24.80
C SER G 144 54.54 28.43 25.80
N GLU G 145 54.53 29.69 25.36
CA GLU G 145 54.01 30.79 26.16
C GLU G 145 52.51 30.65 26.39
N LEU G 146 51.77 30.35 25.32
CA LEU G 146 50.32 30.14 25.42
C LEU G 146 50.02 28.91 26.25
N LEU G 147 50.82 27.87 26.09
CA LEU G 147 50.57 26.61 26.79
C LEU G 147 50.69 26.78 28.29
N ALA G 148 51.72 27.50 28.73
CA ALA G 148 52.00 27.69 30.17
C ALA G 148 50.87 28.46 30.85
N LYS G 149 50.49 29.57 30.23
CA LYS G 149 49.38 30.40 30.69
C LYS G 149 48.04 29.66 30.68
N LEU G 150 47.78 28.89 29.62
CA LEU G 150 46.56 28.09 29.55
C LEU G 150 46.47 27.02 30.63
N GLU G 151 47.60 26.38 30.94
CA GLU G 151 47.63 25.38 32.02
C GLU G 151 47.29 25.99 33.39
N ALA G 152 47.74 27.23 33.60
CA ALA G 152 47.44 27.98 34.83
C ALA G 152 46.00 28.47 34.82
N LYS G 153 45.47 28.75 33.63
CA LYS G 153 44.08 29.13 33.49
C LYS G 153 43.13 27.95 33.75
N PHE G 154 43.54 26.74 33.38
CA PHE G 154 42.74 25.53 33.62
C PHE G 154 43.22 24.77 34.85
N ALA G 155 44.02 25.43 35.67
CA ALA G 155 44.58 24.83 36.90
C ALA G 155 43.52 24.28 37.84
N ASP G 156 42.26 24.68 37.61
CA ASP G 156 41.12 24.22 38.40
C ASP G 156 40.39 23.02 37.77
N GLN G 157 41.09 22.31 36.88
CA GLN G 157 40.65 21.01 36.39
C GLN G 157 41.50 19.97 37.12
N PRO G 158 40.86 19.09 37.93
CA PRO G 158 41.58 18.11 38.73
C PRO G 158 42.39 17.15 37.86
N ASN G 159 41.73 16.58 36.84
CA ASN G 159 42.34 15.64 35.91
C ASN G 159 43.41 16.31 35.04
N ALA G 160 44.67 15.93 35.28
CA ALA G 160 45.82 16.55 34.62
C ALA G 160 45.93 16.17 33.13
N ILE G 161 45.58 14.94 32.79
CA ILE G 161 45.53 14.49 31.40
C ILE G 161 44.58 15.38 30.57
N LEU G 162 43.38 15.61 31.09
CA LEU G 162 42.40 16.47 30.45
C LEU G 162 42.86 17.93 30.44
N ARG G 163 43.44 18.38 31.55
CA ARG G 163 43.96 19.75 31.69
C ARG G 163 44.98 20.10 30.61
N ARG G 164 45.93 19.20 30.41
CA ARG G 164 46.99 19.39 29.41
C ARG G 164 46.42 19.44 27.99
N LYS G 165 45.48 18.55 27.69
CA LYS G 165 44.80 18.53 26.40
C LYS G 165 44.09 19.85 26.08
N GLN G 166 43.35 20.37 27.07
CA GLN G 166 42.59 21.62 26.93
C GLN G 166 43.52 22.79 26.57
N ALA G 167 44.66 22.85 27.27
CA ALA G 167 45.71 23.82 26.95
C ALA G 167 46.35 23.55 25.59
N ARG G 168 46.57 22.27 25.28
CA ARG G 168 47.27 21.89 24.06
C ARG G 168 46.42 22.26 22.84
N GLN G 169 45.15 21.85 22.84
CA GLN G 169 44.26 22.19 21.71
C GLN G 169 44.12 23.69 21.44
N ALA G 170 44.22 24.51 22.47
CA ALA G 170 44.16 25.96 22.30
C ALA G 170 45.48 26.56 21.80
N ALA G 171 46.59 26.10 22.37
CA ALA G 171 47.93 26.62 22.00
C ALA G 171 48.31 26.28 20.56
N ARG G 172 47.75 25.19 20.04
CA ARG G 172 47.91 24.75 18.64
C ARG G 172 47.58 25.85 17.63
N ALA G 173 46.87 26.88 18.09
CA ALA G 173 46.32 27.90 17.17
C ALA G 173 47.38 28.68 16.43
N VAL G 174 48.55 28.82 17.07
CA VAL G 174 49.69 29.52 16.48
C VAL G 174 50.56 28.66 15.56
N PRO G 176 52.02 26.87 12.55
CA PRO G 176 51.83 27.18 11.15
C PRO G 176 51.42 25.98 10.30
N ASN G 177 50.92 26.25 9.10
CA ASN G 177 50.67 25.26 8.05
C ASN G 177 51.85 24.31 7.77
N ALA G 178 53.07 24.85 7.86
CA ALA G 178 54.30 24.12 7.51
C ALA G 178 54.72 23.10 8.55
N THR G 179 54.02 23.06 9.69
CA THR G 179 54.28 22.09 10.74
C THR G 179 54.22 20.68 10.15
N GLU G 180 55.24 19.86 10.43
CA GLU G 180 55.29 18.48 9.95
C GLU G 180 54.22 17.62 10.61
N THR G 181 53.60 16.75 9.83
CA THR G 181 52.72 15.78 10.43
C THR G 181 53.08 14.40 9.90
N ARG G 182 52.46 13.36 10.46
CA ARG G 182 52.72 11.96 10.11
C ARG G 182 51.38 11.25 10.02
N ILE G 183 51.27 10.30 9.10
CA ILE G 183 49.97 9.74 8.76
C ILE G 183 50.12 8.37 8.12
N VAL G 184 49.29 7.44 8.56
CA VAL G 184 49.12 6.18 7.87
C VAL G 184 47.95 6.36 6.90
N VAL G 185 48.18 6.06 5.62
CA VAL G 185 47.15 6.15 4.55
C VAL G 185 46.95 4.78 3.92
N THR G 186 45.72 4.28 3.94
CA THR G 186 45.39 3.00 3.34
C THR G 186 44.34 3.23 2.25
N GLY G 187 44.55 2.61 1.09
CA GLY G 187 43.60 2.68 0.00
C GLY G 187 43.70 1.45 -0.87
N ASN G 188 42.59 1.08 -1.52
CA ASN G 188 42.63 0.03 -2.53
C ASN G 188 43.19 0.58 -3.84
N TYR G 189 43.46 -0.29 -4.82
CA TYR G 189 44.15 0.15 -6.04
C TYR G 189 43.39 1.21 -6.84
N ARG G 190 42.07 1.09 -6.85
CA ARG G 190 41.22 2.05 -7.56
C ARG G 190 41.31 3.45 -6.90
N ALA G 191 41.29 3.51 -5.58
CA ALA G 191 41.45 4.79 -4.86
C ALA G 191 42.82 5.39 -5.08
N TRP G 192 43.86 4.56 -5.04
CA TRP G 192 45.23 5.04 -5.29
C TRP G 192 45.38 5.67 -6.67
N ARG G 193 44.83 5.02 -7.68
CA ARG G 193 44.83 5.51 -9.07
C ARG G 193 44.15 6.88 -9.23
N HIS G 194 42.97 7.03 -8.64
CA HIS G 194 42.29 8.33 -8.66
C HIS G 194 43.10 9.40 -7.95
N PHE G 195 43.68 9.09 -6.79
CA PHE G 195 44.58 10.00 -6.10
C PHE G 195 45.73 10.48 -7.00
N ILE G 196 46.44 9.53 -7.62
CA ILE G 196 47.53 9.84 -8.54
C ILE G 196 47.06 10.69 -9.72
N ALA G 197 45.93 10.32 -10.33
CA ALA G 197 45.38 11.10 -11.46
C ALA G 197 45.09 12.55 -11.08
N ARG G 199 46.28 14.25 -8.21
CA ARG G 199 47.33 14.96 -7.49
C ARG G 199 48.70 15.04 -8.19
N ALA G 200 49.04 14.06 -9.01
CA ALA G 200 50.27 14.11 -9.81
C ALA G 200 50.04 14.88 -11.11
N SER G 201 49.43 16.06 -11.01
CA SER G 201 49.10 16.84 -12.19
C SER G 201 49.64 18.25 -12.00
N GLU G 202 49.73 19.01 -13.08
CA GLU G 202 50.26 20.37 -12.96
C GLU G 202 49.28 21.30 -12.24
N HIS G 203 48.02 20.90 -12.14
CA HIS G 203 47.00 21.68 -11.42
C HIS G 203 47.21 21.66 -9.91
N ALA G 204 47.78 20.56 -9.41
CA ALA G 204 47.92 20.35 -7.98
C ALA G 204 49.12 21.11 -7.39
N ASP G 205 49.02 21.44 -6.11
CA ASP G 205 50.13 22.01 -5.34
C ASP G 205 51.37 21.14 -5.48
N VAL G 206 52.54 21.77 -5.54
CA VAL G 206 53.80 21.02 -5.70
C VAL G 206 54.09 20.03 -4.59
N GLU G 207 53.71 20.34 -3.35
CA GLU G 207 53.96 19.39 -2.25
C GLU G 207 53.19 18.08 -2.42
N ILE G 208 51.88 18.16 -2.69
CA ILE G 208 51.07 16.93 -2.82
C ILE G 208 51.42 16.17 -4.11
N ARG G 209 51.86 16.91 -5.12
CA ARG G 209 52.28 16.34 -6.40
C ARG G 209 53.50 15.45 -6.19
N ARG G 210 54.45 15.96 -5.40
CA ARG G 210 55.65 15.22 -4.99
C ARG G 210 55.29 13.92 -4.26
N LEU G 211 54.37 14.03 -3.30
CA LEU G 211 53.81 12.86 -2.61
C LEU G 211 53.24 11.83 -3.59
N ALA G 212 52.32 12.30 -4.44
CA ALA G 212 51.62 11.44 -5.40
C ALA G 212 52.60 10.68 -6.31
N ILE G 213 53.65 11.37 -6.77
CA ILE G 213 54.65 10.73 -7.63
C ILE G 213 55.40 9.63 -6.89
N GLU G 214 55.74 9.87 -5.62
CA GLU G 214 56.42 8.88 -4.81
C GLU G 214 55.55 7.66 -4.49
N CYS G 215 54.28 7.90 -4.17
CA CYS G 215 53.34 6.81 -4.00
C CYS G 215 53.21 5.99 -5.27
N LEU G 216 53.10 6.67 -6.42
CA LEU G 216 52.99 6.00 -7.72
C LEU G 216 54.18 5.06 -7.99
N ARG G 217 55.40 5.55 -7.71
CA ARG G 217 56.61 4.77 -7.91
C ARG G 217 56.67 3.53 -7.03
N GLN G 218 56.25 3.65 -5.78
CA GLN G 218 56.20 2.50 -4.88
C GLN G 218 55.06 1.53 -5.22
N LEU G 219 53.90 2.06 -5.59
CA LEU G 219 52.78 1.23 -6.06
C LEU G 219 53.12 0.44 -7.34
N ALA G 220 53.82 1.09 -8.27
CA ALA G 220 54.25 0.47 -9.52
C ALA G 220 55.28 -0.63 -9.25
N ALA G 221 55.99 -0.53 -8.14
CA ALA G 221 56.92 -1.57 -7.72
C ALA G 221 56.20 -2.80 -7.15
N VAL G 222 55.13 -2.59 -6.38
CA VAL G 222 54.34 -3.71 -5.85
C VAL G 222 53.33 -4.28 -6.84
N ALA G 223 52.69 -3.42 -7.61
CA ALA G 223 51.72 -3.84 -8.62
C ALA G 223 51.97 -3.22 -10.00
N PRO G 224 53.06 -3.64 -10.69
CA PRO G 224 53.40 -3.09 -12.01
C PRO G 224 52.26 -3.08 -13.06
N ALA G 225 51.54 -4.19 -13.21
CA ALA G 225 50.47 -4.23 -14.21
C ALA G 225 49.36 -3.20 -13.93
N VAL G 226 49.08 -2.94 -12.66
CA VAL G 226 47.97 -2.05 -12.26
C VAL G 226 48.25 -0.57 -12.59
N PHE G 227 49.51 -0.16 -12.42
CA PHE G 227 49.88 1.26 -12.56
C PHE G 227 50.69 1.60 -13.81
N ALA G 228 50.84 0.63 -14.72
CA ALA G 228 51.68 0.78 -15.91
C ALA G 228 51.22 1.85 -16.90
N ASP G 229 49.91 2.14 -16.92
CA ASP G 229 49.35 3.14 -17.83
C ASP G 229 49.69 4.59 -17.45
N PHE G 230 50.15 4.81 -16.22
CA PHE G 230 50.61 6.13 -15.79
C PHE G 230 52.05 6.40 -16.27
N GLU G 231 52.20 7.47 -17.05
CA GLU G 231 53.48 7.91 -17.56
C GLU G 231 53.94 9.13 -16.78
N VAL G 232 55.13 9.05 -16.22
CA VAL G 232 55.72 10.17 -15.50
C VAL G 232 56.46 11.05 -16.52
N THR G 233 56.22 12.36 -16.46
CA THR G 233 56.94 13.33 -17.26
C THR G 233 57.59 14.37 -16.38
N THR G 234 58.69 14.94 -16.85
CA THR G 234 59.39 16.00 -16.12
C THR G 234 59.05 17.35 -16.74
N LEU G 235 58.52 18.25 -15.92
CA LEU G 235 58.18 19.60 -16.36
C LEU G 235 59.40 20.51 -16.38
N ALA G 236 59.26 21.69 -16.99
CA ALA G 236 60.34 22.68 -17.10
C ALA G 236 61.02 23.03 -15.78
N ASP G 237 60.24 23.17 -14.72
CA ASP G 237 60.79 23.50 -13.40
C ASP G 237 61.33 22.26 -12.68
N GLY G 238 61.37 21.13 -13.39
CA GLY G 238 61.95 19.90 -12.85
C GLY G 238 61.05 19.08 -11.94
N THR G 239 59.85 19.60 -11.64
CA THR G 239 58.84 18.80 -10.94
C THR G 239 58.30 17.74 -11.89
N GLU G 240 57.65 16.73 -11.33
CA GLU G 240 57.18 15.59 -12.13
C GLU G 240 55.68 15.46 -12.03
N VAL G 241 55.06 15.10 -13.14
CA VAL G 241 53.63 14.81 -13.18
C VAL G 241 53.41 13.45 -13.82
N ALA G 242 52.23 12.89 -13.62
CA ALA G 242 51.88 11.60 -14.24
C ALA G 242 50.55 11.75 -14.95
N THR G 243 50.45 11.13 -16.12
CA THR G 243 49.24 11.15 -16.94
C THR G 243 48.93 9.74 -17.45
N SER G 244 47.64 9.43 -17.53
CA SER G 244 47.19 8.15 -18.07
C SER G 244 46.03 8.38 -19.03
N PRO G 245 46.03 7.68 -20.19
CA PRO G 245 44.91 7.74 -21.13
C PRO G 245 43.61 7.19 -20.55
N LEU G 246 43.73 6.36 -19.51
CA LEU G 246 42.57 5.82 -18.80
C LEU G 246 42.10 6.78 -17.72
N ALA G 247 42.77 7.93 -17.63
CA ALA G 247 42.50 9.01 -16.67
C ALA G 247 42.34 8.50 -15.24
N THR G 248 41.11 8.14 -14.87
CA THR G 248 40.72 7.68 -13.52
C THR G 248 40.89 8.74 -12.43
N GLU H 3 0.41 -10.41 -16.39
CA GLU H 3 0.24 -8.96 -16.05
C GLU H 3 1.59 -8.24 -15.94
N THR H 4 1.75 -7.16 -16.70
CA THR H 4 3.06 -6.51 -16.79
C THR H 4 3.03 -5.08 -16.29
N ALA H 5 4.18 -4.60 -15.85
CA ALA H 5 4.31 -3.24 -15.35
C ALA H 5 5.24 -2.44 -16.29
N PRO H 6 4.80 -1.25 -16.74
CA PRO H 6 5.67 -0.41 -17.55
C PRO H 6 6.59 0.39 -16.63
N LEU H 7 7.76 0.78 -17.13
CA LEU H 7 8.66 1.65 -16.38
C LEU H 7 7.99 2.97 -16.10
N ARG H 8 8.09 3.42 -14.86
CA ARG H 8 7.60 4.74 -14.46
C ARG H 8 8.60 5.39 -13.50
N VAL H 9 9.01 6.60 -13.84
CA VAL H 9 10.03 7.34 -13.10
C VAL H 9 9.40 8.68 -12.71
N GLN H 10 9.36 8.94 -11.40
CA GLN H 10 8.70 10.13 -10.88
C GLN H 10 9.62 10.90 -9.97
N LEU H 11 9.82 12.18 -10.28
CA LEU H 11 10.70 13.04 -9.51
C LEU H 11 9.94 13.48 -8.28
N ILE H 12 10.44 13.08 -7.11
CA ILE H 12 9.73 13.31 -5.87
C ILE H 12 10.39 14.32 -4.91
N ALA H 13 11.69 14.56 -5.04
CA ALA H 13 12.38 15.53 -4.20
C ALA H 13 13.55 16.15 -4.93
N LYS H 14 13.84 17.40 -4.60
CA LYS H 14 14.99 18.12 -5.14
C LYS H 14 15.44 19.21 -4.16
N THR H 15 16.65 19.75 -4.36
CA THR H 15 17.20 20.76 -3.47
C THR H 15 16.39 22.08 -3.52
N ASP H 16 16.14 22.64 -2.34
CA ASP H 16 15.59 23.97 -2.16
C ASP H 16 16.72 24.85 -1.64
N PHE H 17 16.97 26.01 -2.28
CA PHE H 17 18.14 26.85 -1.94
C PHE H 17 17.75 28.20 -1.34
N LEU H 18 18.45 28.60 -0.27
CA LEU H 18 18.20 29.89 0.39
C LEU H 18 19.50 30.67 0.52
N ALA H 19 19.73 31.60 -0.41
CA ALA H 19 20.95 32.44 -0.38
C ALA H 19 21.08 33.16 0.95
N PRO H 20 22.27 33.08 1.57
CA PRO H 20 22.49 33.78 2.84
C PRO H 20 22.47 35.29 2.61
N PRO H 21 21.63 36.03 3.36
CA PRO H 21 21.40 37.47 3.12
C PRO H 21 22.67 38.31 3.07
N ASP H 22 23.65 37.99 3.92
CA ASP H 22 24.84 38.83 4.10
C ASP H 22 26.04 38.46 3.21
N VAL H 23 25.77 37.73 2.12
CA VAL H 23 26.78 37.52 1.10
C VAL H 23 26.39 38.36 -0.13
N PRO H 24 27.31 39.23 -0.58
CA PRO H 24 27.02 40.15 -1.68
C PRO H 24 27.03 39.45 -3.05
N TRP H 25 26.09 38.53 -3.25
CA TRP H 25 26.00 37.73 -4.50
C TRP H 25 24.55 37.38 -4.83
N THR H 26 24.21 37.46 -6.11
CA THR H 26 22.93 36.96 -6.59
C THR H 26 23.16 36.23 -7.88
N THR H 27 22.17 35.42 -8.27
CA THR H 27 22.23 34.74 -9.52
C THR H 27 20.92 34.56 -10.24
N ASP H 28 21.14 34.08 -11.44
CA ASP H 28 20.24 33.87 -12.53
C ASP H 28 19.40 32.58 -12.37
N ALA H 29 19.25 32.08 -11.14
CA ALA H 29 18.68 30.73 -10.88
C ALA H 29 18.31 30.49 -9.41
N ASP H 30 17.69 29.33 -9.14
CA ASP H 30 17.42 28.90 -7.77
C ASP H 30 17.64 27.40 -7.63
N GLY H 31 17.33 26.85 -6.46
CA GLY H 31 17.46 25.41 -6.22
C GLY H 31 18.88 24.87 -6.38
N GLY H 32 18.97 23.68 -6.95
CA GLY H 32 20.24 22.95 -7.09
C GLY H 32 21.32 23.70 -7.86
N PRO H 33 21.00 24.17 -9.06
CA PRO H 33 21.98 24.93 -9.86
C PRO H 33 22.51 26.16 -9.11
N ALA H 34 21.64 26.87 -8.38
CA ALA H 34 22.07 28.07 -7.64
C ALA H 34 22.98 27.68 -6.49
N LEU H 35 22.65 26.59 -5.81
CA LEU H 35 23.50 26.07 -4.75
C LEU H 35 24.90 25.72 -5.26
N VAL H 36 24.97 25.07 -6.42
CA VAL H 36 26.26 24.64 -6.99
C VAL H 36 27.14 25.84 -7.30
N GLU H 37 26.58 26.85 -7.97
CA GLU H 37 27.34 28.10 -8.18
C GLU H 37 27.81 28.69 -6.84
N PHE H 38 26.91 28.76 -5.86
CA PHE H 38 27.29 29.37 -4.60
C PHE H 38 28.48 28.62 -3.98
N ALA H 39 28.38 27.30 -3.97
CA ALA H 39 29.44 26.46 -3.44
C ALA H 39 30.78 26.66 -4.20
N GLY H 40 30.71 26.79 -5.52
CA GLY H 40 31.91 26.97 -6.34
C GLY H 40 32.57 28.31 -6.05
N ARG H 41 31.75 29.36 -5.95
CA ARG H 41 32.23 30.72 -5.69
C ARG H 41 32.78 30.91 -4.27
N ALA H 42 32.28 30.15 -3.30
CA ALA H 42 32.82 30.11 -1.92
C ALA H 42 34.28 29.67 -1.83
N CYS H 43 34.71 28.79 -2.72
CA CYS H 43 36.12 28.39 -2.79
C CYS H 43 37.01 29.59 -3.12
N TYR H 44 36.51 30.47 -3.98
CA TYR H 44 37.28 31.63 -4.44
C TYR H 44 36.88 32.95 -3.78
N GLN H 45 35.78 32.94 -3.01
CA GLN H 45 35.11 34.17 -2.50
C GLN H 45 34.88 35.22 -3.59
N SER H 46 34.52 34.74 -4.79
CA SER H 46 34.33 35.59 -5.95
C SER H 46 32.87 35.99 -6.08
N TRP H 47 32.37 36.69 -5.07
CA TRP H 47 30.95 37.06 -4.97
C TRP H 47 30.49 38.10 -5.98
N SER H 48 31.32 39.11 -6.23
CA SER H 48 31.09 40.01 -7.37
C SER H 48 31.40 39.14 -8.56
N LYS H 49 30.82 39.39 -9.72
CA LYS H 49 31.07 38.48 -10.85
C LYS H 49 31.96 39.14 -11.90
N PRO H 50 33.30 39.17 -11.66
CA PRO H 50 34.20 39.98 -12.47
C PRO H 50 34.17 39.64 -13.96
N ASN H 51 34.14 38.34 -14.27
CA ASN H 51 34.15 37.86 -15.65
C ASN H 51 32.75 37.60 -16.20
N PRO H 52 32.31 38.46 -17.16
CA PRO H 52 31.01 38.40 -17.82
C PRO H 52 30.65 37.03 -18.43
N LYS H 53 31.65 36.29 -18.91
CA LYS H 53 31.41 34.97 -19.49
C LYS H 53 30.81 33.99 -18.47
N THR H 54 31.25 34.08 -17.24
CA THR H 54 30.76 33.17 -16.21
C THR H 54 29.75 33.85 -15.28
N ALA H 55 29.26 35.01 -15.69
CA ALA H 55 28.37 35.83 -14.85
C ALA H 55 26.88 35.43 -14.89
N THR H 56 26.57 34.35 -15.63
CA THR H 56 25.26 33.73 -15.54
C THR H 56 25.42 32.39 -14.83
N ASN H 57 24.31 31.85 -14.33
CA ASN H 57 24.36 30.56 -13.65
C ASN H 57 24.73 29.42 -14.59
N ALA H 58 24.10 29.37 -15.77
CA ALA H 58 24.44 28.32 -16.76
C ALA H 58 25.90 28.43 -17.22
N GLY H 59 26.37 29.65 -17.41
CA GLY H 59 27.76 29.89 -17.80
C GLY H 59 28.76 29.50 -16.73
N TYR H 60 28.45 29.84 -15.48
CA TYR H 60 29.33 29.42 -14.40
C TYR H 60 29.36 27.89 -14.28
N LEU H 61 28.19 27.26 -14.37
CA LEU H 61 28.12 25.80 -14.24
C LEU H 61 28.86 25.05 -15.35
N ARG H 62 28.69 25.51 -16.59
CA ARG H 62 29.46 24.97 -17.72
C ARG H 62 30.97 25.09 -17.50
N HIS H 63 31.41 26.23 -16.98
CA HIS H 63 32.83 26.45 -16.65
C HIS H 63 33.35 25.51 -15.56
N ILE H 64 32.53 25.23 -14.56
CA ILE H 64 32.87 24.30 -13.48
C ILE H 64 33.16 22.89 -14.03
N ASP H 66 33.88 22.21 -17.37
CA ASP H 66 35.00 22.33 -18.31
C ASP H 66 36.35 22.21 -17.62
N VAL H 67 36.45 22.76 -16.41
CA VAL H 67 37.67 22.71 -15.63
C VAL H 67 37.69 21.49 -14.67
N GLY H 68 36.62 20.71 -14.70
CA GLY H 68 36.53 19.46 -13.97
C GLY H 68 36.46 19.56 -12.45
N HIS H 69 35.79 20.58 -11.94
CA HIS H 69 35.58 20.71 -10.50
C HIS H 69 34.26 20.02 -10.15
N PHE H 70 34.21 18.70 -10.34
CA PHE H 70 32.95 17.97 -10.19
C PHE H 70 32.46 17.79 -8.76
N SER H 71 33.33 17.99 -7.77
CA SER H 71 32.90 17.84 -6.37
C SER H 71 31.87 18.89 -5.96
N VAL H 72 31.85 20.02 -6.67
CA VAL H 72 30.90 21.09 -6.41
C VAL H 72 29.47 20.66 -6.77
N LEU H 73 29.33 19.73 -7.71
CA LEU H 73 28.02 19.19 -8.09
C LEU H 73 27.36 18.33 -7.00
N GLU H 74 28.15 17.89 -6.02
CA GLU H 74 27.65 17.01 -4.97
C GLU H 74 26.67 17.67 -4.01
N HIS H 75 26.67 19.00 -3.97
CA HIS H 75 25.83 19.74 -3.02
C HIS H 75 24.33 19.64 -3.29
N ALA H 76 23.96 19.49 -4.57
CA ALA H 76 22.56 19.43 -4.98
C ALA H 76 22.17 17.97 -5.20
N SER H 77 20.92 17.63 -4.85
CA SER H 77 20.46 16.25 -5.02
C SER H 77 19.04 16.15 -5.55
N VAL H 78 18.69 14.97 -6.07
CA VAL H 78 17.37 14.70 -6.60
C VAL H 78 16.99 13.28 -6.18
N SER H 79 15.69 13.07 -5.91
CA SER H 79 15.16 11.75 -5.57
C SER H 79 14.08 11.40 -6.57
N PHE H 80 14.08 10.13 -7.02
CA PHE H 80 13.01 9.60 -7.85
C PHE H 80 12.33 8.43 -7.14
N TYR H 81 11.05 8.22 -7.45
CA TYR H 81 10.36 6.98 -7.14
C TYR H 81 10.19 6.20 -8.45
N ILE H 82 10.79 5.02 -8.52
CA ILE H 82 10.83 4.21 -9.74
C ILE H 82 10.00 2.95 -9.57
N THR H 83 9.11 2.71 -10.53
CA THR H 83 8.29 1.50 -10.54
C THR H 83 8.40 0.86 -11.93
N GLY H 84 7.89 -0.36 -12.10
CA GLY H 84 8.03 -1.06 -13.38
C GLY H 84 9.48 -1.32 -13.75
N ILE H 85 10.27 -1.63 -12.72
CA ILE H 85 11.68 -2.00 -12.82
C ILE H 85 11.74 -3.44 -12.25
N SER H 86 12.49 -4.32 -12.90
CA SER H 86 12.61 -5.70 -12.43
C SER H 86 13.63 -5.82 -11.31
N ARG H 87 13.59 -6.96 -10.61
CA ARG H 87 14.56 -7.36 -9.59
C ARG H 87 16.00 -7.51 -10.11
N SER H 88 16.16 -7.97 -11.34
CA SER H 88 17.51 -8.06 -11.93
C SER H 88 18.06 -6.68 -12.23
N CYS H 89 17.17 -5.74 -12.57
CA CYS H 89 17.57 -4.36 -12.79
C CYS H 89 18.00 -3.67 -11.49
N THR H 90 17.23 -3.86 -10.41
CA THR H 90 17.65 -3.31 -9.11
C THR H 90 18.95 -3.93 -8.56
N HIS H 91 19.19 -5.20 -8.89
CA HIS H 91 20.43 -5.86 -8.48
C HIS H 91 21.66 -5.22 -9.14
N GLU H 92 21.47 -4.69 -10.35
CA GLU H 92 22.51 -3.90 -11.03
C GLU H 92 22.54 -2.47 -10.46
N LEU H 93 21.36 -1.84 -10.35
CA LEU H 93 21.24 -0.46 -9.88
C LEU H 93 21.96 -0.21 -8.55
N ILE H 94 21.72 -1.10 -7.58
CA ILE H 94 22.22 -0.86 -6.24
C ILE H 94 23.72 -1.12 -6.11
N ARG H 95 24.37 -1.58 -7.19
CA ARG H 95 25.82 -1.57 -7.23
C ARG H 95 26.41 -0.15 -7.14
N HIS H 96 25.61 0.86 -7.48
CA HIS H 96 26.05 2.25 -7.35
C HIS H 96 25.98 2.64 -5.91
N ARG H 97 27.15 2.87 -5.33
CA ARG H 97 27.27 3.00 -3.89
C ARG H 97 27.08 4.42 -3.36
N HIS H 98 27.14 5.41 -4.24
CA HIS H 98 26.94 6.79 -3.82
C HIS H 98 25.51 7.27 -4.10
N PHE H 99 24.56 6.36 -3.94
CA PHE H 99 23.13 6.68 -3.96
C PHE H 99 22.58 6.15 -2.65
N SER H 100 21.40 6.64 -2.25
CA SER H 100 20.64 6.05 -1.13
C SER H 100 19.33 5.48 -1.66
N TYR H 101 18.94 4.34 -1.10
CA TYR H 101 17.82 3.55 -1.61
C TYR H 101 16.83 3.19 -0.53
N SER H 102 15.57 3.14 -0.90
CA SER H 102 14.56 2.43 -0.10
C SER H 102 13.71 1.65 -1.08
N GLN H 103 13.72 0.34 -0.92
CA GLN H 103 13.14 -0.55 -1.90
C GLN H 103 12.11 -1.45 -1.28
N LEU H 104 11.05 -1.71 -2.05
CA LEU H 104 10.02 -2.70 -1.75
C LEU H 104 10.60 -4.05 -1.31
N SER H 105 10.18 -4.51 -0.14
CA SER H 105 10.75 -5.71 0.46
C SER H 105 9.90 -6.97 0.23
N GLN H 106 10.50 -7.98 -0.41
CA GLN H 106 9.84 -9.28 -0.61
C GLN H 106 9.69 -10.06 0.71
N ARG H 107 10.53 -9.76 1.70
CA ARG H 107 10.35 -10.33 3.05
C ARG H 107 9.10 -9.80 3.77
N TYR H 108 8.70 -8.58 3.43
CA TYR H 108 7.60 -7.88 4.10
C TYR H 108 6.29 -7.84 3.29
N VAL H 109 6.40 -7.82 1.96
CA VAL H 109 5.26 -7.54 1.09
C VAL H 109 4.82 -8.79 0.33
N PRO H 110 3.55 -9.20 0.50
CA PRO H 110 2.93 -10.33 -0.22
C PRO H 110 3.17 -10.22 -1.72
N GLU H 111 3.70 -11.28 -2.35
CA GLU H 111 4.04 -11.24 -3.78
C GLU H 111 3.13 -12.09 -4.68
N LYS H 112 2.05 -12.64 -4.12
CA LYS H 112 1.16 -13.53 -4.87
C LYS H 112 0.58 -12.87 -6.12
N ASP H 113 0.32 -11.57 -6.04
CA ASP H 113 -0.35 -10.84 -7.11
C ASP H 113 0.58 -9.86 -7.83
N SER H 114 1.89 -10.09 -7.75
CA SER H 114 2.84 -9.17 -8.34
C SER H 114 2.85 -9.24 -9.87
N ARG H 115 3.19 -8.12 -10.49
CA ARG H 115 3.35 -8.07 -11.92
C ARG H 115 4.78 -8.42 -12.29
N VAL H 116 5.01 -8.66 -13.58
CA VAL H 116 6.39 -8.80 -14.09
C VAL H 116 6.73 -7.69 -15.06
N VAL H 117 8.02 -7.48 -15.22
CA VAL H 117 8.55 -6.50 -16.15
C VAL H 117 9.11 -7.28 -17.35
N VAL H 118 8.62 -6.94 -18.54
CA VAL H 118 9.07 -7.55 -19.78
C VAL H 118 10.46 -7.00 -20.17
N PRO H 119 11.45 -7.88 -20.41
CA PRO H 119 12.72 -7.39 -20.94
C PRO H 119 12.51 -6.66 -22.25
N PRO H 120 13.09 -5.44 -22.41
CA PRO H 120 12.91 -4.66 -23.64
C PRO H 120 13.25 -5.41 -24.94
N GLY H 121 14.15 -6.39 -24.87
CA GLY H 121 14.50 -7.20 -26.04
C GLY H 121 13.42 -8.15 -26.55
N GLU H 123 9.90 -7.14 -25.93
CA GLU H 123 8.69 -6.32 -25.76
C GLU H 123 7.71 -6.34 -26.93
N ASP H 124 8.23 -6.51 -28.14
CA ASP H 124 7.42 -6.50 -29.35
C ASP H 124 7.08 -7.91 -29.84
N ASP H 125 7.42 -8.92 -29.05
CA ASP H 125 7.23 -10.30 -29.45
C ASP H 125 6.17 -11.00 -28.58
N ALA H 126 4.96 -11.11 -29.13
CA ALA H 126 3.81 -11.62 -28.38
C ALA H 126 4.00 -13.04 -27.84
N ASP H 127 4.65 -13.90 -28.63
CA ASP H 127 4.94 -15.28 -28.24
C ASP H 127 5.94 -15.39 -27.09
N LEU H 128 7.01 -14.59 -27.13
CA LEU H 128 8.00 -14.59 -26.07
C LEU H 128 7.39 -14.00 -24.80
N ARG H 129 6.59 -12.95 -24.95
CA ARG H 129 5.87 -12.36 -23.83
C ARG H 129 4.95 -13.38 -23.14
N HIS H 130 4.26 -14.19 -23.96
CA HIS H 130 3.38 -15.24 -23.47
C HIS H 130 4.13 -16.33 -22.71
N ILE H 131 5.30 -16.73 -23.21
CA ILE H 131 6.15 -17.69 -22.50
C ILE H 131 6.53 -17.13 -21.13
N LEU H 132 6.94 -15.86 -21.11
CA LEU H 132 7.34 -15.20 -19.88
C LEU H 132 6.21 -15.15 -18.86
N THR H 133 5.03 -14.72 -19.30
CA THR H 133 3.91 -14.53 -18.38
C THR H 133 3.33 -15.86 -17.89
N GLU H 134 3.39 -16.90 -18.72
CA GLU H 134 3.00 -18.24 -18.26
C GLU H 134 3.99 -18.79 -17.23
N ALA H 135 5.28 -18.53 -17.44
CA ALA H 135 6.31 -18.91 -16.48
C ALA H 135 6.10 -18.17 -15.16
N ALA H 136 5.80 -16.87 -15.24
CA ALA H 136 5.52 -16.05 -14.04
C ALA H 136 4.28 -16.53 -13.27
N ASP H 137 3.24 -16.89 -14.01
CA ASP H 137 2.01 -17.45 -13.42
C ASP H 137 2.26 -18.74 -12.64
N ALA H 138 3.01 -19.66 -13.24
CA ALA H 138 3.45 -20.88 -12.58
C ALA H 138 4.25 -20.60 -11.31
N ALA H 139 5.13 -19.60 -11.38
CA ALA H 139 5.98 -19.24 -10.24
C ALA H 139 5.16 -18.65 -9.10
N ARG H 140 4.17 -17.82 -9.42
CA ARG H 140 3.30 -17.27 -8.37
C ARG H 140 2.46 -18.36 -7.71
N ALA H 141 1.97 -19.30 -8.52
CA ALA H 141 1.28 -20.50 -8.05
C ALA H 141 2.15 -21.30 -7.08
N THR H 142 3.42 -21.49 -7.44
CA THR H 142 4.35 -22.20 -6.56
C THR H 142 4.60 -21.42 -5.27
N TYR H 143 4.77 -20.09 -5.40
CA TYR H 143 4.93 -19.19 -4.25
C TYR H 143 3.82 -19.38 -3.21
N SER H 144 2.57 -19.36 -3.68
CA SER H 144 1.40 -19.52 -2.82
C SER H 144 1.35 -20.90 -2.17
N GLU H 145 1.78 -21.92 -2.90
CA GLU H 145 1.84 -23.30 -2.41
C GLU H 145 2.88 -23.44 -1.32
N LEU H 146 4.06 -22.87 -1.54
CA LEU H 146 5.15 -22.87 -0.56
C LEU H 146 4.76 -22.10 0.69
N LEU H 147 4.17 -20.91 0.49
CA LEU H 147 3.80 -20.03 1.58
C LEU H 147 2.84 -20.71 2.57
N ALA H 148 1.81 -21.38 2.03
CA ALA H 148 0.83 -22.08 2.85
C ALA H 148 1.50 -23.14 3.71
N LYS H 149 2.23 -24.04 3.06
CA LYS H 149 2.98 -25.10 3.73
C LYS H 149 4.03 -24.60 4.73
N LEU H 150 4.70 -23.49 4.39
CA LEU H 150 5.67 -22.87 5.30
C LEU H 150 5.00 -22.24 6.52
N GLU H 151 3.83 -21.61 6.33
CA GLU H 151 3.05 -21.10 7.46
C GLU H 151 2.67 -22.23 8.43
N ALA H 152 2.24 -23.37 7.88
CA ALA H 152 1.95 -24.57 8.66
C ALA H 152 3.18 -25.11 9.40
N LYS H 153 4.33 -25.10 8.73
CA LYS H 153 5.58 -25.59 9.29
C LYS H 153 6.06 -24.75 10.46
N PHE H 154 5.88 -23.43 10.35
CA PHE H 154 6.26 -22.48 11.39
C PHE H 154 5.08 -22.17 12.33
N ALA H 155 4.11 -23.07 12.42
CA ALA H 155 2.97 -22.90 13.32
C ALA H 155 3.39 -22.81 14.79
N ASP H 156 4.50 -23.47 15.13
CA ASP H 156 5.07 -23.39 16.48
C ASP H 156 5.71 -22.03 16.76
N GLN H 157 5.25 -21.00 16.06
CA GLN H 157 5.74 -19.64 16.24
C GLN H 157 4.58 -18.75 16.68
N PRO H 158 4.59 -18.33 17.96
CA PRO H 158 3.53 -17.55 18.60
C PRO H 158 3.24 -16.21 17.92
N ASN H 159 4.29 -15.50 17.53
CA ASN H 159 4.13 -14.18 16.90
C ASN H 159 3.75 -14.32 15.42
N ALA H 160 2.52 -13.89 15.10
CA ALA H 160 1.97 -14.04 13.76
C ALA H 160 2.72 -13.24 12.69
N ILE H 161 3.17 -12.04 13.05
CA ILE H 161 3.97 -11.19 12.17
C ILE H 161 5.31 -11.84 11.78
N LEU H 162 6.01 -12.42 12.76
CA LEU H 162 7.27 -13.12 12.50
C LEU H 162 7.04 -14.41 11.70
N ARG H 163 5.95 -15.10 12.02
CA ARG H 163 5.59 -16.36 11.39
C ARG H 163 5.37 -16.19 9.89
N ARG H 164 4.65 -15.13 9.51
CA ARG H 164 4.39 -14.80 8.11
C ARG H 164 5.66 -14.38 7.38
N LYS H 165 6.51 -13.63 8.07
CA LYS H 165 7.78 -13.18 7.51
C LYS H 165 8.71 -14.35 7.19
N GLN H 166 8.86 -15.26 8.14
CA GLN H 166 9.65 -16.48 7.95
C GLN H 166 9.16 -17.29 6.75
N ALA H 167 7.84 -17.42 6.61
CA ALA H 167 7.27 -18.10 5.47
C ALA H 167 7.55 -17.32 4.17
N ARG H 168 7.24 -16.03 4.16
CA ARG H 168 7.42 -15.19 3.00
C ARG H 168 8.86 -15.18 2.47
N GLN H 169 9.82 -15.03 3.37
CA GLN H 169 11.23 -14.93 2.96
C GLN H 169 11.75 -16.22 2.31
N ALA H 170 11.17 -17.36 2.70
CA ALA H 170 11.50 -18.64 2.10
C ALA H 170 10.74 -18.87 0.79
N ALA H 171 9.45 -18.54 0.77
CA ALA H 171 8.60 -18.71 -0.42
C ALA H 171 9.03 -17.86 -1.62
N ARG H 172 9.56 -16.66 -1.36
CA ARG H 172 10.07 -15.73 -2.38
C ARG H 172 11.18 -16.41 -3.21
N ALA H 173 11.69 -17.55 -2.72
CA ALA H 173 12.73 -18.32 -3.43
C ALA H 173 12.41 -18.58 -4.90
N VAL H 174 11.13 -18.82 -5.20
CA VAL H 174 10.70 -19.18 -6.57
C VAL H 174 10.32 -17.99 -7.44
N PRO H 176 10.71 -14.99 -9.90
CA PRO H 176 11.68 -14.74 -10.97
C PRO H 176 12.35 -13.36 -10.93
N ASN H 177 13.49 -13.24 -11.60
CA ASN H 177 14.18 -11.98 -11.83
C ASN H 177 13.24 -10.88 -12.36
N ALA H 178 12.28 -11.27 -13.18
CA ALA H 178 11.35 -10.35 -13.82
C ALA H 178 10.29 -9.70 -12.89
N THR H 179 10.16 -10.21 -11.66
CA THR H 179 9.21 -9.67 -10.68
C THR H 179 9.38 -8.15 -10.55
N GLU H 180 8.26 -7.43 -10.63
CA GLU H 180 8.32 -5.97 -10.46
C GLU H 180 8.84 -5.61 -9.07
N THR H 181 9.69 -4.59 -9.00
CA THR H 181 10.00 -4.00 -7.69
C THR H 181 9.80 -2.48 -7.78
N ARG H 182 9.88 -1.78 -6.65
CA ARG H 182 9.64 -0.34 -6.59
C ARG H 182 10.68 0.25 -5.66
N ILE H 183 11.21 1.41 -5.99
CA ILE H 183 12.39 1.89 -5.27
C ILE H 183 12.51 3.42 -5.27
N VAL H 184 12.90 3.97 -4.13
CA VAL H 184 13.22 5.40 -4.04
C VAL H 184 14.72 5.51 -4.18
N VAL H 185 15.18 6.31 -5.13
CA VAL H 185 16.61 6.50 -5.34
C VAL H 185 16.94 7.99 -5.16
N THR H 186 17.91 8.25 -4.30
CA THR H 186 18.38 9.61 -4.05
C THR H 186 19.85 9.72 -4.35
N GLY H 187 20.22 10.75 -5.11
CA GLY H 187 21.63 11.02 -5.35
C GLY H 187 21.89 12.49 -5.65
N ASN H 188 23.14 12.90 -5.43
CA ASN H 188 23.57 14.24 -5.82
C ASN H 188 23.90 14.29 -7.31
N TYR H 189 24.17 15.47 -7.86
CA TYR H 189 24.34 15.61 -9.31
C TYR H 189 25.54 14.84 -9.83
N ARG H 190 26.59 14.73 -9.03
CA ARG H 190 27.80 14.02 -9.46
C ARG H 190 27.50 12.54 -9.60
N ALA H 191 26.77 12.01 -8.62
CA ALA H 191 26.37 10.62 -8.61
C ALA H 191 25.46 10.31 -9.79
N TRP H 192 24.49 11.18 -10.06
CA TRP H 192 23.60 11.01 -11.21
C TRP H 192 24.36 11.03 -12.53
N ARG H 193 25.30 11.95 -12.69
CA ARG H 193 26.14 11.99 -13.88
C ARG H 193 26.89 10.67 -14.12
N HIS H 194 27.53 10.15 -13.07
CA HIS H 194 28.25 8.88 -13.18
C HIS H 194 27.33 7.71 -13.55
N PHE H 195 26.16 7.68 -12.92
CA PHE H 195 25.17 6.63 -13.20
C PHE H 195 24.76 6.68 -14.67
N ILE H 196 24.42 7.87 -15.15
CA ILE H 196 24.06 8.08 -16.54
C ILE H 196 25.21 7.63 -17.46
N ALA H 197 26.43 8.08 -17.18
CA ALA H 197 27.57 7.70 -18.01
C ALA H 197 27.76 6.17 -18.12
N ARG H 199 25.50 3.70 -17.31
CA ARG H 199 24.32 2.87 -17.58
C ARG H 199 23.56 3.20 -18.85
N ALA H 200 23.74 4.40 -19.38
CA ALA H 200 23.09 4.76 -20.63
C ALA H 200 24.07 4.55 -21.78
N SER H 201 24.81 3.45 -21.73
CA SER H 201 25.81 3.17 -22.75
C SER H 201 25.46 1.85 -23.43
N GLU H 202 26.09 1.58 -24.56
CA GLU H 202 25.83 0.36 -25.33
C GLU H 202 26.23 -0.91 -24.57
N HIS H 203 27.12 -0.76 -23.59
CA HIS H 203 27.60 -1.91 -22.83
C HIS H 203 26.59 -2.39 -21.78
N ALA H 204 25.66 -1.50 -21.42
CA ALA H 204 24.72 -1.79 -20.36
C ALA H 204 23.52 -2.61 -20.83
N ASP H 205 22.94 -3.37 -19.90
CA ASP H 205 21.70 -4.09 -20.16
C ASP H 205 20.64 -3.08 -20.63
N VAL H 206 19.80 -3.49 -21.57
CA VAL H 206 18.79 -2.57 -22.15
C VAL H 206 17.76 -2.06 -21.13
N GLU H 207 17.42 -2.89 -20.14
CA GLU H 207 16.49 -2.43 -19.11
C GLU H 207 17.06 -1.24 -18.30
N ILE H 208 18.26 -1.39 -17.74
CA ILE H 208 18.85 -0.28 -16.98
C ILE H 208 19.25 0.91 -17.88
N ARG H 209 19.59 0.63 -19.14
CA ARG H 209 19.84 1.68 -20.13
C ARG H 209 18.59 2.57 -20.28
N ARG H 210 17.44 1.94 -20.44
CA ARG H 210 16.17 2.65 -20.59
C ARG H 210 15.88 3.53 -19.37
N LEU H 211 16.14 2.98 -18.18
CA LEU H 211 15.99 3.71 -16.93
C LEU H 211 16.90 4.94 -16.89
N ALA H 212 18.18 4.73 -17.17
CA ALA H 212 19.20 5.79 -17.18
C ALA H 212 18.79 6.96 -18.09
N ILE H 213 18.39 6.64 -19.33
CA ILE H 213 17.94 7.64 -20.28
C ILE H 213 16.76 8.45 -19.75
N GLU H 214 15.78 7.78 -19.16
CA GLU H 214 14.61 8.44 -18.60
C GLU H 214 14.99 9.36 -17.43
N CYS H 215 15.85 8.88 -16.52
CA CYS H 215 16.39 9.71 -15.43
C CYS H 215 17.09 10.94 -15.99
N LEU H 216 17.94 10.74 -17.01
CA LEU H 216 18.63 11.85 -17.68
C LEU H 216 17.66 12.90 -18.25
N ARG H 217 16.61 12.45 -18.92
CA ARG H 217 15.62 13.39 -19.46
C ARG H 217 14.99 14.25 -18.37
N GLN H 218 14.71 13.65 -17.21
CA GLN H 218 14.12 14.41 -16.11
C GLN H 218 15.12 15.32 -15.42
N LEU H 219 16.34 14.84 -15.24
CA LEU H 219 17.40 15.65 -14.66
C LEU H 219 17.76 16.84 -15.56
N ALA H 220 17.79 16.62 -16.87
CA ALA H 220 18.06 17.69 -17.83
C ALA H 220 17.00 18.80 -17.80
N ALA H 221 15.75 18.44 -17.49
CA ALA H 221 14.67 19.40 -17.41
C ALA H 221 14.81 20.23 -16.15
N VAL H 222 15.34 19.60 -15.09
CA VAL H 222 15.54 20.21 -13.78
C VAL H 222 16.79 21.10 -13.72
N ALA H 223 17.92 20.57 -14.20
CA ALA H 223 19.17 21.31 -14.23
C ALA H 223 19.81 21.20 -15.61
N PRO H 224 19.32 22.00 -16.58
CA PRO H 224 19.81 21.93 -17.96
C PRO H 224 21.33 22.05 -18.10
N ALA H 225 21.95 22.99 -17.40
CA ALA H 225 23.40 23.23 -17.50
C ALA H 225 24.26 22.03 -17.07
N VAL H 226 23.82 21.32 -16.03
CA VAL H 226 24.57 20.20 -15.47
C VAL H 226 24.53 18.95 -16.35
N PHE H 227 23.42 18.75 -17.07
CA PHE H 227 23.22 17.50 -17.81
C PHE H 227 23.19 17.66 -19.35
N ALA H 228 23.28 18.91 -19.83
CA ALA H 228 23.23 19.27 -21.26
C ALA H 228 24.27 18.62 -22.16
N ASP H 229 25.45 18.33 -21.62
CA ASP H 229 26.50 17.68 -22.40
C ASP H 229 26.18 16.24 -22.81
N PHE H 230 25.23 15.61 -22.14
CA PHE H 230 24.78 14.27 -22.55
C PHE H 230 23.94 14.37 -23.81
N GLU H 231 24.44 13.78 -24.90
CA GLU H 231 23.71 13.72 -26.15
C GLU H 231 23.09 12.33 -26.30
N VAL H 232 21.79 12.30 -26.57
CA VAL H 232 21.08 11.03 -26.77
C VAL H 232 21.07 10.68 -28.26
N THR H 233 21.52 9.47 -28.58
CA THR H 233 21.43 8.94 -29.95
C THR H 233 20.67 7.61 -29.94
N THR H 234 19.95 7.32 -31.03
CA THR H 234 19.22 6.06 -31.14
C THR H 234 20.06 5.05 -31.91
N LEU H 235 20.19 3.85 -31.36
CA LEU H 235 20.96 2.77 -31.98
C LEU H 235 20.16 2.06 -33.09
N ALA H 236 20.85 1.19 -33.81
CA ALA H 236 20.26 0.42 -34.90
C ALA H 236 19.05 -0.41 -34.46
N ASP H 237 19.01 -0.80 -33.19
CA ASP H 237 17.89 -1.59 -32.67
C ASP H 237 16.75 -0.75 -32.08
N GLY H 238 16.86 0.57 -32.21
CA GLY H 238 15.82 1.47 -31.70
C GLY H 238 16.02 1.89 -30.26
N THR H 239 17.00 1.27 -29.60
CA THR H 239 17.37 1.58 -28.22
C THR H 239 18.15 2.90 -28.19
N GLU H 240 18.05 3.64 -27.08
CA GLU H 240 18.80 4.88 -26.95
C GLU H 240 20.03 4.77 -26.05
N VAL H 241 21.07 5.52 -26.40
CA VAL H 241 22.29 5.62 -25.62
C VAL H 241 22.56 7.10 -25.41
N ALA H 242 23.31 7.43 -24.36
CA ALA H 242 23.73 8.81 -24.11
C ALA H 242 25.24 8.84 -23.94
N THR H 243 25.86 9.84 -24.55
CA THR H 243 27.31 10.04 -24.45
C THR H 243 27.61 11.50 -24.11
N SER H 244 28.73 11.70 -23.42
CA SER H 244 29.24 13.04 -23.12
C SER H 244 30.75 13.10 -23.27
N PRO H 245 31.26 14.19 -23.89
CA PRO H 245 32.69 14.55 -23.89
C PRO H 245 33.34 14.45 -22.50
#